data_9NR7
#
_entry.id   9NR7
#
_cell.length_a   1.00
_cell.length_b   1.00
_cell.length_c   1.00
_cell.angle_alpha   90.00
_cell.angle_beta   90.00
_cell.angle_gamma   90.00
#
_symmetry.space_group_name_H-M   'P 1'
#
loop_
_entity.id
_entity.type
_entity.pdbx_description
1 polymer 'Glutamate receptor 1'
2 polymer 'Isoform 2 of Glutamate receptor 4'
3 polymer "Auxiliary protein at A'/C'"
4 polymer 'Voltage-dependent calcium channel gamma-2 subunit'
5 non-polymer '{[7-morpholin-4-yl-2,3-dioxo-6-(trifluoromethyl)-3,4-dihydroquinoxalin-1(2H)-yl]methyl}phosphonic acid'
#
loop_
_entity_poly.entity_id
_entity_poly.type
_entity_poly.pdbx_seq_one_letter_code
_entity_poly.pdbx_strand_id
1 'polypeptide(L)'
;RTYIVTTILEDPYVMLKKNANQFEGNDRYEGYCVELAAEIAKHVGYSYRLEIVSDGKYGARDPDTKAWNGMVGELVYGRA
DVAVAPLTITLVREEVIDFSKPFMSLGISIMIKKPQKSKPGVFSFLDPLAYEIWMCIVFAYIGVSVVLFLVSRFSPYEWH
SEEFEEGRDQTTSDQSNEFGIFNSLWFSLGAFMQQGCDISPRSLSGRIVGGVWWFFTLIIISSYTANLAAFLTVERMVSP
IESAEDLAKQTEIAYGTLEAGSTKEFFRRSKIAVFEKMWTYMKSAEPSVFVRTTEEGMIRVRKSKGKYAYLLESTMNEYI
EQRKPCDTMKVGGNLDSKGYGIATPKGSALRNPVNLAVLKLNEQGLLDKLKNKWWYDKGECGSGGGDSKDKTSALSLSNV
AGVFYILIGGLGLAMLVALIEFCYKSR
;
A,C
2 'polypeptide(L)'
;VVVTTIMESPYVMYKKNHEMFEGNDKYEGYCVDLASEIAKHIGIKYKIAIVPDGKYGARDADTKIWNGMVGELVYGKAEI
AIAPLTITLVREEVIDFSKPFMSLGISIMIKKPQKSKPGVFSFLDPLAYEIWMCIVFAYIGVSVVLFLVSRFSPYEWHTE
EPEDGKEGPSDQPPNEFGIFNSLWFSLGAFMQQGCDISPRSLSGRIVGGVWWFFTLIIISSYTANLAAFLTVERMVSPIE
SAEDLAKQTEIAYGTLDSGSTKEFFRRSKIAVYEKMWTYMRSAEPSVFTRTTAEGVARVRKSKGKFAFLLESTMNEYTEQ
RKPCDTMKVGGNLDSKGYGVATPKGSSLRTPVNLAVLKLSEAGVLDKLKNKWWYDKGECGPKDSGSKDKTSALSLSNVAG
VFYILVGGLGLAMLVALIEFCYKS
;
B,D
3 'polypeptide(L)'
;(UNK)(UNK)(UNK)(UNK)(UNK)(UNK)(UNK)(UNK)(UNK)(UNK)(UNK)(UNK)(UNK)(UNK)(UNK)(UNK)
(UNK)(UNK)(UNK)(UNK)(UNK)(UNK)(UNK)(UNK)(UNK)(UNK)(UNK)(UNK)(UNK)(UNK)(UNK)(UNK)
(UNK)(UNK)(UNK)(UNK)(UNK)(UNK)(UNK)(UNK)(UNK)(UNK)(UNK)(UNK)(UNK)(UNK)(UNK)(UNK)
(UNK)(UNK)(UNK)(UNK)(UNK)(UNK)(UNK)(UNK)(UNK)(UNK)(UNK)(UNK)(UNK)(UNK)(UNK)(UNK)
(UNK)(UNK)(UNK)(UNK)(UNK)(UNK)(UNK)(UNK)(UNK)(UNK)(UNK)(UNK)(UNK)(UNK)(UNK)(UNK)
(UNK)(UNK)(UNK)(UNK)(UNK)(UNK)(UNK)(UNK)(UNK)(UNK)(UNK)(UNK)(UNK)(UNK)(UNK)(UNK)
(UNK)(UNK)(UNK)(UNK)(UNK)(UNK)(UNK)(UNK)(UNK)(UNK)(UNK)(UNK)(UNK)(UNK)(UNK)(UNK)
(UNK)(UNK)(UNK)(UNK)(UNK)
;
E,G
4 'polypeptide(L)'
;DRGVQMLLTTVGAFAAFSLMTIAVGTDYWLYSRGVCKTKSVSENETSKKNEEVMTHSGLWRTCCLEGNFKGLCKQIDHFP
EDADYEADTAEYFLRAVRASSIFPILSVILLFMGGLCIAASEFYKTRHNIILSAGIFFVSAGLSNIIGIIVYISANAGDP
SKSDSKKNSYSYGWSFYFGALSFIIAEMVGVLAVHMFIDRHKQL
;
F,H
#
# COMPACT_ATOMS: atom_id res chain seq x y z
N ARG A 1 -46.50 -14.42 -53.87
CA ARG A 1 -47.37 -14.56 -52.72
C ARG A 1 -46.80 -13.81 -51.51
N THR A 2 -47.69 -13.39 -50.61
CA THR A 2 -47.25 -12.69 -49.41
C THR A 2 -46.63 -13.67 -48.43
N TYR A 3 -45.42 -13.34 -47.96
CA TYR A 3 -44.69 -14.17 -47.01
C TYR A 3 -44.76 -13.55 -45.64
N ILE A 4 -45.11 -14.37 -44.64
CA ILE A 4 -45.18 -13.92 -43.25
C ILE A 4 -43.90 -14.31 -42.54
N VAL A 5 -43.42 -13.44 -41.67
CA VAL A 5 -42.21 -13.68 -40.90
C VAL A 5 -42.57 -13.64 -39.42
N THR A 6 -42.07 -14.62 -38.67
CA THR A 6 -42.32 -14.67 -37.24
C THR A 6 -41.35 -13.74 -36.51
N THR A 7 -41.91 -12.80 -35.75
CA THR A 7 -41.15 -11.78 -35.04
C THR A 7 -41.56 -11.77 -33.58
N ILE A 8 -40.58 -11.76 -32.69
CA ILE A 8 -40.82 -11.70 -31.25
C ILE A 8 -40.07 -10.50 -30.69
N LEU A 9 -40.76 -9.71 -29.86
CA LEU A 9 -40.21 -8.48 -29.32
C LEU A 9 -39.75 -8.69 -27.88
N GLU A 10 -38.48 -8.39 -27.62
CA GLU A 10 -38.04 -8.09 -26.26
C GLU A 10 -37.49 -6.68 -26.13
N ASP A 11 -36.38 -6.37 -26.82
CA ASP A 11 -35.69 -5.08 -26.90
C ASP A 11 -34.70 -5.11 -28.06
N PRO A 12 -34.72 -4.11 -28.96
CA PRO A 12 -35.76 -3.12 -29.22
C PRO A 12 -36.41 -3.40 -30.57
N TYR A 13 -36.70 -4.68 -30.83
CA TYR A 13 -36.93 -5.14 -32.20
C TYR A 13 -38.31 -4.76 -32.72
N VAL A 14 -39.37 -5.26 -32.09
CA VAL A 14 -40.71 -5.19 -32.68
C VAL A 14 -41.52 -4.30 -31.74
N MET A 15 -40.86 -3.30 -31.15
CA MET A 15 -41.55 -2.37 -30.27
C MET A 15 -42.61 -1.60 -31.04
N LEU A 16 -43.81 -1.52 -30.45
CA LEU A 16 -44.93 -0.85 -31.10
C LEU A 16 -44.73 0.66 -31.09
N LYS A 17 -45.40 1.34 -32.01
CA LYS A 17 -45.31 2.78 -32.11
C LYS A 17 -45.98 3.45 -30.90
N LYS A 18 -45.54 4.67 -30.59
CA LYS A 18 -46.08 5.41 -29.46
C LYS A 18 -47.50 5.90 -29.70
N ASN A 19 -48.00 5.83 -30.93
CA ASN A 19 -49.35 6.27 -31.26
C ASN A 19 -50.36 5.14 -31.16
N ALA A 20 -50.09 4.12 -30.33
CA ALA A 20 -50.96 2.96 -30.10
C ALA A 20 -51.13 2.24 -31.44
N ASN A 21 -52.35 1.91 -31.86
CA ASN A 21 -52.60 1.15 -33.07
C ASN A 21 -53.46 1.93 -34.06
N GLN A 22 -53.13 3.21 -34.27
CA GLN A 22 -53.86 4.04 -35.22
C GLN A 22 -53.38 3.86 -36.65
N PHE A 23 -52.30 3.12 -36.87
CA PHE A 23 -51.75 2.94 -38.20
C PHE A 23 -52.43 1.78 -38.92
N GLU A 24 -51.88 1.36 -40.05
CA GLU A 24 -52.48 0.34 -40.89
C GLU A 24 -52.09 -1.08 -40.51
N GLY A 25 -51.21 -1.26 -39.52
CA GLY A 25 -50.84 -2.60 -39.11
C GLY A 25 -49.35 -2.89 -39.19
N ASN A 26 -48.98 -3.76 -40.14
CA ASN A 26 -47.59 -4.21 -40.25
C ASN A 26 -46.63 -3.08 -40.61
N ASP A 27 -47.12 -2.00 -41.22
CA ASP A 27 -46.26 -0.87 -41.56
C ASP A 27 -45.82 -0.09 -40.33
N ARG A 28 -46.48 -0.29 -39.18
CA ARG A 28 -46.11 0.39 -37.95
C ARG A 28 -45.14 -0.46 -37.13
N TYR A 29 -44.02 -0.78 -37.75
CA TYR A 29 -42.96 -1.55 -37.11
C TYR A 29 -41.64 -0.84 -37.34
N GLU A 30 -40.97 -0.46 -36.26
CA GLU A 30 -39.69 0.22 -36.33
C GLU A 30 -38.69 -0.51 -35.45
N GLY A 31 -37.52 -0.77 -35.98
CA GLY A 31 -36.49 -1.47 -35.23
C GLY A 31 -35.44 -2.05 -36.16
N TYR A 32 -34.43 -2.68 -35.52
CA TYR A 32 -33.36 -3.32 -36.26
C TYR A 32 -33.88 -4.48 -37.10
N CYS A 33 -34.74 -5.32 -36.52
CA CYS A 33 -35.18 -6.53 -37.20
C CYS A 33 -36.05 -6.20 -38.41
N VAL A 34 -36.99 -5.26 -38.26
CA VAL A 34 -37.90 -4.96 -39.35
C VAL A 34 -37.18 -4.21 -40.47
N GLU A 35 -36.20 -3.37 -40.12
CA GLU A 35 -35.39 -2.72 -41.15
C GLU A 35 -34.54 -3.74 -41.91
N LEU A 36 -33.95 -4.70 -41.19
CA LEU A 36 -33.22 -5.77 -41.85
C LEU A 36 -34.14 -6.61 -42.73
N ALA A 37 -35.37 -6.85 -42.27
CA ALA A 37 -36.34 -7.60 -43.05
C ALA A 37 -36.73 -6.86 -44.32
N ALA A 38 -36.94 -5.54 -44.23
CA ALA A 38 -37.25 -4.75 -45.41
C ALA A 38 -36.09 -4.76 -46.40
N GLU A 39 -34.86 -4.64 -45.89
CA GLU A 39 -33.69 -4.67 -46.77
C GLU A 39 -33.53 -6.04 -47.43
N ILE A 40 -33.71 -7.12 -46.67
CA ILE A 40 -33.53 -8.46 -47.21
C ILE A 40 -34.67 -8.82 -48.15
N ALA A 41 -35.84 -8.20 -47.99
CA ALA A 41 -36.92 -8.39 -48.96
C ALA A 41 -36.67 -7.59 -50.23
N LYS A 42 -36.10 -6.39 -50.10
CA LYS A 42 -35.80 -5.58 -51.27
C LYS A 42 -34.59 -6.10 -52.04
N HIS A 43 -33.72 -6.89 -51.40
CA HIS A 43 -32.52 -7.39 -52.08
C HIS A 43 -32.87 -8.39 -53.16
N VAL A 44 -33.71 -9.37 -52.85
CA VAL A 44 -34.03 -10.45 -53.77
C VAL A 44 -35.47 -10.37 -54.27
N GLY A 45 -36.40 -9.97 -53.41
CA GLY A 45 -37.78 -9.75 -53.83
C GLY A 45 -38.79 -10.73 -53.28
N TYR A 46 -39.47 -10.34 -52.20
CA TYR A 46 -40.63 -11.03 -51.64
C TYR A 46 -41.29 -10.08 -50.65
N SER A 47 -42.27 -10.59 -49.91
CA SER A 47 -43.02 -9.78 -48.95
C SER A 47 -42.46 -9.96 -47.54
N TYR A 48 -42.36 -8.85 -46.82
CA TYR A 48 -41.77 -8.82 -45.48
C TYR A 48 -42.81 -8.57 -44.40
N ARG A 49 -44.07 -8.95 -44.65
CA ARG A 49 -45.13 -8.74 -43.67
C ARG A 49 -44.91 -9.59 -42.42
N LEU A 50 -45.12 -8.98 -41.26
CA LEU A 50 -44.85 -9.64 -40.00
C LEU A 50 -45.98 -10.60 -39.63
N GLU A 51 -45.71 -11.44 -38.64
CA GLU A 51 -46.69 -12.40 -38.13
C GLU A 51 -46.66 -12.38 -36.60
N ILE A 52 -47.77 -12.80 -36.02
CA ILE A 52 -47.93 -12.83 -34.57
C ILE A 52 -47.47 -14.19 -34.06
N VAL A 53 -46.56 -14.18 -33.08
CA VAL A 53 -46.08 -15.42 -32.49
C VAL A 53 -47.19 -16.07 -31.67
N SER A 54 -47.35 -17.39 -31.85
CA SER A 54 -48.48 -18.09 -31.23
C SER A 54 -48.29 -18.23 -29.72
N ASP A 55 -47.09 -18.61 -29.28
CA ASP A 55 -46.85 -18.87 -27.86
C ASP A 55 -46.15 -17.73 -27.15
N GLY A 56 -45.45 -16.86 -27.87
CA GLY A 56 -44.73 -15.76 -27.25
C GLY A 56 -43.37 -16.12 -26.70
N LYS A 57 -42.90 -17.34 -26.92
CA LYS A 57 -41.60 -17.79 -26.46
C LYS A 57 -40.70 -18.10 -27.64
N TYR A 58 -39.50 -18.60 -27.35
CA TYR A 58 -38.53 -18.97 -28.36
C TYR A 58 -38.58 -20.44 -28.75
N GLY A 59 -38.95 -21.31 -27.83
CA GLY A 59 -39.03 -22.72 -28.09
C GLY A 59 -37.93 -23.49 -27.38
N ALA A 60 -38.25 -24.72 -26.99
CA ALA A 60 -37.30 -25.59 -26.30
C ALA A 60 -37.39 -26.98 -26.88
N ARG A 61 -36.49 -27.87 -26.42
CA ARG A 61 -36.45 -29.23 -26.92
C ARG A 61 -37.74 -29.98 -26.59
N ASP A 62 -38.29 -29.76 -25.40
CA ASP A 62 -39.53 -30.35 -24.91
C ASP A 62 -39.52 -31.86 -25.02
N PRO A 63 -38.78 -32.56 -24.15
CA PRO A 63 -38.76 -34.03 -24.22
C PRO A 63 -40.11 -34.67 -23.95
N ASP A 64 -41.01 -33.99 -23.25
CA ASP A 64 -42.36 -34.49 -23.02
C ASP A 64 -43.20 -34.28 -24.28
N THR A 65 -43.72 -35.37 -24.84
CA THR A 65 -44.55 -35.42 -26.04
C THR A 65 -43.87 -34.82 -27.27
N LYS A 66 -42.54 -34.68 -27.23
CA LYS A 66 -41.71 -34.20 -28.34
C LYS A 66 -42.19 -32.82 -28.77
N ALA A 67 -42.58 -32.62 -30.04
CA ALA A 67 -43.12 -31.37 -30.57
C ALA A 67 -42.13 -30.20 -30.47
N TRP A 68 -42.58 -29.02 -30.87
CA TRP A 68 -41.74 -27.83 -30.83
C TRP A 68 -42.65 -26.61 -30.69
N ASN A 69 -42.04 -25.50 -30.27
CA ASN A 69 -42.78 -24.25 -30.07
C ASN A 69 -41.88 -23.08 -30.42
N GLY A 70 -42.41 -21.87 -30.24
CA GLY A 70 -41.65 -20.68 -30.54
C GLY A 70 -41.56 -20.39 -32.03
N MET A 71 -40.60 -19.54 -32.37
CA MET A 71 -40.38 -19.18 -33.77
C MET A 71 -39.94 -20.38 -34.59
N VAL A 72 -39.00 -21.16 -34.06
CA VAL A 72 -38.53 -22.37 -34.76
C VAL A 72 -39.64 -23.42 -34.81
N GLY A 73 -40.47 -23.49 -33.76
CA GLY A 73 -41.58 -24.43 -33.78
C GLY A 73 -42.63 -24.07 -34.81
N GLU A 74 -42.89 -22.77 -34.99
CA GLU A 74 -43.78 -22.34 -36.06
C GLU A 74 -43.16 -22.56 -37.42
N LEU A 75 -41.84 -22.39 -37.54
CA LEU A 75 -41.16 -22.60 -38.82
C LEU A 75 -41.22 -24.07 -39.24
N VAL A 76 -40.95 -24.99 -38.32
CA VAL A 76 -40.92 -26.40 -38.69
C VAL A 76 -42.32 -26.93 -38.98
N TYR A 77 -43.33 -26.42 -38.29
CA TYR A 77 -44.71 -26.91 -38.46
C TYR A 77 -45.49 -26.08 -39.48
N GLY A 78 -44.90 -25.89 -40.66
CA GLY A 78 -45.59 -25.25 -41.77
C GLY A 78 -45.93 -23.79 -41.60
N ARG A 79 -46.45 -23.18 -42.67
CA ARG A 79 -46.96 -21.80 -42.67
C ARG A 79 -45.90 -20.78 -42.27
N ALA A 80 -44.64 -21.07 -42.57
CA ALA A 80 -43.54 -20.15 -42.28
C ALA A 80 -42.36 -20.52 -43.18
N ASP A 81 -41.71 -19.50 -43.74
CA ASP A 81 -40.57 -19.74 -44.62
C ASP A 81 -39.37 -18.88 -44.26
N VAL A 82 -39.61 -17.72 -43.66
CA VAL A 82 -38.54 -16.79 -43.29
C VAL A 82 -38.74 -16.38 -41.84
N ALA A 83 -37.70 -16.51 -41.03
CA ALA A 83 -37.68 -16.03 -39.65
C ALA A 83 -36.63 -14.94 -39.54
N VAL A 84 -37.05 -13.76 -39.06
CA VAL A 84 -36.19 -12.59 -39.03
C VAL A 84 -35.73 -12.33 -37.59
N ALA A 85 -36.59 -12.65 -36.63
CA ALA A 85 -36.30 -12.37 -35.23
C ALA A 85 -35.07 -13.16 -34.77
N PRO A 86 -34.14 -12.53 -34.05
CA PRO A 86 -32.91 -13.21 -33.67
C PRO A 86 -33.15 -14.31 -32.65
N LEU A 87 -32.29 -15.33 -32.70
CA LEU A 87 -32.35 -16.45 -31.78
C LEU A 87 -30.96 -17.05 -31.66
N THR A 88 -30.66 -17.58 -30.47
CA THR A 88 -29.32 -18.10 -30.20
C THR A 88 -29.10 -19.44 -30.91
N ILE A 89 -27.84 -19.83 -31.00
CA ILE A 89 -27.45 -21.07 -31.66
C ILE A 89 -27.38 -22.17 -30.61
N THR A 90 -28.16 -23.23 -30.82
CA THR A 90 -28.28 -24.32 -29.86
C THR A 90 -28.35 -25.63 -30.63
N LEU A 91 -27.88 -26.72 -30.01
CA LEU A 91 -27.79 -28.01 -30.69
C LEU A 91 -29.16 -28.54 -31.10
N VAL A 92 -30.17 -28.37 -30.24
CA VAL A 92 -31.50 -28.84 -30.59
C VAL A 92 -32.09 -28.03 -31.74
N ARG A 93 -31.68 -26.76 -31.86
CA ARG A 93 -32.09 -25.97 -33.02
C ARG A 93 -31.42 -26.46 -34.29
N GLU A 94 -30.17 -26.88 -34.20
CA GLU A 94 -29.42 -27.33 -35.38
C GLU A 94 -29.84 -28.73 -35.82
N GLU A 95 -30.24 -29.59 -34.89
CA GLU A 95 -30.61 -30.96 -35.25
C GLU A 95 -31.90 -31.04 -36.04
N VAL A 96 -32.69 -29.97 -36.08
CA VAL A 96 -33.94 -29.93 -36.83
C VAL A 96 -33.80 -29.07 -38.09
N ILE A 97 -33.45 -27.80 -37.94
CA ILE A 97 -33.27 -26.90 -39.06
C ILE A 97 -31.83 -26.39 -39.08
N ASP A 98 -31.51 -25.54 -40.05
CA ASP A 98 -30.18 -24.97 -40.19
C ASP A 98 -30.26 -23.46 -40.28
N PHE A 99 -29.22 -22.80 -39.76
CA PHE A 99 -29.12 -21.35 -39.83
C PHE A 99 -28.34 -20.93 -41.07
N SER A 100 -28.32 -19.63 -41.33
CA SER A 100 -27.55 -19.10 -42.44
C SER A 100 -26.17 -18.63 -41.98
N LYS A 101 -26.14 -17.64 -41.09
CA LYS A 101 -24.91 -17.04 -40.57
C LYS A 101 -25.25 -16.10 -39.43
N PRO A 102 -24.43 -16.03 -38.37
CA PRO A 102 -24.64 -15.00 -37.35
C PRO A 102 -24.35 -13.61 -37.88
N PHE A 103 -25.40 -12.78 -38.02
CA PHE A 103 -25.22 -11.46 -38.62
C PHE A 103 -24.39 -10.54 -37.76
N MET A 104 -24.47 -10.68 -36.43
CA MET A 104 -23.57 -9.97 -35.54
C MET A 104 -23.35 -10.81 -34.28
N SER A 105 -22.13 -10.78 -33.77
CA SER A 105 -21.74 -11.66 -32.68
C SER A 105 -22.15 -11.07 -31.32
N LEU A 106 -22.00 -11.88 -30.29
CA LEU A 106 -22.28 -11.45 -28.92
C LEU A 106 -21.51 -12.34 -27.96
N GLY A 107 -21.80 -12.19 -26.68
CA GLY A 107 -21.20 -13.03 -25.66
C GLY A 107 -21.68 -12.59 -24.29
N ILE A 108 -21.62 -13.51 -23.35
CA ILE A 108 -22.01 -13.21 -21.98
C ILE A 108 -20.96 -12.29 -21.35
N SER A 109 -21.42 -11.21 -20.73
CA SER A 109 -20.54 -10.18 -20.23
C SER A 109 -20.94 -9.79 -18.81
N ILE A 110 -19.95 -9.34 -18.04
CA ILE A 110 -20.18 -8.92 -16.66
C ILE A 110 -20.78 -7.52 -16.68
N MET A 111 -21.66 -7.24 -15.72
CA MET A 111 -22.36 -5.97 -15.64
C MET A 111 -22.20 -5.38 -14.24
N ILE A 112 -21.79 -4.11 -14.18
CA ILE A 112 -21.62 -3.41 -12.91
C ILE A 112 -22.26 -2.03 -13.03
N LYS A 113 -22.60 -1.46 -11.88
CA LYS A 113 -23.14 -0.12 -11.84
C LYS A 113 -22.03 0.90 -12.10
N LYS A 114 -22.41 2.04 -12.64
CA LYS A 114 -21.45 3.09 -12.93
C LYS A 114 -20.96 3.71 -11.62
N PRO A 115 -19.65 3.74 -11.37
CA PRO A 115 -19.16 4.34 -10.11
C PRO A 115 -19.30 5.85 -10.10
N GLN A 116 -20.25 6.35 -9.32
CA GLN A 116 -20.52 7.78 -9.20
C GLN A 116 -20.27 8.22 -7.77
N LYS A 117 -19.44 9.24 -7.60
CA LYS A 117 -19.15 9.79 -6.29
C LYS A 117 -18.85 11.27 -6.43
N SER A 118 -19.12 12.03 -5.37
CA SER A 118 -18.90 13.47 -5.36
C SER A 118 -18.08 13.83 -4.14
N LYS A 119 -16.99 14.57 -4.36
CA LYS A 119 -16.17 15.03 -3.23
C LYS A 119 -16.91 16.13 -2.47
N PRO A 120 -16.82 16.15 -1.15
CA PRO A 120 -17.52 17.16 -0.35
C PRO A 120 -16.71 18.45 -0.28
N GLY A 121 -17.29 19.44 0.42
CA GLY A 121 -16.66 20.74 0.57
C GLY A 121 -15.99 20.92 1.92
N VAL A 122 -16.68 21.60 2.83
CA VAL A 122 -16.14 21.81 4.17
C VAL A 122 -16.05 20.49 4.93
N PHE A 123 -16.91 19.52 4.59
CA PHE A 123 -16.84 18.20 5.21
C PHE A 123 -15.59 17.43 4.79
N SER A 124 -15.00 17.78 3.65
CA SER A 124 -13.77 17.12 3.22
C SER A 124 -12.57 17.53 4.07
N PHE A 125 -12.68 18.64 4.80
CA PHE A 125 -11.59 19.06 5.67
C PHE A 125 -11.46 18.14 6.88
N LEU A 126 -12.55 17.50 7.29
CA LEU A 126 -12.57 16.65 8.47
C LEU A 126 -12.44 15.17 8.13
N ASP A 127 -11.89 14.83 6.96
CA ASP A 127 -11.76 13.42 6.59
C ASP A 127 -10.71 12.70 7.44
N PRO A 128 -9.43 13.09 7.45
CA PRO A 128 -8.43 12.24 8.12
C PRO A 128 -8.22 12.53 9.60
N LEU A 129 -9.08 13.31 10.23
CA LEU A 129 -8.94 13.56 11.66
C LEU A 129 -10.29 13.58 12.37
N ALA A 130 -11.37 13.24 11.68
CA ALA A 130 -12.75 13.27 12.18
C ALA A 130 -13.07 14.70 12.62
N TYR A 131 -13.95 14.86 13.62
CA TYR A 131 -14.32 16.18 14.11
C TYR A 131 -14.11 16.37 15.60
N GLU A 132 -14.05 15.29 16.38
CA GLU A 132 -13.83 15.43 17.83
C GLU A 132 -12.42 15.93 18.12
N ILE A 133 -11.44 15.50 17.31
CA ILE A 133 -10.06 15.87 17.58
C ILE A 133 -9.83 17.36 17.33
N TRP A 134 -10.47 17.88 16.28
CA TRP A 134 -10.38 19.32 15.98
C TRP A 134 -10.98 20.16 17.10
N MET A 135 -12.13 19.75 17.63
CA MET A 135 -12.73 20.46 18.75
C MET A 135 -11.84 20.39 19.98
N CYS A 136 -11.28 19.20 20.24
CA CYS A 136 -10.40 19.03 21.40
C CYS A 136 -9.18 19.92 21.29
N ILE A 137 -8.56 19.97 20.11
CA ILE A 137 -7.34 20.76 19.96
C ILE A 137 -7.65 22.27 19.97
N VAL A 138 -8.82 22.68 19.48
CA VAL A 138 -9.18 24.11 19.52
C VAL A 138 -9.42 24.55 20.97
N PHE A 139 -10.19 23.75 21.71
CA PHE A 139 -10.45 24.09 23.11
C PHE A 139 -9.18 24.00 23.96
N ALA A 140 -8.29 23.04 23.64
CA ALA A 140 -7.01 22.99 24.31
C ALA A 140 -6.14 24.19 23.93
N TYR A 141 -6.28 24.70 22.70
CA TYR A 141 -5.52 25.87 22.29
C TYR A 141 -5.95 27.11 23.07
N ILE A 142 -7.26 27.31 23.22
CA ILE A 142 -7.68 28.48 24.00
C ILE A 142 -7.32 28.29 25.48
N GLY A 143 -7.36 27.04 25.98
CA GLY A 143 -6.93 26.81 27.35
C GLY A 143 -5.45 27.09 27.58
N VAL A 144 -4.59 26.63 26.66
CA VAL A 144 -3.17 26.91 26.82
C VAL A 144 -2.87 28.37 26.55
N SER A 145 -3.72 29.06 25.78
CA SER A 145 -3.56 30.50 25.59
C SER A 145 -3.81 31.25 26.90
N VAL A 146 -4.91 30.93 27.58
CA VAL A 146 -5.16 31.63 28.85
C VAL A 146 -4.16 31.20 29.92
N VAL A 147 -3.68 29.96 29.87
CA VAL A 147 -2.62 29.52 30.79
C VAL A 147 -1.33 30.27 30.52
N LEU A 148 -0.99 30.48 29.25
CA LEU A 148 0.21 31.24 28.88
C LEU A 148 0.09 32.68 29.33
N PHE A 149 -1.10 33.28 29.20
CA PHE A 149 -1.31 34.63 29.72
C PHE A 149 -1.12 34.66 31.23
N LEU A 150 -1.64 33.66 31.94
CA LEU A 150 -1.50 33.60 33.39
C LEU A 150 -0.02 33.53 33.78
N VAL A 151 0.74 32.66 33.13
CA VAL A 151 2.13 32.48 33.53
C VAL A 151 3.01 33.63 33.07
N SER A 152 2.63 34.32 31.99
CA SER A 152 3.40 35.48 31.54
C SER A 152 3.14 36.70 32.42
N ARG A 153 1.91 36.88 32.88
CA ARG A 153 1.55 38.02 33.70
C ARG A 153 1.58 37.72 35.19
N PHE A 154 2.00 36.52 35.58
CA PHE A 154 1.98 36.10 36.98
C PHE A 154 3.35 35.71 37.49
N SER A 155 4.15 35.00 36.69
CA SER A 155 5.49 34.58 37.10
C SER A 155 6.52 35.61 36.68
N GLU A 178 4.04 45.48 28.69
CA GLU A 178 3.85 44.52 27.61
C GLU A 178 3.34 43.18 28.13
N PHE A 179 3.68 42.12 27.39
CA PHE A 179 3.29 40.72 27.64
C PHE A 179 1.84 40.56 28.12
N GLY A 180 0.92 41.30 27.49
CA GLY A 180 -0.48 41.26 27.86
C GLY A 180 -1.22 40.10 27.23
N ILE A 181 -2.55 40.21 27.24
CA ILE A 181 -3.39 39.19 26.63
C ILE A 181 -3.18 39.15 25.12
N PHE A 182 -2.95 40.31 24.51
CA PHE A 182 -2.69 40.36 23.07
C PHE A 182 -1.39 39.65 22.73
N ASN A 183 -0.33 39.88 23.51
CA ASN A 183 0.93 39.19 23.28
C ASN A 183 0.81 37.70 23.56
N SER A 184 0.01 37.31 24.55
CA SER A 184 -0.22 35.89 24.82
C SER A 184 -0.93 35.21 23.66
N LEU A 185 -1.95 35.87 23.09
CA LEU A 185 -2.62 35.33 21.91
C LEU A 185 -1.67 35.27 20.72
N TRP A 186 -0.80 36.29 20.57
CA TRP A 186 0.21 36.26 19.51
C TRP A 186 1.11 35.04 19.65
N PHE A 187 1.64 34.81 20.85
CA PHE A 187 2.56 33.69 21.05
C PHE A 187 1.86 32.36 20.87
N SER A 188 0.62 32.23 21.38
CA SER A 188 -0.10 30.96 21.23
C SER A 188 -0.44 30.68 19.78
N LEU A 189 -0.86 31.70 19.04
CA LEU A 189 -1.20 31.52 17.63
C LEU A 189 0.03 31.19 16.80
N GLY A 190 1.17 31.82 17.12
CA GLY A 190 2.42 31.43 16.48
C GLY A 190 2.86 30.03 16.85
N ALA A 191 2.56 29.60 18.08
CA ALA A 191 2.96 28.28 18.53
C ALA A 191 2.11 27.18 17.92
N PHE A 192 0.84 27.48 17.59
CA PHE A 192 -0.05 26.44 17.08
C PHE A 192 0.38 25.97 15.68
N MET A 193 1.08 26.79 14.92
CA MET A 193 1.61 26.41 13.62
C MET A 193 3.14 26.37 13.59
N GLN A 194 3.78 26.28 14.77
CA GLN A 194 5.24 26.22 14.92
C GLN A 194 5.92 27.40 14.24
N GLN A 195 5.36 28.59 14.42
CA GLN A 195 5.88 29.81 13.81
C GLN A 195 6.77 30.63 14.75
N GLY A 196 6.42 30.68 16.03
CA GLY A 196 7.18 31.44 17.00
C GLY A 196 6.76 32.89 17.06
N CYS A 197 7.29 33.58 18.08
CA CYS A 197 7.00 34.99 18.30
C CYS A 197 8.13 35.58 19.12
N ASP A 198 8.12 36.92 19.23
CA ASP A 198 9.16 37.64 19.95
C ASP A 198 8.83 37.85 21.42
N ILE A 199 7.71 37.31 21.91
CA ILE A 199 7.30 37.48 23.30
C ILE A 199 7.99 36.37 24.09
N SER A 200 9.21 36.65 24.55
CA SER A 200 9.99 35.68 25.32
C SER A 200 10.03 36.11 26.78
N PRO A 201 9.33 35.43 27.68
CA PRO A 201 9.39 35.80 29.10
C PRO A 201 10.73 35.44 29.71
N ARG A 202 11.05 36.16 30.80
CA ARG A 202 12.30 35.88 31.52
C ARG A 202 12.23 34.55 32.26
N SER A 203 11.07 34.22 32.83
CA SER A 203 10.93 32.98 33.57
C SER A 203 10.85 31.78 32.63
N LEU A 204 11.42 30.67 33.07
CA LEU A 204 11.46 29.44 32.29
C LEU A 204 10.11 28.76 32.20
N SER A 205 9.15 29.15 33.03
CA SER A 205 7.87 28.44 33.09
C SER A 205 7.09 28.58 31.79
N GLY A 206 6.93 29.82 31.32
CA GLY A 206 6.25 30.04 30.05
C GLY A 206 7.00 29.41 28.88
N ARG A 207 8.33 29.38 28.95
CA ARG A 207 9.11 28.73 27.91
C ARG A 207 8.85 27.22 27.86
N ILE A 208 8.77 26.58 29.02
CA ILE A 208 8.51 25.13 29.02
C ILE A 208 7.06 24.84 28.63
N VAL A 209 6.13 25.75 28.97
CA VAL A 209 4.75 25.59 28.51
C VAL A 209 4.69 25.68 26.98
N GLY A 210 5.40 26.66 26.42
CA GLY A 210 5.47 26.77 24.98
C GLY A 210 6.14 25.57 24.33
N GLY A 211 7.17 25.02 24.98
CA GLY A 211 7.84 23.86 24.43
C GLY A 211 6.97 22.62 24.40
N VAL A 212 6.24 22.34 25.48
CA VAL A 212 5.37 21.18 25.48
C VAL A 212 4.20 21.38 24.52
N TRP A 213 3.72 22.62 24.36
CA TRP A 213 2.67 22.86 23.38
C TRP A 213 3.19 22.71 21.96
N TRP A 214 4.44 23.09 21.72
CA TRP A 214 5.10 22.83 20.43
C TRP A 214 5.15 21.34 20.15
N PHE A 215 5.52 20.55 21.17
CA PHE A 215 5.57 19.11 21.01
C PHE A 215 4.20 18.54 20.64
N PHE A 216 3.15 19.01 21.33
CA PHE A 216 1.80 18.54 21.06
C PHE A 216 1.36 18.91 19.64
N THR A 217 1.56 20.17 19.24
CA THR A 217 1.06 20.57 17.93
C THR A 217 1.87 19.92 16.81
N LEU A 218 3.17 19.66 17.03
CA LEU A 218 3.94 18.98 16.01
C LEU A 218 3.52 17.53 15.86
N ILE A 219 3.23 16.84 16.97
CA ILE A 219 2.80 15.45 16.82
C ILE A 219 1.39 15.39 16.21
N ILE A 220 0.54 16.38 16.49
CA ILE A 220 -0.77 16.44 15.79
C ILE A 220 -0.57 16.63 14.29
N ILE A 221 0.33 17.53 13.89
CA ILE A 221 0.54 17.78 12.47
C ILE A 221 1.11 16.54 11.79
N SER A 222 2.08 15.88 12.42
CA SER A 222 2.65 14.66 11.87
C SER A 222 1.61 13.56 11.75
N SER A 223 0.76 13.40 12.78
CA SER A 223 -0.26 12.36 12.74
C SER A 223 -1.32 12.66 11.68
N TYR A 224 -1.68 13.93 11.52
CA TYR A 224 -2.62 14.31 10.47
C TYR A 224 -2.05 14.01 9.09
N THR A 225 -0.78 14.36 8.87
CA THR A 225 -0.15 14.07 7.58
C THR A 225 -0.10 12.57 7.32
N ALA A 226 0.26 11.79 8.35
CA ALA A 226 0.32 10.34 8.21
C ALA A 226 -1.04 9.75 7.86
N ASN A 227 -2.10 10.20 8.56
CA ASN A 227 -3.42 9.65 8.30
C ASN A 227 -3.95 10.08 6.95
N LEU A 228 -3.69 11.31 6.52
CA LEU A 228 -4.20 11.74 5.23
C LEU A 228 -3.48 11.01 4.11
N ALA A 229 -2.17 10.76 4.27
CA ALA A 229 -1.45 9.94 3.30
C ALA A 229 -2.00 8.52 3.25
N ALA A 230 -2.26 7.93 4.42
CA ALA A 230 -2.79 6.57 4.47
C ALA A 230 -4.17 6.49 3.84
N PHE A 231 -5.03 7.47 4.14
CA PHE A 231 -6.38 7.50 3.59
C PHE A 231 -6.36 7.68 2.08
N LEU A 232 -5.51 8.58 1.57
CA LEU A 232 -5.40 8.76 0.14
C LEU A 232 -4.88 7.51 -0.55
N THR A 233 -3.87 6.88 0.03
CA THR A 233 -3.30 5.67 -0.56
C THR A 233 -4.32 4.53 -0.59
N VAL A 234 -5.07 4.35 0.49
CA VAL A 234 -6.02 3.25 0.53
C VAL A 234 -7.25 3.55 -0.32
N GLU A 235 -7.59 4.84 -0.50
CA GLU A 235 -8.74 5.19 -1.33
C GLU A 235 -8.41 5.06 -2.82
N ARG A 236 -7.23 5.49 -3.23
CA ARG A 236 -6.85 5.48 -4.64
C ARG A 236 -6.22 4.16 -5.06
N MET A 237 -5.75 3.35 -4.11
CA MET A 237 -5.08 2.09 -4.45
C MET A 237 -6.04 1.07 -5.06
N VAL A 238 -7.30 1.10 -4.64
CA VAL A 238 -8.28 0.12 -5.12
C VAL A 238 -8.53 0.33 -6.61
N SER A 239 -8.76 -0.77 -7.32
CA SER A 239 -8.94 -0.75 -8.76
C SER A 239 -10.29 -1.33 -9.15
N PRO A 240 -10.88 -0.87 -10.25
CA PRO A 240 -12.16 -1.45 -10.69
C PRO A 240 -12.00 -2.89 -11.14
N ILE A 241 -13.09 -3.65 -11.00
CA ILE A 241 -13.07 -5.06 -11.36
C ILE A 241 -13.04 -5.20 -12.88
N GLU A 242 -12.34 -6.21 -13.37
CA GLU A 242 -12.21 -6.44 -14.80
C GLU A 242 -11.88 -7.91 -15.05
N SER A 243 -12.11 -8.32 -16.29
CA SER A 243 -11.83 -9.68 -16.79
C SER A 243 -12.63 -10.69 -15.98
N ALA A 244 -12.10 -11.91 -15.85
CA ALA A 244 -12.77 -12.97 -15.09
C ALA A 244 -11.94 -13.49 -13.92
N GLU A 245 -10.61 -13.47 -14.01
CA GLU A 245 -9.78 -13.93 -12.91
C GLU A 245 -9.94 -13.05 -11.68
N ASP A 246 -9.99 -11.73 -11.87
CA ASP A 246 -10.18 -10.82 -10.74
C ASP A 246 -11.54 -11.02 -10.11
N LEU A 247 -12.57 -11.33 -10.91
CA LEU A 247 -13.86 -11.70 -10.38
C LEU A 247 -13.79 -13.01 -9.60
N ALA A 248 -12.98 -13.95 -10.09
CA ALA A 248 -12.84 -15.24 -9.42
C ALA A 248 -12.20 -15.09 -8.04
N LYS A 249 -11.17 -14.25 -7.94
CA LYS A 249 -10.55 -13.97 -6.64
C LYS A 249 -11.16 -12.78 -5.94
N GLN A 250 -12.30 -12.27 -6.41
CA GLN A 250 -12.98 -11.18 -5.73
C GLN A 250 -13.73 -11.70 -4.50
N THR A 251 -13.84 -10.84 -3.49
CA THR A 251 -14.57 -11.15 -2.27
C THR A 251 -15.49 -9.99 -1.92
N GLU A 252 -16.50 -10.30 -1.10
CA GLU A 252 -17.46 -9.37 -0.51
C GLU A 252 -18.37 -8.69 -1.53
N ILE A 253 -18.29 -9.05 -2.81
CA ILE A 253 -19.18 -8.51 -3.84
C ILE A 253 -19.95 -9.67 -4.45
N ALA A 254 -21.26 -9.54 -4.53
CA ALA A 254 -22.12 -10.60 -5.05
C ALA A 254 -22.20 -10.53 -6.56
N TYR A 255 -22.40 -11.70 -7.18
CA TYR A 255 -22.55 -11.82 -8.62
C TYR A 255 -23.12 -13.18 -8.94
N GLY A 256 -23.66 -13.30 -10.16
CA GLY A 256 -24.29 -14.54 -10.57
C GLY A 256 -25.05 -14.34 -11.88
N THR A 257 -25.96 -15.26 -12.16
CA THR A 257 -26.74 -15.23 -13.38
C THR A 257 -28.18 -15.64 -13.06
N LEU A 258 -29.01 -15.68 -14.09
CA LEU A 258 -30.40 -16.09 -13.95
C LEU A 258 -30.52 -17.61 -14.04
N GLU A 259 -31.74 -18.11 -13.91
CA GLU A 259 -32.01 -19.54 -13.95
C GLU A 259 -32.64 -20.00 -15.25
N ALA A 260 -33.72 -19.35 -15.70
CA ALA A 260 -34.41 -19.72 -16.92
C ALA A 260 -33.67 -19.14 -18.11
N GLY A 261 -32.62 -19.83 -18.53
CA GLY A 261 -31.84 -19.39 -19.67
C GLY A 261 -30.75 -20.40 -19.98
N SER A 262 -30.12 -20.20 -21.14
CA SER A 262 -29.03 -21.06 -21.58
C SER A 262 -27.70 -20.69 -20.95
N THR A 263 -27.61 -19.55 -20.27
CA THR A 263 -26.36 -19.16 -19.61
C THR A 263 -25.99 -20.13 -18.49
N LYS A 264 -26.98 -20.55 -17.70
CA LYS A 264 -26.72 -21.53 -16.64
C LYS A 264 -26.30 -22.87 -17.23
N GLU A 265 -26.91 -23.27 -18.35
CA GLU A 265 -26.50 -24.50 -19.01
C GLU A 265 -25.07 -24.41 -19.53
N PHE A 266 -24.68 -23.25 -20.08
CA PHE A 266 -23.32 -23.07 -20.54
C PHE A 266 -22.33 -23.09 -19.38
N PHE A 267 -22.70 -22.49 -18.24
CA PHE A 267 -21.84 -22.54 -17.07
C PHE A 267 -21.68 -23.96 -16.55
N ARG A 268 -22.78 -24.72 -16.53
CA ARG A 268 -22.71 -26.10 -16.06
C ARG A 268 -21.92 -26.99 -17.02
N ARG A 269 -22.00 -26.73 -18.33
CA ARG A 269 -21.32 -27.55 -19.31
C ARG A 269 -19.84 -27.21 -19.46
N SER A 270 -19.39 -26.11 -18.88
CA SER A 270 -17.99 -25.73 -19.00
C SER A 270 -17.09 -26.63 -18.17
N LYS A 271 -15.86 -26.82 -18.64
CA LYS A 271 -14.88 -27.66 -17.96
C LYS A 271 -13.51 -26.99 -17.83
N ILE A 272 -13.40 -25.72 -18.21
CA ILE A 272 -12.13 -25.00 -18.06
C ILE A 272 -11.88 -24.75 -16.59
N ALA A 273 -10.59 -24.81 -16.19
CA ALA A 273 -10.22 -24.81 -14.78
C ALA A 273 -10.67 -23.54 -14.07
N VAL A 274 -10.49 -22.38 -14.70
CA VAL A 274 -10.96 -21.14 -14.09
C VAL A 274 -12.49 -21.08 -14.14
N PHE A 275 -13.09 -21.47 -15.26
CA PHE A 275 -14.54 -21.43 -15.38
C PHE A 275 -15.21 -22.41 -14.42
N GLU A 276 -14.69 -23.64 -14.33
CA GLU A 276 -15.20 -24.58 -13.33
C GLU A 276 -14.89 -24.09 -11.92
N LYS A 277 -13.82 -23.33 -11.74
CA LYS A 277 -13.48 -22.80 -10.42
C LYS A 277 -14.55 -21.83 -9.92
N MET A 278 -14.89 -20.81 -10.72
CA MET A 278 -15.93 -19.96 -10.16
C MET A 278 -17.32 -20.58 -10.29
N TRP A 279 -17.50 -21.57 -11.18
CA TRP A 279 -18.75 -22.32 -11.20
C TRP A 279 -18.96 -23.04 -9.88
N THR A 280 -17.92 -23.69 -9.36
CA THR A 280 -17.98 -24.27 -8.03
C THR A 280 -18.10 -23.19 -6.96
N TYR A 281 -17.60 -21.99 -7.24
CA TYR A 281 -17.71 -20.90 -6.27
C TYR A 281 -19.16 -20.48 -6.07
N MET A 282 -19.91 -20.22 -7.15
CA MET A 282 -21.30 -19.82 -6.90
C MET A 282 -22.25 -21.01 -6.93
N LYS A 283 -21.73 -22.24 -7.07
CA LYS A 283 -22.59 -23.42 -7.00
C LYS A 283 -23.23 -23.54 -5.62
N SER A 284 -22.47 -23.27 -4.55
CA SER A 284 -23.02 -23.18 -3.21
C SER A 284 -23.54 -21.75 -2.98
N ALA A 285 -24.64 -21.46 -3.66
CA ALA A 285 -25.21 -20.11 -3.70
C ALA A 285 -25.94 -19.83 -2.39
N GLU A 286 -25.17 -19.38 -1.40
CA GLU A 286 -25.76 -18.93 -0.15
C GLU A 286 -26.66 -17.71 -0.32
N PRO A 287 -26.28 -16.63 -1.06
CA PRO A 287 -27.26 -15.57 -1.30
C PRO A 287 -28.20 -15.90 -2.46
N SER A 288 -29.05 -14.95 -2.82
CA SER A 288 -29.99 -15.13 -3.93
C SER A 288 -29.25 -14.86 -5.25
N VAL A 289 -28.42 -15.83 -5.64
CA VAL A 289 -27.63 -15.70 -6.86
C VAL A 289 -28.52 -15.79 -8.08
N PHE A 290 -29.43 -16.76 -8.10
CA PHE A 290 -30.27 -17.02 -9.27
C PHE A 290 -31.56 -16.23 -9.15
N VAL A 291 -31.94 -15.58 -10.25
CA VAL A 291 -33.18 -14.80 -10.31
C VAL A 291 -34.04 -15.32 -11.44
N ARG A 292 -35.24 -14.74 -11.61
CA ARG A 292 -36.19 -15.24 -12.59
C ARG A 292 -36.09 -14.49 -13.93
N THR A 293 -36.29 -13.17 -13.90
CA THR A 293 -36.34 -12.37 -15.10
C THR A 293 -35.26 -11.30 -15.10
N THR A 294 -34.90 -10.86 -16.31
CA THR A 294 -33.88 -9.82 -16.44
C THR A 294 -34.37 -8.47 -15.92
N GLU A 295 -35.65 -8.16 -16.12
CA GLU A 295 -36.18 -6.86 -15.72
C GLU A 295 -36.20 -6.72 -14.20
N GLU A 296 -36.72 -7.74 -13.50
CA GLU A 296 -36.77 -7.68 -12.04
C GLU A 296 -35.37 -7.65 -11.44
N GLY A 297 -34.45 -8.43 -12.01
CA GLY A 297 -33.06 -8.37 -11.57
C GLY A 297 -32.44 -7.00 -11.77
N MET A 298 -32.72 -6.38 -12.91
CA MET A 298 -32.20 -5.04 -13.17
C MET A 298 -32.76 -4.04 -12.16
N ILE A 299 -34.06 -4.11 -11.87
CA ILE A 299 -34.68 -3.20 -10.92
C ILE A 299 -34.10 -3.39 -9.52
N ARG A 300 -33.87 -4.64 -9.10
CA ARG A 300 -33.31 -4.82 -7.77
C ARG A 300 -31.82 -4.48 -7.71
N VAL A 301 -31.11 -4.54 -8.84
CA VAL A 301 -29.76 -3.97 -8.89
C VAL A 301 -29.82 -2.45 -8.72
N ARG A 302 -30.80 -1.80 -9.37
CA ARG A 302 -30.98 -0.36 -9.15
C ARG A 302 -31.29 -0.06 -7.70
N LYS A 303 -32.10 -0.91 -7.06
CA LYS A 303 -32.43 -0.74 -5.64
C LYS A 303 -31.19 -0.90 -4.76
N SER A 304 -30.36 -1.90 -5.06
CA SER A 304 -29.16 -2.12 -4.24
C SER A 304 -28.03 -1.18 -4.64
N LYS A 305 -27.55 -1.29 -5.88
CA LYS A 305 -26.58 -0.39 -6.49
C LYS A 305 -25.24 -0.34 -5.76
N GLY A 306 -24.95 -1.30 -4.89
CA GLY A 306 -23.67 -1.29 -4.21
C GLY A 306 -22.78 -2.47 -4.52
N LYS A 307 -23.38 -3.67 -4.66
CA LYS A 307 -22.60 -4.85 -5.03
C LYS A 307 -23.56 -5.89 -5.61
N TYR A 308 -23.60 -5.98 -6.93
CA TYR A 308 -24.23 -7.09 -7.63
C TYR A 308 -23.83 -7.06 -9.09
N ALA A 309 -23.92 -8.22 -9.73
CA ALA A 309 -23.67 -8.37 -11.16
C ALA A 309 -24.62 -9.44 -11.70
N TYR A 310 -25.14 -9.20 -12.91
CA TYR A 310 -26.18 -10.05 -13.45
C TYR A 310 -25.68 -11.07 -14.47
N LEU A 311 -24.55 -10.79 -15.13
CA LEU A 311 -23.94 -11.68 -16.14
C LEU A 311 -24.91 -11.98 -17.28
N LEU A 312 -25.24 -10.94 -18.03
CA LEU A 312 -26.14 -11.02 -19.16
C LEU A 312 -25.35 -11.03 -20.47
N GLU A 313 -26.07 -11.05 -21.59
CA GLU A 313 -25.46 -10.98 -22.89
C GLU A 313 -24.94 -9.56 -23.16
N SER A 314 -23.96 -9.46 -24.06
CA SER A 314 -23.35 -8.17 -24.36
C SER A 314 -24.34 -7.25 -25.07
N THR A 315 -25.21 -7.80 -25.91
CA THR A 315 -26.14 -6.98 -26.67
C THR A 315 -27.13 -6.27 -25.76
N MET A 316 -27.78 -7.02 -24.87
CA MET A 316 -28.79 -6.42 -24.01
C MET A 316 -28.15 -5.53 -22.96
N ASN A 317 -26.90 -5.84 -22.56
CA ASN A 317 -26.16 -4.95 -21.67
C ASN A 317 -25.85 -3.62 -22.35
N GLU A 318 -25.42 -3.66 -23.61
CA GLU A 318 -25.19 -2.43 -24.37
C GLU A 318 -26.48 -1.67 -24.59
N TYR A 319 -27.61 -2.38 -24.68
CA TYR A 319 -28.90 -1.71 -24.79
C TYR A 319 -29.26 -1.00 -23.49
N ILE A 320 -29.12 -1.69 -22.36
CA ILE A 320 -29.56 -1.12 -21.08
C ILE A 320 -28.60 -0.10 -20.51
N GLU A 321 -27.35 -0.04 -21.00
CA GLU A 321 -26.49 1.05 -20.57
C GLU A 321 -26.78 2.35 -21.31
N GLN A 322 -27.66 2.31 -22.32
CA GLN A 322 -28.12 3.50 -23.02
C GLN A 322 -29.51 3.94 -22.56
N ARG A 323 -30.02 3.37 -21.47
CA ARG A 323 -31.37 3.67 -21.02
C ARG A 323 -31.42 4.99 -20.27
N LYS A 324 -32.62 5.34 -19.79
CA LYS A 324 -32.84 6.63 -19.14
C LYS A 324 -32.03 6.84 -17.87
N PRO A 325 -31.94 5.90 -16.90
CA PRO A 325 -31.17 6.18 -15.68
C PRO A 325 -29.70 6.45 -15.92
N CYS A 326 -29.09 5.81 -16.92
CA CYS A 326 -27.67 5.99 -17.27
C CYS A 326 -26.76 5.73 -16.08
N ASP A 327 -26.94 4.58 -15.45
CA ASP A 327 -26.14 4.19 -14.28
C ASP A 327 -25.48 2.82 -14.50
N THR A 328 -25.69 2.20 -15.64
CA THR A 328 -25.07 0.93 -15.98
C THR A 328 -24.06 1.13 -17.09
N MET A 329 -23.06 0.25 -17.14
CA MET A 329 -22.00 0.37 -18.13
C MET A 329 -21.44 -1.01 -18.43
N LYS A 330 -20.74 -1.11 -19.55
CA LYS A 330 -20.13 -2.36 -19.99
C LYS A 330 -18.66 -2.38 -19.59
N VAL A 331 -18.25 -3.46 -18.91
CA VAL A 331 -16.88 -3.61 -18.43
C VAL A 331 -16.44 -5.03 -18.76
N GLY A 332 -15.14 -5.19 -19.03
CA GLY A 332 -14.60 -6.51 -19.30
C GLY A 332 -14.83 -6.94 -20.74
N GLY A 333 -14.68 -8.25 -20.97
CA GLY A 333 -14.82 -8.82 -22.29
C GLY A 333 -15.82 -9.95 -22.30
N ASN A 334 -15.98 -10.54 -23.50
CA ASN A 334 -16.93 -11.63 -23.68
C ASN A 334 -16.30 -12.95 -23.25
N LEU A 335 -17.03 -13.72 -22.44
CA LEU A 335 -16.52 -14.99 -21.94
C LEU A 335 -16.56 -16.07 -23.01
N ASP A 336 -17.47 -15.98 -23.97
CA ASP A 336 -17.63 -17.00 -24.99
C ASP A 336 -17.80 -16.32 -26.36
N SER A 337 -18.14 -17.12 -27.37
CA SER A 337 -18.24 -16.66 -28.75
C SER A 337 -19.57 -17.07 -29.36
N LYS A 338 -20.66 -16.82 -28.63
CA LYS A 338 -21.99 -17.15 -29.12
C LYS A 338 -22.38 -16.26 -30.29
N GLY A 339 -23.31 -16.75 -31.10
CA GLY A 339 -23.75 -16.02 -32.28
C GLY A 339 -25.25 -16.11 -32.47
N TYR A 340 -25.76 -15.19 -33.29
CA TYR A 340 -27.17 -15.17 -33.67
C TYR A 340 -27.39 -15.97 -34.95
N GLY A 341 -28.55 -15.80 -35.56
CA GLY A 341 -28.85 -16.44 -36.82
C GLY A 341 -30.32 -16.35 -37.18
N ILE A 342 -30.61 -16.24 -38.48
CA ILE A 342 -31.98 -16.20 -38.98
C ILE A 342 -32.37 -17.60 -39.43
N ALA A 343 -33.53 -18.06 -38.98
CA ALA A 343 -33.93 -19.45 -39.19
C ALA A 343 -34.55 -19.63 -40.56
N THR A 344 -34.15 -20.71 -41.24
CA THR A 344 -34.70 -21.10 -42.53
C THR A 344 -34.99 -22.59 -42.53
N PRO A 345 -36.05 -23.01 -43.20
CA PRO A 345 -36.37 -24.45 -43.26
C PRO A 345 -35.46 -25.19 -44.23
N LYS A 346 -35.32 -26.49 -43.99
CA LYS A 346 -34.49 -27.34 -44.82
C LYS A 346 -35.20 -27.66 -46.13
N GLY A 347 -34.46 -27.53 -47.23
CA GLY A 347 -35.00 -27.82 -48.54
C GLY A 347 -35.74 -26.68 -49.21
N SER A 348 -35.85 -25.54 -48.55
CA SER A 348 -36.55 -24.40 -49.13
C SER A 348 -35.66 -23.69 -50.16
N ALA A 349 -36.29 -22.86 -50.98
CA ALA A 349 -35.60 -22.08 -51.98
C ALA A 349 -35.10 -20.74 -51.45
N LEU A 350 -35.32 -20.45 -50.18
CA LEU A 350 -34.89 -19.19 -49.59
C LEU A 350 -33.90 -19.44 -48.46
N ARG A 351 -32.93 -20.33 -48.69
CA ARG A 351 -31.89 -20.65 -47.72
C ARG A 351 -30.52 -20.16 -48.16
N ASN A 352 -30.13 -20.42 -49.40
CA ASN A 352 -28.85 -19.97 -49.93
C ASN A 352 -28.86 -18.49 -50.36
N PRO A 353 -29.88 -17.99 -51.10
CA PRO A 353 -29.86 -16.54 -51.43
C PRO A 353 -29.88 -15.64 -50.21
N VAL A 354 -30.63 -16.02 -49.17
CA VAL A 354 -30.62 -15.20 -47.96
C VAL A 354 -29.27 -15.27 -47.26
N ASN A 355 -28.57 -16.40 -47.36
CA ASN A 355 -27.22 -16.50 -46.79
C ASN A 355 -26.26 -15.60 -47.53
N LEU A 356 -26.30 -15.62 -48.87
CA LEU A 356 -25.43 -14.74 -49.66
C LEU A 356 -25.72 -13.28 -49.37
N ALA A 357 -27.00 -12.91 -49.28
CA ALA A 357 -27.36 -11.51 -49.09
C ALA A 357 -27.02 -11.04 -47.68
N VAL A 358 -27.23 -11.89 -46.67
CA VAL A 358 -26.88 -11.49 -45.31
C VAL A 358 -25.37 -11.38 -45.15
N LEU A 359 -24.59 -12.23 -45.85
CA LEU A 359 -23.14 -12.06 -45.85
C LEU A 359 -22.73 -10.76 -46.54
N LYS A 360 -23.43 -10.42 -47.64
CA LYS A 360 -23.13 -9.17 -48.33
C LYS A 360 -23.41 -7.96 -47.45
N LEU A 361 -24.53 -7.95 -46.73
CA LEU A 361 -24.84 -6.84 -45.84
C LEU A 361 -23.91 -6.82 -44.62
N ASN A 362 -23.47 -7.98 -44.16
CA ASN A 362 -22.49 -8.01 -43.07
C ASN A 362 -21.16 -7.43 -43.52
N GLU A 363 -20.76 -7.72 -44.76
CA GLU A 363 -19.50 -7.17 -45.27
C GLU A 363 -19.62 -5.68 -45.58
N GLN A 364 -20.80 -5.24 -46.04
CA GLN A 364 -20.98 -3.85 -46.45
C GLN A 364 -20.98 -2.87 -45.28
N GLY A 365 -21.21 -3.36 -44.07
CA GLY A 365 -21.26 -2.49 -42.91
C GLY A 365 -22.59 -1.82 -42.67
N LEU A 366 -23.63 -2.15 -43.45
CA LEU A 366 -24.95 -1.58 -43.21
C LEU A 366 -25.53 -2.07 -41.90
N LEU A 367 -25.18 -3.29 -41.48
CA LEU A 367 -25.59 -3.78 -40.17
C LEU A 367 -24.95 -2.94 -39.06
N ASP A 368 -23.69 -2.55 -39.25
CA ASP A 368 -23.04 -1.67 -38.29
C ASP A 368 -23.71 -0.30 -38.27
N LYS A 369 -24.12 0.21 -39.43
CA LYS A 369 -24.84 1.48 -39.48
C LYS A 369 -26.16 1.40 -38.73
N LEU A 370 -26.91 0.31 -38.93
CA LEU A 370 -28.18 0.14 -38.25
C LEU A 370 -27.98 -0.01 -36.75
N LYS A 371 -26.94 -0.73 -36.33
CA LYS A 371 -26.61 -0.85 -34.91
C LYS A 371 -26.25 0.50 -34.31
N ASN A 372 -25.48 1.31 -35.03
CA ASN A 372 -25.12 2.63 -34.54
C ASN A 372 -26.33 3.54 -34.42
N LYS A 373 -27.25 3.48 -35.39
CA LYS A 373 -28.39 4.40 -35.35
C LYS A 373 -29.45 3.96 -34.34
N TRP A 374 -29.64 2.65 -34.16
CA TRP A 374 -30.68 2.17 -33.25
C TRP A 374 -30.17 1.83 -31.86
N TRP A 375 -28.86 1.92 -31.62
CA TRP A 375 -28.30 1.58 -30.32
C TRP A 375 -27.47 2.68 -29.68
N TYR A 376 -26.97 3.64 -30.46
CA TYR A 376 -26.20 4.76 -29.94
C TYR A 376 -26.76 6.12 -30.33
N ASP A 377 -27.50 6.22 -31.43
CA ASP A 377 -28.04 7.50 -31.88
C ASP A 377 -29.43 7.78 -31.33
N LYS A 378 -30.31 6.77 -31.31
CA LYS A 378 -31.66 6.96 -30.80
C LYS A 378 -31.72 6.93 -29.28
N GLY A 379 -30.63 6.59 -28.60
CA GLY A 379 -30.60 6.63 -27.16
C GLY A 379 -30.66 8.06 -26.62
N GLU A 380 -31.76 8.41 -25.95
CA GLU A 380 -31.95 9.77 -25.47
C GLU A 380 -31.00 10.11 -24.33
N CYS A 381 -30.51 9.12 -23.59
CA CYS A 381 -29.56 9.33 -22.50
C CYS A 381 -28.23 8.67 -22.86
N GLY A 382 -27.14 9.33 -22.48
CA GLY A 382 -25.82 8.81 -22.77
C GLY A 382 -25.48 8.79 -24.25
N SER A 383 -25.84 9.85 -24.98
CA SER A 383 -25.51 9.91 -26.40
C SER A 383 -24.00 9.97 -26.62
N GLY A 384 -23.29 10.72 -25.79
CA GLY A 384 -21.84 10.82 -25.85
C GLY A 384 -21.26 9.85 -24.83
N GLY A 385 -20.64 8.78 -25.32
CA GLY A 385 -20.05 7.78 -24.42
C GLY A 385 -18.86 8.37 -23.65
N GLY A 386 -18.04 9.18 -24.32
CA GLY A 386 -16.88 9.80 -23.68
C GLY A 386 -17.34 11.05 -22.93
N ASP A 387 -17.93 10.84 -21.76
CA ASP A 387 -18.40 11.93 -20.94
C ASP A 387 -17.51 12.22 -19.75
N SER A 388 -16.89 11.17 -19.21
CA SER A 388 -15.99 11.31 -18.07
C SER A 388 -14.84 10.32 -18.25
N LYS A 389 -13.73 10.80 -18.81
CA LYS A 389 -12.58 9.94 -19.05
C LYS A 389 -11.26 10.62 -18.70
N ASP A 390 -11.29 11.73 -17.95
CA ASP A 390 -10.04 12.39 -17.57
C ASP A 390 -9.24 11.55 -16.58
N LYS A 391 -9.92 10.98 -15.59
CA LYS A 391 -9.31 10.12 -14.56
C LYS A 391 -8.18 10.84 -13.84
N THR A 392 -8.51 12.00 -13.28
CA THR A 392 -7.56 12.82 -12.54
C THR A 392 -7.27 12.15 -11.20
N SER A 393 -6.10 11.52 -11.10
CA SER A 393 -5.71 10.81 -9.88
C SER A 393 -4.89 11.72 -8.96
N ALA A 394 -5.49 12.85 -8.61
CA ALA A 394 -4.87 13.83 -7.74
C ALA A 394 -5.97 14.66 -7.10
N LEU A 395 -5.59 15.42 -6.06
CA LEU A 395 -6.54 16.27 -5.36
C LEU A 395 -6.85 17.48 -6.24
N SER A 396 -7.96 17.40 -6.98
CA SER A 396 -8.40 18.48 -7.84
C SER A 396 -9.17 19.52 -7.05
N LEU A 397 -9.89 20.41 -7.74
CA LEU A 397 -10.65 21.46 -7.10
C LEU A 397 -12.03 20.98 -6.63
N SER A 398 -12.21 19.68 -6.40
CA SER A 398 -13.46 19.15 -5.87
C SER A 398 -13.37 18.73 -4.41
N ASN A 399 -12.20 18.28 -3.94
CA ASN A 399 -12.04 17.81 -2.57
C ASN A 399 -11.23 18.77 -1.70
N VAL A 400 -10.07 19.24 -2.19
CA VAL A 400 -9.26 20.15 -1.39
C VAL A 400 -9.75 21.59 -1.51
N ALA A 401 -10.46 21.93 -2.58
CA ALA A 401 -10.99 23.29 -2.73
C ALA A 401 -12.11 23.58 -1.73
N GLY A 402 -12.67 22.55 -1.11
CA GLY A 402 -13.55 22.79 0.03
C GLY A 402 -12.82 23.49 1.16
N VAL A 403 -11.54 23.17 1.33
CA VAL A 403 -10.68 23.97 2.22
C VAL A 403 -10.68 25.42 1.76
N PHE A 404 -10.51 25.63 0.45
CA PHE A 404 -10.63 26.96 -0.14
C PHE A 404 -11.97 27.61 0.18
N TYR A 405 -13.02 26.80 0.37
CA TYR A 405 -14.26 27.34 0.90
C TYR A 405 -14.07 27.82 2.33
N ILE A 406 -13.71 26.91 3.24
CA ILE A 406 -13.68 27.27 4.66
C ILE A 406 -12.64 28.34 4.92
N LEU A 407 -11.48 28.25 4.24
CA LEU A 407 -10.50 29.32 4.30
C LEU A 407 -11.10 30.65 3.90
N ILE A 408 -11.74 30.71 2.74
CA ILE A 408 -12.33 31.99 2.35
C ILE A 408 -13.46 32.33 3.31
N GLY A 409 -14.17 31.31 3.81
CA GLY A 409 -15.13 31.56 4.87
C GLY A 409 -14.45 32.13 6.09
N GLY A 410 -13.34 31.49 6.51
CA GLY A 410 -12.52 32.08 7.54
C GLY A 410 -12.03 33.45 7.17
N LEU A 411 -11.56 33.60 5.92
CA LEU A 411 -11.18 34.94 5.45
C LEU A 411 -12.39 35.85 5.43
N GLY A 412 -13.54 35.31 5.01
CA GLY A 412 -14.77 36.05 5.15
C GLY A 412 -15.04 36.38 6.61
N LEU A 413 -14.86 35.39 7.49
CA LEU A 413 -14.93 35.66 8.91
C LEU A 413 -13.93 36.75 9.30
N ALA A 414 -12.70 36.63 8.78
CA ALA A 414 -11.71 37.70 8.94
C ALA A 414 -12.28 39.02 8.45
N MET A 415 -12.82 39.02 7.22
CA MET A 415 -13.46 40.21 6.70
C MET A 415 -14.60 40.66 7.61
N LEU A 416 -15.44 39.72 8.07
CA LEU A 416 -16.47 40.09 9.03
C LEU A 416 -15.86 40.68 10.30
N VAL A 417 -14.84 40.02 10.87
CA VAL A 417 -14.31 40.60 12.10
C VAL A 417 -13.59 41.89 11.74
N ALA A 418 -13.10 42.00 10.50
CA ALA A 418 -12.50 43.24 10.02
C ALA A 418 -13.47 44.39 10.19
N LEU A 419 -14.72 44.21 9.78
CA LEU A 419 -15.67 45.32 9.90
C LEU A 419 -15.94 45.63 11.37
N ILE A 420 -16.00 44.60 12.21
CA ILE A 420 -16.20 44.91 13.63
C ILE A 420 -14.91 45.49 14.19
N GLU A 421 -13.75 45.06 13.66
CA GLU A 421 -12.52 45.73 14.02
C GLU A 421 -12.47 47.12 13.41
N PHE A 422 -13.14 47.31 12.26
CA PHE A 422 -13.37 48.66 11.77
C PHE A 422 -14.19 49.46 12.77
N CYS A 423 -15.14 48.80 13.42
CA CYS A 423 -15.80 49.40 14.58
C CYS A 423 -14.78 49.76 15.65
N TYR A 424 -13.90 48.81 15.98
CA TYR A 424 -12.82 49.08 16.91
C TYR A 424 -11.86 50.13 16.37
N LYS A 425 -11.89 50.39 15.06
CA LYS A 425 -11.14 51.49 14.48
C LYS A 425 -11.94 52.79 14.51
N SER A 426 -13.26 52.74 14.29
CA SER A 426 -14.00 53.97 14.07
C SER A 426 -15.38 54.04 14.73
N ARG A 427 -15.76 53.06 15.53
CA ARG A 427 -17.08 53.10 16.18
C ARG A 427 -17.06 52.38 17.52
N VAL B 1 -24.90 -56.45 4.61
CA VAL B 1 -23.79 -55.59 4.98
C VAL B 1 -24.29 -54.45 5.85
N VAL B 2 -23.66 -54.26 7.00
CA VAL B 2 -24.01 -53.20 7.95
C VAL B 2 -22.78 -52.32 8.15
N VAL B 3 -22.98 -51.01 8.04
CA VAL B 3 -21.94 -50.02 8.31
C VAL B 3 -22.46 -49.04 9.35
N THR B 4 -21.61 -48.69 10.31
CA THR B 4 -21.97 -47.77 11.38
C THR B 4 -21.27 -46.43 11.19
N THR B 5 -21.91 -45.37 11.71
CA THR B 5 -21.38 -44.02 11.59
C THR B 5 -21.99 -43.17 12.68
N ILE B 6 -21.15 -42.50 13.47
CA ILE B 6 -21.61 -41.65 14.55
C ILE B 6 -22.07 -40.32 13.96
N MET B 7 -23.32 -39.95 14.24
CA MET B 7 -23.86 -38.69 13.72
C MET B 7 -23.29 -37.49 14.48
N GLU B 8 -22.89 -37.68 15.73
CA GLU B 8 -22.37 -36.58 16.56
C GLU B 8 -20.87 -36.38 16.30
N SER B 9 -20.56 -36.01 15.06
CA SER B 9 -19.19 -35.75 14.64
C SER B 9 -19.23 -34.87 13.41
N PRO B 10 -18.26 -33.97 13.23
CA PRO B 10 -18.24 -33.12 12.03
C PRO B 10 -17.86 -33.88 10.76
N TYR B 11 -18.58 -34.96 10.45
CA TYR B 11 -18.36 -35.73 9.24
C TYR B 11 -19.63 -36.08 8.50
N VAL B 12 -20.80 -35.70 9.03
CA VAL B 12 -22.08 -35.92 8.38
C VAL B 12 -22.89 -34.64 8.44
N MET B 13 -23.86 -34.53 7.53
CA MET B 13 -24.75 -33.39 7.49
C MET B 13 -26.12 -33.85 7.00
N TYR B 14 -27.16 -33.30 7.60
CA TYR B 14 -28.52 -33.70 7.24
C TYR B 14 -28.91 -33.12 5.88
N LYS B 15 -29.62 -33.91 5.09
CA LYS B 15 -30.17 -33.44 3.82
C LYS B 15 -31.56 -32.86 4.09
N LYS B 16 -31.69 -31.56 3.91
CA LYS B 16 -32.89 -30.76 4.25
C LYS B 16 -33.15 -30.98 5.74
N ASN B 17 -34.40 -31.21 6.16
CA ASN B 17 -34.72 -31.47 7.56
C ASN B 17 -35.23 -32.88 7.79
N HIS B 18 -36.29 -33.29 7.10
CA HIS B 18 -36.88 -34.61 7.24
C HIS B 18 -37.85 -34.84 6.09
N GLU B 19 -37.97 -36.11 5.68
CA GLU B 19 -38.90 -36.55 4.63
C GLU B 19 -38.62 -35.86 3.30
N MET B 20 -37.37 -35.46 3.07
CA MET B 20 -36.96 -34.88 1.81
C MET B 20 -35.75 -35.65 1.31
N PHE B 21 -35.80 -36.07 0.03
CA PHE B 21 -34.80 -36.97 -0.56
C PHE B 21 -34.63 -38.23 0.29
N GLU B 22 -35.77 -38.79 0.71
CA GLU B 22 -35.78 -39.92 1.60
C GLU B 22 -35.26 -41.18 0.90
N GLY B 23 -34.85 -42.16 1.70
CA GLY B 23 -34.28 -43.38 1.19
C GLY B 23 -33.12 -43.88 2.04
N ASN B 24 -31.96 -44.06 1.42
CA ASN B 24 -30.77 -44.55 2.10
C ASN B 24 -29.75 -43.47 2.38
N ASP B 25 -29.44 -42.63 1.39
CA ASP B 25 -28.42 -41.58 1.54
C ASP B 25 -29.05 -40.33 2.14
N LYS B 26 -29.34 -40.43 3.45
CA LYS B 26 -29.92 -39.31 4.18
C LYS B 26 -28.88 -38.37 4.76
N TYR B 27 -27.64 -38.82 4.94
CA TYR B 27 -26.57 -37.99 5.47
C TYR B 27 -25.51 -37.77 4.41
N GLU B 28 -25.04 -36.54 4.28
CA GLU B 28 -24.00 -36.17 3.33
C GLU B 28 -22.80 -35.64 4.09
N GLY B 29 -21.62 -36.15 3.75
CA GLY B 29 -20.42 -35.73 4.46
C GLY B 29 -19.20 -36.47 3.96
N TYR B 30 -18.09 -36.28 4.67
CA TYR B 30 -16.82 -36.87 4.29
C TYR B 30 -16.85 -38.39 4.41
N CYS B 31 -17.29 -38.89 5.57
CA CYS B 31 -17.17 -40.31 5.87
C CYS B 31 -18.13 -41.14 5.02
N VAL B 32 -19.37 -40.68 4.88
CA VAL B 32 -20.35 -41.45 4.10
C VAL B 32 -19.99 -41.47 2.62
N ASP B 33 -19.42 -40.37 2.11
CA ASP B 33 -19.04 -40.34 0.71
C ASP B 33 -17.80 -41.21 0.49
N LEU B 34 -16.89 -41.24 1.47
CA LEU B 34 -15.76 -42.17 1.39
C LEU B 34 -16.23 -43.62 1.41
N ALA B 35 -17.23 -43.92 2.25
CA ALA B 35 -17.79 -45.27 2.29
C ALA B 35 -18.44 -45.64 0.96
N SER B 36 -19.18 -44.70 0.36
CA SER B 36 -19.78 -44.95 -0.95
C SER B 36 -18.71 -45.15 -2.02
N GLU B 37 -17.62 -44.38 -1.94
CA GLU B 37 -16.54 -44.50 -2.92
C GLU B 37 -15.86 -45.86 -2.83
N ILE B 38 -15.55 -46.32 -1.61
CA ILE B 38 -14.91 -47.62 -1.48
C ILE B 38 -15.89 -48.74 -1.83
N ALA B 39 -17.18 -48.56 -1.53
CA ALA B 39 -18.17 -49.55 -1.91
C ALA B 39 -18.33 -49.64 -3.43
N LYS B 40 -18.18 -48.53 -4.14
CA LYS B 40 -18.15 -48.58 -5.59
C LYS B 40 -16.84 -49.16 -6.09
N HIS B 41 -15.76 -49.00 -5.32
CA HIS B 41 -14.45 -49.48 -5.75
C HIS B 41 -14.37 -51.00 -5.69
N ILE B 42 -14.83 -51.62 -4.59
CA ILE B 42 -14.69 -53.05 -4.42
C ILE B 42 -16.02 -53.80 -4.54
N GLY B 43 -17.14 -53.17 -4.23
CA GLY B 43 -18.43 -53.83 -4.24
C GLY B 43 -18.88 -54.19 -2.84
N ILE B 44 -19.71 -53.32 -2.25
CA ILE B 44 -20.16 -53.45 -0.86
C ILE B 44 -21.56 -52.87 -0.77
N LYS B 45 -22.49 -53.61 -0.16
CA LYS B 45 -23.84 -53.11 0.03
C LYS B 45 -23.85 -51.94 1.00
N TYR B 46 -24.80 -51.03 0.80
CA TYR B 46 -24.87 -49.79 1.57
C TYR B 46 -25.84 -49.96 2.74
N LYS B 47 -25.45 -49.43 3.89
CA LYS B 47 -26.27 -49.49 5.10
C LYS B 47 -26.28 -48.13 5.77
N ILE B 48 -27.23 -47.96 6.69
CA ILE B 48 -27.46 -46.68 7.34
C ILE B 48 -27.53 -46.80 8.85
N ALA B 49 -27.45 -48.00 9.40
CA ALA B 49 -27.65 -48.23 10.83
C ALA B 49 -26.58 -47.57 11.67
N ILE B 50 -27.00 -47.00 12.79
CA ILE B 50 -26.13 -46.26 13.70
C ILE B 50 -26.22 -46.91 15.08
N VAL B 51 -25.06 -47.16 15.70
CA VAL B 51 -25.02 -47.72 17.05
C VAL B 51 -25.62 -46.72 18.03
N PRO B 52 -26.48 -47.16 18.96
CA PRO B 52 -27.06 -46.23 19.94
C PRO B 52 -26.15 -45.89 21.11
N ASP B 53 -24.91 -46.40 21.13
CA ASP B 53 -24.00 -46.08 22.21
C ASP B 53 -23.58 -44.62 22.18
N GLY B 54 -23.39 -44.07 20.99
CA GLY B 54 -23.01 -42.67 20.83
C GLY B 54 -21.51 -42.41 20.78
N LYS B 55 -20.76 -43.03 21.68
CA LYS B 55 -19.32 -42.85 21.71
C LYS B 55 -18.67 -43.56 20.52
N TYR B 56 -17.58 -42.97 20.02
CA TYR B 56 -16.85 -43.57 18.92
C TYR B 56 -16.21 -44.89 19.33
N GLY B 57 -15.66 -44.95 20.53
CA GLY B 57 -15.05 -46.16 21.03
C GLY B 57 -14.34 -45.96 22.36
N ALA B 58 -14.51 -46.92 23.27
CA ALA B 58 -13.90 -46.83 24.59
C ALA B 58 -13.64 -48.24 25.10
N ARG B 59 -12.72 -48.35 26.06
CA ARG B 59 -12.32 -49.62 26.63
C ARG B 59 -12.73 -49.65 28.10
N ASP B 60 -13.89 -50.22 28.39
CA ASP B 60 -14.36 -50.41 29.76
C ASP B 60 -13.85 -51.76 30.27
N ALA B 61 -12.54 -51.80 30.56
CA ALA B 61 -11.90 -53.03 30.99
C ALA B 61 -12.31 -53.45 32.39
N ASP B 62 -12.86 -52.53 33.19
CA ASP B 62 -13.33 -52.89 34.52
C ASP B 62 -14.52 -53.85 34.44
N THR B 63 -15.44 -53.60 33.51
CA THR B 63 -16.60 -54.46 33.31
C THR B 63 -16.40 -55.47 32.20
N LYS B 64 -15.21 -55.51 31.58
CA LYS B 64 -14.86 -56.46 30.53
C LYS B 64 -15.82 -56.40 29.35
N ILE B 65 -16.24 -55.18 28.99
CA ILE B 65 -17.12 -54.95 27.86
C ILE B 65 -16.62 -53.74 27.10
N TRP B 66 -16.73 -53.79 25.77
CA TRP B 66 -16.33 -52.69 24.91
C TRP B 66 -17.57 -51.96 24.42
N ASN B 67 -17.57 -50.64 24.57
CA ASN B 67 -18.72 -49.81 24.21
C ASN B 67 -18.38 -48.96 23.00
N GLY B 68 -19.34 -48.87 22.08
CA GLY B 68 -19.19 -48.05 20.90
C GLY B 68 -19.09 -48.88 19.62
N MET B 69 -18.53 -48.25 18.59
CA MET B 69 -18.37 -48.91 17.30
C MET B 69 -17.41 -50.09 17.40
N VAL B 70 -16.33 -49.95 18.17
CA VAL B 70 -15.37 -51.03 18.31
C VAL B 70 -15.99 -52.21 19.05
N GLY B 71 -16.83 -51.94 20.06
CA GLY B 71 -17.52 -53.02 20.74
C GLY B 71 -18.55 -53.70 19.86
N GLU B 72 -19.29 -52.90 19.09
CA GLU B 72 -20.26 -53.45 18.15
C GLU B 72 -19.59 -54.30 17.08
N LEU B 73 -18.36 -53.94 16.68
CA LEU B 73 -17.64 -54.75 15.72
C LEU B 73 -17.09 -56.02 16.35
N VAL B 74 -16.53 -55.93 17.56
CA VAL B 74 -15.88 -57.09 18.15
C VAL B 74 -16.90 -58.13 18.62
N TYR B 75 -18.07 -57.70 19.12
CA TYR B 75 -19.09 -58.68 19.48
C TYR B 75 -19.85 -59.18 18.25
N GLY B 76 -19.96 -58.34 17.23
CA GLY B 76 -20.43 -58.78 15.93
C GLY B 76 -21.85 -58.44 15.58
N LYS B 77 -22.02 -57.32 14.88
CA LYS B 77 -23.24 -57.05 14.13
C LYS B 77 -22.94 -56.31 12.82
N ALA B 78 -21.66 -56.08 12.51
CA ALA B 78 -21.24 -55.39 11.30
C ALA B 78 -19.79 -55.78 11.03
N GLU B 79 -19.33 -55.49 9.82
CA GLU B 79 -17.97 -55.82 9.43
C GLU B 79 -17.17 -54.65 8.87
N ILE B 80 -17.81 -53.57 8.45
CA ILE B 80 -17.12 -52.41 7.89
C ILE B 80 -17.60 -51.17 8.63
N ALA B 81 -16.66 -50.35 9.10
CA ALA B 81 -16.99 -49.14 9.83
C ALA B 81 -16.11 -47.99 9.36
N ILE B 82 -16.72 -46.86 9.06
CA ILE B 82 -16.02 -45.62 8.72
C ILE B 82 -16.47 -44.55 9.69
N ALA B 83 -15.56 -44.11 10.55
CA ALA B 83 -15.85 -43.13 11.58
C ALA B 83 -14.54 -42.58 12.11
N PRO B 84 -14.53 -41.36 12.67
CA PRO B 84 -13.31 -40.87 13.32
C PRO B 84 -13.03 -41.62 14.61
N LEU B 85 -12.03 -42.50 14.57
CA LEU B 85 -11.69 -43.36 15.70
C LEU B 85 -10.18 -43.37 15.87
N THR B 86 -9.72 -42.96 17.05
CA THR B 86 -8.29 -42.96 17.33
C THR B 86 -7.79 -44.40 17.55
N ILE B 87 -6.50 -44.58 17.35
CA ILE B 87 -5.85 -45.87 17.50
C ILE B 87 -4.99 -45.82 18.75
N THR B 88 -5.22 -46.76 19.67
CA THR B 88 -4.50 -46.83 20.93
C THR B 88 -4.01 -48.26 21.17
N LEU B 89 -3.35 -48.45 22.30
CA LEU B 89 -2.75 -49.75 22.63
C LEU B 89 -3.81 -50.83 22.77
N VAL B 90 -4.86 -50.55 23.55
CA VAL B 90 -5.85 -51.57 23.85
C VAL B 90 -6.78 -51.83 22.68
N ARG B 91 -6.94 -50.87 21.76
CA ARG B 91 -7.84 -51.07 20.63
C ARG B 91 -7.23 -51.96 19.55
N GLU B 92 -5.91 -51.90 19.37
CA GLU B 92 -5.26 -52.67 18.31
C GLU B 92 -5.26 -54.16 18.63
N GLU B 93 -5.07 -54.52 19.90
CA GLU B 93 -4.96 -55.93 20.27
C GLU B 93 -6.27 -56.68 20.15
N VAL B 94 -7.40 -55.97 20.06
CA VAL B 94 -8.69 -56.62 19.87
C VAL B 94 -9.25 -56.42 18.47
N ILE B 95 -9.00 -55.29 17.83
CA ILE B 95 -9.47 -55.00 16.48
C ILE B 95 -8.30 -54.47 15.66
N ASP B 96 -8.01 -55.14 14.54
CA ASP B 96 -6.97 -54.65 13.65
C ASP B 96 -7.48 -53.45 12.86
N PHE B 97 -6.59 -52.49 12.64
CA PHE B 97 -6.92 -51.25 11.95
C PHE B 97 -6.14 -51.16 10.64
N SER B 98 -6.75 -50.50 9.66
CA SER B 98 -6.12 -50.30 8.37
C SER B 98 -5.16 -49.10 8.45
N LYS B 99 -4.61 -48.72 7.30
CA LYS B 99 -3.70 -47.58 7.27
C LYS B 99 -4.47 -46.29 7.51
N PRO B 100 -3.89 -45.33 8.22
CA PRO B 100 -4.61 -44.08 8.53
C PRO B 100 -4.76 -43.21 7.28
N PHE B 101 -6.02 -42.92 6.93
CA PHE B 101 -6.28 -42.08 5.76
C PHE B 101 -6.04 -40.60 6.04
N MET B 102 -6.22 -40.16 7.28
CA MET B 102 -5.99 -38.77 7.67
C MET B 102 -5.14 -38.72 8.92
N SER B 103 -4.12 -37.88 8.91
CA SER B 103 -3.28 -37.68 10.08
C SER B 103 -4.00 -36.78 11.08
N LEU B 104 -3.84 -37.09 12.36
CA LEU B 104 -4.46 -36.33 13.44
C LEU B 104 -3.41 -35.47 14.11
N GLY B 105 -3.83 -34.28 14.53
CA GLY B 105 -2.95 -33.38 15.25
C GLY B 105 -3.65 -32.79 16.46
N ILE B 106 -2.85 -32.43 17.45
CA ILE B 106 -3.32 -31.72 18.64
C ILE B 106 -2.61 -30.38 18.68
N SER B 107 -3.38 -29.30 18.79
CA SER B 107 -2.81 -27.97 18.72
C SER B 107 -3.59 -27.02 19.62
N ILE B 108 -2.96 -25.90 19.93
CA ILE B 108 -3.57 -24.86 20.74
C ILE B 108 -4.17 -23.80 19.81
N MET B 109 -5.25 -23.18 20.27
CA MET B 109 -5.92 -22.13 19.53
C MET B 109 -6.19 -20.94 20.46
N ILE B 110 -6.18 -19.76 19.87
CA ILE B 110 -6.42 -18.51 20.57
C ILE B 110 -7.53 -17.75 19.86
N LYS B 111 -8.14 -16.82 20.59
CA LYS B 111 -9.15 -15.95 19.99
C LYS B 111 -8.48 -14.88 19.15
N LYS B 112 -9.14 -14.51 18.06
CA LYS B 112 -8.60 -13.48 17.18
C LYS B 112 -8.69 -12.11 17.86
N PRO B 113 -7.59 -11.37 17.95
CA PRO B 113 -7.65 -10.05 18.60
C PRO B 113 -8.46 -9.06 17.77
N GLN B 114 -9.01 -8.06 18.46
CA GLN B 114 -9.81 -7.02 17.83
C GLN B 114 -8.99 -5.75 17.58
N LYS B 115 -8.43 -5.18 18.65
CA LYS B 115 -7.58 -4.00 18.57
C LYS B 115 -6.85 -3.85 19.89
N SER B 116 -5.85 -2.97 19.90
CA SER B 116 -5.10 -2.64 21.09
C SER B 116 -5.34 -1.18 21.45
N LYS B 117 -5.74 -0.94 22.70
CA LYS B 117 -6.03 0.42 23.18
C LYS B 117 -5.26 0.67 24.48
N PRO B 118 -3.95 0.88 24.39
CA PRO B 118 -3.18 1.18 25.61
C PRO B 118 -3.22 2.66 25.97
N GLY B 119 -2.45 3.05 26.97
CA GLY B 119 -2.40 4.44 27.39
C GLY B 119 -1.30 5.19 26.69
N VAL B 120 -0.22 5.52 27.41
CA VAL B 120 0.91 6.22 26.80
C VAL B 120 1.65 5.33 25.81
N PHE B 121 1.42 4.01 25.84
CA PHE B 121 2.06 3.12 24.89
C PHE B 121 1.52 3.28 23.47
N SER B 122 0.36 3.91 23.31
CA SER B 122 -0.15 4.20 21.97
C SER B 122 0.77 5.14 21.22
N PHE B 123 1.24 6.20 21.89
CA PHE B 123 2.20 7.11 21.28
C PHE B 123 3.61 6.54 21.30
N LEU B 124 3.88 5.59 22.19
CA LEU B 124 5.18 4.93 22.30
C LEU B 124 5.37 3.83 21.27
N ASP B 125 4.30 3.38 20.61
CA ASP B 125 4.39 2.27 19.66
C ASP B 125 5.33 2.55 18.48
N PRO B 126 5.27 3.70 17.79
CA PRO B 126 6.25 3.94 16.72
C PRO B 126 7.56 4.48 17.28
N LEU B 127 8.58 4.46 16.42
CA LEU B 127 9.92 4.97 16.71
C LEU B 127 10.56 4.22 17.89
N ALA B 128 10.18 2.95 18.05
CA ALA B 128 10.75 2.02 19.04
C ALA B 128 10.64 2.53 20.48
N TYR B 129 11.48 2.00 21.36
CA TYR B 129 11.44 2.31 22.78
C TYR B 129 12.70 3.00 23.28
N GLU B 130 13.87 2.42 23.00
CA GLU B 130 15.13 2.99 23.48
C GLU B 130 15.51 4.28 22.77
N ILE B 131 14.88 4.57 21.62
CA ILE B 131 15.17 5.80 20.89
C ILE B 131 14.75 7.01 21.71
N TRP B 132 13.68 6.89 22.50
CA TRP B 132 13.28 7.99 23.38
C TRP B 132 14.36 8.31 24.40
N MET B 133 14.90 7.28 25.05
CA MET B 133 15.96 7.49 26.04
C MET B 133 17.21 8.06 25.37
N CYS B 134 17.57 7.55 24.20
CA CYS B 134 18.75 8.04 23.51
C CYS B 134 18.58 9.49 23.06
N ILE B 135 17.37 9.87 22.64
CA ILE B 135 17.18 11.24 22.18
C ILE B 135 17.06 12.20 23.36
N VAL B 136 16.57 11.76 24.51
CA VAL B 136 16.64 12.59 25.71
C VAL B 136 18.09 12.78 26.14
N PHE B 137 18.89 11.72 26.05
CA PHE B 137 20.31 11.82 26.36
C PHE B 137 21.00 12.79 25.40
N ALA B 138 20.65 12.72 24.11
CA ALA B 138 21.19 13.65 23.13
C ALA B 138 20.77 15.08 23.40
N TYR B 139 19.51 15.29 23.82
CA TYR B 139 19.05 16.63 24.16
C TYR B 139 19.80 17.19 25.35
N ILE B 140 20.02 16.38 26.38
CA ILE B 140 20.78 16.82 27.55
C ILE B 140 22.22 17.14 27.16
N GLY B 141 22.82 16.29 26.33
CA GLY B 141 24.20 16.53 25.91
C GLY B 141 24.35 17.78 25.07
N VAL B 142 23.43 18.02 24.13
CA VAL B 142 23.54 19.21 23.30
C VAL B 142 23.23 20.45 24.12
N SER B 143 22.37 20.35 25.13
CA SER B 143 22.15 21.48 26.04
C SER B 143 23.41 21.79 26.84
N VAL B 144 24.10 20.76 27.31
CA VAL B 144 25.35 20.96 28.06
C VAL B 144 26.41 21.60 27.18
N VAL B 145 26.56 21.11 25.94
CA VAL B 145 27.58 21.65 25.05
C VAL B 145 27.23 23.08 24.64
N LEU B 146 25.94 23.37 24.42
CA LEU B 146 25.53 24.73 24.09
C LEU B 146 25.77 25.69 25.25
N PHE B 147 25.50 25.24 26.48
CA PHE B 147 25.75 26.07 27.65
C PHE B 147 27.25 26.32 27.79
N LEU B 148 28.07 25.29 27.55
CA LEU B 148 29.52 25.44 27.61
C LEU B 148 30.02 26.44 26.58
N VAL B 149 29.49 26.36 25.36
CA VAL B 149 29.88 27.30 24.30
C VAL B 149 29.46 28.73 24.66
N SER B 150 28.25 28.90 25.19
CA SER B 150 27.74 30.23 25.49
C SER B 150 28.45 30.86 26.69
N ARG B 151 28.88 30.04 27.66
CA ARG B 151 29.43 30.56 28.90
C ARG B 151 30.96 30.56 28.90
N PHE B 152 31.58 29.39 28.72
CA PHE B 152 33.03 29.30 28.80
C PHE B 152 33.69 30.00 27.61
N SER B 153 33.21 29.71 26.40
CA SER B 153 33.71 30.42 25.23
C SER B 153 33.05 31.80 25.13
N PRO B 154 33.79 32.82 24.70
CA PRO B 154 33.26 34.18 24.59
C PRO B 154 32.49 34.40 23.29
N ASN B 175 27.61 33.94 27.98
CA ASN B 175 27.32 35.38 28.03
C ASN B 175 26.05 35.65 28.82
N GLU B 176 25.05 36.21 28.14
CA GLU B 176 23.76 36.53 28.76
C GLU B 176 22.78 35.37 28.59
N PHE B 177 23.21 34.20 29.06
CA PHE B 177 22.39 32.98 28.97
C PHE B 177 22.81 32.03 30.07
N GLY B 178 21.89 31.73 30.98
CA GLY B 178 22.14 30.77 32.04
C GLY B 178 21.83 29.35 31.61
N ILE B 179 21.67 28.47 32.60
CA ILE B 179 21.31 27.09 32.31
C ILE B 179 19.89 27.00 31.77
N PHE B 180 18.98 27.82 32.31
CA PHE B 180 17.59 27.81 31.83
C PHE B 180 17.50 28.35 30.41
N ASN B 181 18.23 29.42 30.11
CA ASN B 181 18.25 29.96 28.75
C ASN B 181 18.84 28.96 27.78
N SER B 182 19.91 28.26 28.18
CA SER B 182 20.52 27.27 27.31
C SER B 182 19.59 26.10 27.05
N LEU B 183 18.90 25.61 28.07
CA LEU B 183 18.00 24.48 27.86
C LEU B 183 16.79 24.88 27.04
N TRP B 184 16.30 26.12 27.22
CA TRP B 184 15.22 26.60 26.36
C TRP B 184 15.68 26.75 24.91
N PHE B 185 16.91 27.22 24.71
CA PHE B 185 17.46 27.32 23.36
C PHE B 185 17.57 25.95 22.72
N SER B 186 18.00 24.95 23.49
CA SER B 186 18.09 23.59 22.96
C SER B 186 16.72 23.00 22.68
N LEU B 187 15.73 23.32 23.53
CA LEU B 187 14.37 22.83 23.30
C LEU B 187 13.76 23.42 22.05
N GLY B 188 13.91 24.73 21.85
CA GLY B 188 13.46 25.35 20.62
C GLY B 188 14.26 24.89 19.41
N ALA B 189 15.53 24.54 19.61
CA ALA B 189 16.34 23.94 18.57
C ALA B 189 15.81 22.57 18.18
N PHE B 190 15.30 21.81 19.15
CA PHE B 190 14.77 20.47 18.90
C PHE B 190 13.48 20.50 18.09
N MET B 191 12.81 21.65 18.00
CA MET B 191 11.44 21.70 17.53
C MET B 191 11.25 22.55 16.27
N GLN B 192 12.33 22.71 15.49
CA GLN B 192 12.31 23.31 14.14
C GLN B 192 11.47 24.59 14.05
N GLN B 193 11.67 25.47 15.03
CA GLN B 193 10.94 26.74 15.08
C GLN B 193 11.83 27.97 14.99
N GLY B 194 13.03 27.94 15.55
CA GLY B 194 13.89 29.10 15.56
C GLY B 194 14.34 29.51 16.94
N CYS B 195 14.73 30.77 17.11
CA CYS B 195 15.17 31.27 18.40
C CYS B 195 14.90 32.77 18.47
N ASP B 196 14.87 33.29 19.69
CA ASP B 196 14.63 34.72 19.88
C ASP B 196 15.85 35.55 19.50
N ILE B 197 17.04 35.08 19.86
CA ILE B 197 18.28 35.78 19.56
C ILE B 197 19.37 34.76 19.31
N SER B 198 20.18 34.99 18.28
CA SER B 198 21.28 34.10 17.95
C SER B 198 22.46 34.36 18.87
N PRO B 199 23.25 33.33 19.18
CA PRO B 199 24.50 33.55 19.93
C PRO B 199 25.51 34.41 19.19
N ARG B 200 25.42 34.48 17.86
CA ARG B 200 26.27 35.31 17.00
C ARG B 200 27.75 34.96 17.19
N SER B 201 28.08 33.70 16.89
CA SER B 201 29.44 33.21 17.00
C SER B 201 29.70 32.18 15.91
N LEU B 202 30.99 32.02 15.60
CA LEU B 202 31.41 31.02 14.62
C LEU B 202 31.45 29.61 15.21
N SER B 203 31.38 29.48 16.53
CA SER B 203 31.49 28.19 17.20
C SER B 203 30.14 27.47 17.31
N GLY B 204 29.10 28.18 17.73
CA GLY B 204 27.82 27.56 17.97
C GLY B 204 27.01 27.24 16.73
N ARG B 205 27.37 27.81 15.58
CA ARG B 205 26.59 27.62 14.36
C ARG B 205 26.60 26.16 13.92
N ILE B 206 27.77 25.51 13.97
CA ILE B 206 27.88 24.14 13.47
C ILE B 206 27.13 23.17 14.39
N VAL B 207 27.27 23.35 15.71
CA VAL B 207 26.59 22.45 16.64
C VAL B 207 25.08 22.65 16.58
N GLY B 208 24.63 23.91 16.46
CA GLY B 208 23.21 24.15 16.27
C GLY B 208 22.70 23.54 14.98
N GLY B 209 23.49 23.63 13.91
CA GLY B 209 23.09 23.05 12.65
C GLY B 209 22.97 21.54 12.67
N VAL B 210 23.95 20.86 13.28
CA VAL B 210 23.87 19.41 13.34
C VAL B 210 22.75 18.96 14.28
N TRP B 211 22.47 19.72 15.35
CA TRP B 211 21.34 19.36 16.20
C TRP B 211 20.01 19.56 15.49
N TRP B 212 19.87 20.65 14.73
CA TRP B 212 18.66 20.86 13.95
C TRP B 212 18.50 19.76 12.90
N PHE B 213 19.60 19.36 12.26
CA PHE B 213 19.55 18.30 11.27
C PHE B 213 19.08 17.00 11.89
N PHE B 214 19.63 16.66 13.06
CA PHE B 214 19.25 15.43 13.74
C PHE B 214 17.77 15.45 14.13
N THR B 215 17.28 16.59 14.67
CA THR B 215 15.89 16.59 15.12
C THR B 215 14.92 16.61 13.95
N LEU B 216 15.25 17.28 12.83
CA LEU B 216 14.34 17.24 11.69
C LEU B 216 14.33 15.87 11.04
N ILE B 217 15.49 15.20 11.00
CA ILE B 217 15.54 13.83 10.50
C ILE B 217 14.68 12.92 11.38
N ILE B 218 14.76 13.11 12.70
CA ILE B 218 13.94 12.32 13.63
C ILE B 218 12.46 12.56 13.40
N ILE B 219 12.07 13.83 13.22
CA ILE B 219 10.65 14.14 13.05
C ILE B 219 10.12 13.61 11.73
N SER B 220 10.89 13.76 10.65
CA SER B 220 10.49 13.22 9.36
C SER B 220 10.39 11.69 9.41
N SER B 221 11.34 11.05 10.10
CA SER B 221 11.29 9.60 10.26
C SER B 221 10.07 9.18 11.06
N TYR B 222 9.70 9.95 12.08
CA TYR B 222 8.50 9.64 12.86
C TYR B 222 7.24 9.76 12.02
N THR B 223 7.15 10.82 11.20
CA THR B 223 5.98 10.99 10.34
C THR B 223 5.87 9.88 9.32
N ALA B 224 7.00 9.52 8.69
CA ALA B 224 6.99 8.41 7.73
C ALA B 224 6.66 7.09 8.40
N ASN B 225 7.18 6.87 9.62
CA ASN B 225 6.92 5.63 10.35
C ASN B 225 5.45 5.50 10.70
N LEU B 226 4.82 6.60 11.15
CA LEU B 226 3.41 6.53 11.48
C LEU B 226 2.55 6.38 10.23
N ALA B 227 2.97 6.99 9.11
CA ALA B 227 2.26 6.78 7.85
C ALA B 227 2.31 5.32 7.42
N ALA B 228 3.49 4.70 7.52
CA ALA B 228 3.61 3.28 7.17
C ALA B 228 2.86 2.40 8.16
N PHE B 229 2.80 2.81 9.43
CA PHE B 229 2.05 2.06 10.43
C PHE B 229 0.56 2.10 10.14
N LEU B 230 0.06 3.24 9.65
CA LEU B 230 -1.37 3.43 9.48
C LEU B 230 -1.89 3.02 8.10
N THR B 231 -1.02 2.93 7.09
CA THR B 231 -1.53 2.61 5.76
C THR B 231 -1.94 1.14 5.66
N VAL B 232 -1.21 0.24 6.32
CA VAL B 232 -1.53 -1.19 6.32
C VAL B 232 -1.38 -1.72 7.75
N GLU B 233 -2.00 -2.87 7.98
CA GLU B 233 -2.00 -3.51 9.29
C GLU B 233 -1.73 -5.00 9.13
N ARG B 234 -1.10 -5.60 10.13
CA ARG B 234 -0.62 -6.97 10.02
C ARG B 234 -1.26 -7.94 10.98
N MET B 235 -1.58 -7.51 12.21
CA MET B 235 -2.11 -8.37 13.29
C MET B 235 -1.17 -9.54 13.57
N VAL B 236 0.01 -9.20 14.09
CA VAL B 236 0.98 -10.21 14.47
C VAL B 236 0.43 -11.04 15.64
N SER B 237 0.68 -12.34 15.59
CA SER B 237 0.17 -13.24 16.61
C SER B 237 0.96 -13.05 17.92
N PRO B 238 0.27 -13.04 19.06
CA PRO B 238 1.00 -12.96 20.34
C PRO B 238 1.90 -14.15 20.62
N ILE B 239 1.52 -15.35 20.16
CA ILE B 239 2.30 -16.56 20.38
C ILE B 239 2.49 -17.27 19.04
N GLU B 240 3.52 -18.11 18.99
CA GLU B 240 3.83 -18.85 17.77
C GLU B 240 4.15 -20.33 17.99
N SER B 241 4.39 -20.77 19.22
CA SER B 241 4.74 -22.16 19.47
C SER B 241 4.33 -22.55 20.88
N ALA B 242 4.25 -23.87 21.11
CA ALA B 242 3.86 -24.37 22.43
C ALA B 242 4.92 -24.09 23.48
N GLU B 243 6.20 -24.15 23.09
CA GLU B 243 7.28 -23.85 24.03
C GLU B 243 7.22 -22.39 24.50
N ASP B 244 7.03 -21.46 23.55
CA ASP B 244 6.85 -20.06 23.93
C ASP B 244 5.57 -19.85 24.71
N LEU B 245 4.52 -20.63 24.41
CA LEU B 245 3.27 -20.54 25.16
C LEU B 245 3.47 -20.95 26.61
N ALA B 246 4.27 -21.99 26.86
CA ALA B 246 4.57 -22.36 28.24
C ALA B 246 5.54 -21.37 28.89
N LYS B 247 6.43 -20.78 28.10
CA LYS B 247 7.44 -19.88 28.67
C LYS B 247 6.88 -18.52 29.06
N GLN B 248 5.88 -18.01 28.33
CA GLN B 248 5.39 -16.66 28.60
C GLN B 248 4.68 -16.58 29.95
N THR B 249 3.85 -17.58 30.26
CA THR B 249 3.13 -17.70 31.54
C THR B 249 2.34 -16.42 31.84
N GLU B 250 1.48 -16.05 30.88
CA GLU B 250 0.56 -14.93 31.08
C GLU B 250 -0.84 -15.20 30.55
N ILE B 251 -1.06 -16.27 29.80
CA ILE B 251 -2.37 -16.59 29.23
C ILE B 251 -2.80 -17.93 29.82
N ALA B 252 -4.04 -17.99 30.29
CA ALA B 252 -4.57 -19.22 30.87
C ALA B 252 -4.71 -20.29 29.81
N TYR B 253 -4.56 -21.54 30.23
CA TYR B 253 -4.63 -22.68 29.32
C TYR B 253 -5.45 -23.79 29.94
N GLY B 254 -6.28 -24.43 29.13
CA GLY B 254 -7.06 -25.58 29.56
C GLY B 254 -7.25 -26.56 28.43
N THR B 255 -6.88 -27.83 28.65
CA THR B 255 -6.96 -28.81 27.58
C THR B 255 -8.37 -29.37 27.46
N LEU B 256 -8.81 -30.12 28.47
CA LEU B 256 -10.10 -30.79 28.54
C LEU B 256 -10.13 -31.50 29.89
N ASP B 257 -11.35 -31.79 30.37
CA ASP B 257 -11.49 -32.43 31.67
C ASP B 257 -10.96 -33.86 31.65
N SER B 258 -11.31 -34.63 30.63
CA SER B 258 -10.81 -35.98 30.46
C SER B 258 -10.92 -36.37 29.00
N GLY B 259 -10.05 -37.29 28.58
CA GLY B 259 -10.02 -37.74 27.21
C GLY B 259 -8.60 -38.06 26.80
N SER B 260 -8.40 -38.15 25.49
CA SER B 260 -7.08 -38.51 24.95
C SER B 260 -6.05 -37.42 25.24
N THR B 261 -6.42 -36.15 25.08
CA THR B 261 -5.47 -35.07 25.32
C THR B 261 -5.07 -35.00 26.79
N LYS B 262 -6.03 -35.15 27.70
CA LYS B 262 -5.74 -35.12 29.13
C LYS B 262 -4.85 -36.30 29.53
N GLU B 263 -5.13 -37.49 28.99
CA GLU B 263 -4.31 -38.65 29.30
C GLU B 263 -2.89 -38.50 28.73
N PHE B 264 -2.77 -37.93 27.54
CA PHE B 264 -1.45 -37.70 26.95
C PHE B 264 -0.66 -36.67 27.75
N PHE B 265 -1.33 -35.60 28.21
CA PHE B 265 -0.63 -34.59 29.01
C PHE B 265 -0.26 -35.11 30.39
N ARG B 266 -1.09 -36.00 30.96
CA ARG B 266 -0.81 -36.52 32.29
C ARG B 266 0.29 -37.56 32.31
N ARG B 267 0.63 -38.15 31.15
CA ARG B 267 1.62 -39.21 31.07
C ARG B 267 2.60 -38.94 29.93
N SER B 268 3.10 -37.72 29.86
CA SER B 268 4.07 -37.35 28.83
C SER B 268 5.49 -37.52 29.34
N LYS B 269 6.45 -37.43 28.42
CA LYS B 269 7.86 -37.60 28.74
C LYS B 269 8.75 -36.46 28.29
N ILE B 270 8.32 -35.62 27.35
CA ILE B 270 9.11 -34.49 26.92
C ILE B 270 9.21 -33.47 28.06
N ALA B 271 10.38 -32.86 28.20
CA ALA B 271 10.71 -32.09 29.40
C ALA B 271 9.77 -30.91 29.62
N VAL B 272 9.42 -30.19 28.54
CA VAL B 272 8.53 -29.05 28.69
C VAL B 272 7.10 -29.47 29.04
N TYR B 273 6.74 -30.72 28.74
CA TYR B 273 5.37 -31.18 29.01
C TYR B 273 5.14 -31.39 30.50
N GLU B 274 6.16 -31.81 31.25
CA GLU B 274 5.99 -31.92 32.69
C GLU B 274 5.81 -30.55 33.33
N LYS B 275 6.53 -29.53 32.83
CA LYS B 275 6.31 -28.17 33.30
C LYS B 275 4.91 -27.68 32.95
N MET B 276 4.45 -28.02 31.74
CA MET B 276 3.10 -27.64 31.32
C MET B 276 2.05 -28.30 32.20
N TRP B 277 2.26 -29.58 32.55
CA TRP B 277 1.36 -30.30 33.44
C TRP B 277 1.35 -29.70 34.84
N THR B 278 2.52 -29.32 35.36
CA THR B 278 2.56 -28.66 36.66
C THR B 278 1.88 -27.29 36.60
N TYR B 279 1.90 -26.64 35.45
CA TYR B 279 1.14 -25.40 35.29
C TYR B 279 -0.37 -25.67 35.36
N MET B 280 -0.83 -26.76 34.75
CA MET B 280 -2.22 -27.17 34.96
C MET B 280 -2.51 -27.56 36.41
N ARG B 281 -1.49 -28.01 37.14
CA ARG B 281 -1.71 -28.37 38.54
C ARG B 281 -2.08 -27.16 39.37
N SER B 282 -1.42 -26.02 39.14
CA SER B 282 -1.73 -24.78 39.85
C SER B 282 -2.66 -23.89 39.02
N ALA B 283 -3.84 -24.43 38.72
CA ALA B 283 -4.85 -23.74 37.92
C ALA B 283 -5.99 -23.32 38.83
N GLU B 284 -6.14 -22.02 39.05
CA GLU B 284 -7.19 -21.49 39.92
C GLU B 284 -8.58 -21.50 39.29
N PRO B 285 -8.85 -20.80 38.13
CA PRO B 285 -10.23 -20.55 37.69
C PRO B 285 -10.83 -21.69 36.87
N SER B 286 -10.62 -22.93 37.32
CA SER B 286 -11.29 -24.11 36.79
C SER B 286 -11.10 -24.26 35.27
N VAL B 287 -9.84 -24.47 34.87
CA VAL B 287 -9.52 -24.59 33.44
C VAL B 287 -10.02 -25.89 32.83
N PHE B 288 -10.43 -26.86 33.65
CA PHE B 288 -10.91 -28.15 33.15
C PHE B 288 -12.35 -27.97 32.69
N THR B 289 -12.54 -27.84 31.38
CA THR B 289 -13.85 -27.62 30.80
C THR B 289 -14.52 -28.96 30.51
N ARG B 290 -15.79 -29.07 30.88
CA ARG B 290 -16.51 -30.35 30.78
C ARG B 290 -16.73 -30.76 29.33
N THR B 291 -17.16 -29.82 28.48
CA THR B 291 -17.50 -30.13 27.10
C THR B 291 -16.76 -29.19 26.16
N THR B 292 -16.52 -29.67 24.94
CA THR B 292 -15.79 -28.86 23.97
C THR B 292 -16.61 -27.67 23.49
N ALA B 293 -17.94 -27.78 23.52
CA ALA B 293 -18.78 -26.63 23.17
C ALA B 293 -18.63 -25.50 24.18
N GLU B 294 -18.60 -25.84 25.48
CA GLU B 294 -18.36 -24.83 26.50
C GLU B 294 -16.97 -24.23 26.35
N GLY B 295 -15.98 -25.05 25.99
CA GLY B 295 -14.64 -24.54 25.80
C GLY B 295 -14.53 -23.57 24.64
N VAL B 296 -15.14 -23.90 23.50
CA VAL B 296 -15.07 -23.00 22.36
C VAL B 296 -15.90 -21.74 22.61
N ALA B 297 -17.01 -21.86 23.34
CA ALA B 297 -17.78 -20.67 23.71
C ALA B 297 -16.98 -19.77 24.64
N ARG B 298 -16.25 -20.36 25.59
CA ARG B 298 -15.43 -19.57 26.51
C ARG B 298 -14.27 -18.90 25.79
N VAL B 299 -13.64 -19.59 24.84
CA VAL B 299 -12.50 -18.99 24.15
C VAL B 299 -12.98 -17.96 23.13
N ARG B 300 -14.21 -18.08 22.64
CA ARG B 300 -14.76 -17.07 21.76
C ARG B 300 -15.39 -15.90 22.51
N LYS B 301 -15.66 -16.05 23.80
CA LYS B 301 -16.26 -14.97 24.58
C LYS B 301 -15.21 -13.96 25.01
N SER B 302 -14.12 -14.43 25.61
CA SER B 302 -13.04 -13.57 26.10
C SER B 302 -11.78 -13.84 25.30
N LYS B 303 -11.18 -12.78 24.78
CA LYS B 303 -9.96 -12.88 23.99
C LYS B 303 -8.70 -12.51 24.75
N GLY B 304 -8.83 -12.00 25.98
CA GLY B 304 -7.66 -11.59 26.73
C GLY B 304 -6.83 -12.74 27.23
N LYS B 305 -7.46 -13.87 27.51
CA LYS B 305 -6.77 -15.03 28.06
C LYS B 305 -7.59 -16.28 27.75
N PHE B 306 -7.25 -17.39 28.42
CA PHE B 306 -7.95 -18.67 28.31
C PHE B 306 -7.94 -19.21 26.88
N ALA B 307 -6.73 -19.45 26.38
CA ALA B 307 -6.57 -20.13 25.10
C ALA B 307 -6.79 -21.63 25.28
N PHE B 308 -7.28 -22.28 24.23
CA PHE B 308 -7.71 -23.67 24.33
C PHE B 308 -6.71 -24.61 23.65
N LEU B 309 -6.85 -25.90 23.99
CA LEU B 309 -6.07 -26.98 23.37
C LEU B 309 -7.05 -28.02 22.86
N LEU B 310 -6.92 -28.41 21.59
CA LEU B 310 -7.92 -29.26 20.98
C LEU B 310 -7.32 -29.95 19.76
N GLU B 311 -8.04 -30.96 19.27
CA GLU B 311 -7.59 -31.69 18.09
C GLU B 311 -7.62 -30.80 16.85
N SER B 312 -6.76 -31.16 15.88
CA SER B 312 -6.60 -30.31 14.70
C SER B 312 -7.85 -30.30 13.83
N THR B 313 -8.52 -31.43 13.69
CA THR B 313 -9.70 -31.49 12.82
C THR B 313 -10.85 -30.67 13.39
N MET B 314 -11.04 -30.68 14.71
CA MET B 314 -12.10 -29.88 15.31
C MET B 314 -11.77 -28.39 15.22
N ASN B 315 -10.50 -28.03 15.38
CA ASN B 315 -10.08 -26.64 15.23
C ASN B 315 -10.30 -26.17 13.81
N GLU B 316 -9.96 -26.99 12.81
CA GLU B 316 -10.18 -26.60 11.42
C GLU B 316 -11.67 -26.56 11.09
N TYR B 317 -12.49 -27.38 11.75
CA TYR B 317 -13.92 -27.29 11.56
C TYR B 317 -14.48 -26.00 12.14
N THR B 318 -14.02 -25.61 13.34
CA THR B 318 -14.46 -24.35 13.93
C THR B 318 -13.89 -23.14 13.21
N GLU B 319 -12.82 -23.33 12.42
CA GLU B 319 -12.26 -22.24 11.63
C GLU B 319 -13.23 -21.77 10.55
N GLN B 320 -14.18 -22.61 10.14
CA GLN B 320 -15.14 -22.27 9.10
C GLN B 320 -16.57 -22.28 9.65
N ARG B 321 -16.75 -21.70 10.85
CA ARG B 321 -18.04 -21.62 11.50
C ARG B 321 -18.42 -20.17 11.72
N LYS B 322 -19.72 -19.88 11.56
CA LYS B 322 -20.35 -18.56 11.47
C LYS B 322 -19.81 -17.45 12.38
N PRO B 323 -19.42 -17.73 13.64
CA PRO B 323 -18.74 -16.65 14.40
C PRO B 323 -17.46 -16.15 13.76
N CYS B 324 -16.69 -17.04 13.12
CA CYS B 324 -15.44 -16.70 12.41
C CYS B 324 -14.43 -16.00 13.32
N ASP B 325 -14.30 -16.47 14.57
CA ASP B 325 -13.31 -15.90 15.50
C ASP B 325 -12.52 -17.06 16.13
N THR B 326 -11.48 -17.50 15.42
CA THR B 326 -10.55 -18.51 15.89
C THR B 326 -9.38 -18.58 14.91
N MET B 327 -8.22 -19.02 15.42
CA MET B 327 -7.02 -19.12 14.61
C MET B 327 -6.04 -20.04 15.31
N LYS B 328 -5.55 -21.05 14.59
CA LYS B 328 -4.53 -21.94 15.13
C LYS B 328 -3.15 -21.39 14.82
N VAL B 329 -2.16 -21.85 15.60
CA VAL B 329 -0.79 -21.37 15.49
C VAL B 329 0.13 -22.42 14.86
N GLY B 330 -0.38 -23.60 14.55
CA GLY B 330 0.43 -24.66 13.98
C GLY B 330 1.16 -25.47 15.04
N GLY B 331 1.83 -26.51 14.57
CA GLY B 331 2.54 -27.41 15.45
C GLY B 331 1.65 -28.50 16.00
N ASN B 332 2.11 -29.75 15.91
CA ASN B 332 1.34 -30.91 16.35
C ASN B 332 1.99 -31.47 17.61
N LEU B 333 1.27 -31.39 18.73
CA LEU B 333 1.79 -31.95 19.98
C LEU B 333 1.87 -33.47 19.93
N ASP B 334 0.85 -34.12 19.35
CA ASP B 334 0.81 -35.56 19.24
C ASP B 334 0.39 -35.94 17.82
N SER B 335 0.94 -37.05 17.33
CA SER B 335 0.67 -37.53 15.97
C SER B 335 -0.02 -38.88 16.04
N LYS B 336 -1.17 -38.99 15.41
CA LYS B 336 -1.88 -40.25 15.24
C LYS B 336 -2.78 -40.11 14.02
N GLY B 337 -3.71 -41.05 13.85
CA GLY B 337 -4.56 -41.01 12.68
C GLY B 337 -5.85 -41.78 12.86
N TYR B 338 -6.78 -41.52 11.95
CA TYR B 338 -8.06 -42.22 11.91
C TYR B 338 -7.97 -43.40 10.95
N GLY B 339 -8.39 -44.58 11.42
CA GLY B 339 -8.28 -45.80 10.65
C GLY B 339 -9.63 -46.50 10.51
N VAL B 340 -9.67 -47.43 9.57
CA VAL B 340 -10.85 -48.26 9.33
C VAL B 340 -10.74 -49.51 10.16
N ALA B 341 -11.79 -49.83 10.92
CA ALA B 341 -11.80 -50.93 11.85
C ALA B 341 -12.65 -52.07 11.30
N THR B 342 -12.11 -53.29 11.36
CA THR B 342 -12.80 -54.50 10.93
C THR B 342 -12.64 -55.58 11.98
N PRO B 343 -13.64 -56.44 12.16
CA PRO B 343 -13.55 -57.51 13.15
C PRO B 343 -12.72 -58.68 12.65
N LYS B 344 -11.54 -58.86 13.25
CA LYS B 344 -10.64 -59.99 12.99
C LYS B 344 -10.21 -60.08 11.53
N GLY B 345 -9.69 -61.24 11.14
CA GLY B 345 -9.24 -61.47 9.78
C GLY B 345 -10.30 -62.22 8.98
N SER B 346 -10.49 -61.79 7.73
CA SER B 346 -11.45 -62.40 6.84
C SER B 346 -11.01 -62.13 5.41
N SER B 347 -11.90 -62.41 4.46
CA SER B 347 -11.61 -62.17 3.05
C SER B 347 -11.79 -60.71 2.64
N LEU B 348 -12.31 -59.87 3.54
CA LEU B 348 -12.56 -58.47 3.24
C LEU B 348 -11.53 -57.53 3.86
N ARG B 349 -10.72 -58.01 4.82
CA ARG B 349 -9.75 -57.14 5.47
C ARG B 349 -8.70 -56.65 4.50
N THR B 350 -8.09 -57.57 3.74
CA THR B 350 -7.08 -57.17 2.76
C THR B 350 -7.68 -56.30 1.67
N PRO B 351 -8.91 -56.63 1.23
CA PRO B 351 -9.56 -55.84 0.19
C PRO B 351 -9.82 -54.41 0.63
N VAL B 352 -10.34 -54.23 1.85
CA VAL B 352 -10.61 -52.88 2.33
C VAL B 352 -9.31 -52.15 2.62
N ASN B 353 -8.26 -52.87 3.05
CA ASN B 353 -6.97 -52.22 3.27
C ASN B 353 -6.38 -51.69 1.98
N LEU B 354 -6.40 -52.51 0.92
CA LEU B 354 -5.88 -52.05 -0.36
C LEU B 354 -6.77 -50.96 -0.96
N ALA B 355 -8.08 -51.01 -0.72
CA ALA B 355 -8.96 -49.95 -1.20
C ALA B 355 -8.66 -48.62 -0.53
N VAL B 356 -8.48 -48.63 0.80
CA VAL B 356 -8.15 -47.40 1.51
C VAL B 356 -6.78 -46.88 1.08
N LEU B 357 -5.81 -47.79 0.89
CA LEU B 357 -4.49 -47.36 0.44
C LEU B 357 -4.53 -46.76 -0.96
N LYS B 358 -5.30 -47.36 -1.87
CA LYS B 358 -5.41 -46.84 -3.22
C LYS B 358 -6.10 -45.49 -3.25
N LEU B 359 -7.16 -45.31 -2.42
CA LEU B 359 -7.82 -44.02 -2.36
C LEU B 359 -6.95 -42.96 -1.69
N SER B 360 -6.09 -43.37 -0.75
CA SER B 360 -5.21 -42.41 -0.08
C SER B 360 -4.07 -41.97 -1.01
N GLU B 361 -3.54 -42.91 -1.80
CA GLU B 361 -2.49 -42.55 -2.76
C GLU B 361 -3.02 -41.61 -3.83
N ALA B 362 -4.21 -41.90 -4.36
CA ALA B 362 -4.84 -41.01 -5.33
C ALA B 362 -5.36 -39.75 -4.63
N GLY B 363 -5.52 -38.69 -5.40
CA GLY B 363 -6.02 -37.45 -4.86
C GLY B 363 -7.51 -37.39 -4.64
N VAL B 364 -8.25 -38.46 -4.94
CA VAL B 364 -9.70 -38.46 -4.78
C VAL B 364 -10.09 -38.28 -3.32
N LEU B 365 -9.39 -38.95 -2.41
CA LEU B 365 -9.62 -38.72 -0.98
C LEU B 365 -9.30 -37.29 -0.59
N ASP B 366 -8.17 -36.76 -1.08
CA ASP B 366 -7.84 -35.36 -0.84
C ASP B 366 -8.82 -34.43 -1.53
N LYS B 367 -9.33 -34.81 -2.71
CA LYS B 367 -10.33 -34.00 -3.39
C LYS B 367 -11.60 -33.90 -2.55
N LEU B 368 -12.08 -35.03 -2.03
CA LEU B 368 -13.25 -35.02 -1.17
C LEU B 368 -13.02 -34.22 0.10
N LYS B 369 -11.83 -34.39 0.71
CA LYS B 369 -11.52 -33.66 1.94
C LYS B 369 -11.54 -32.16 1.70
N ASN B 370 -10.82 -31.70 0.67
CA ASN B 370 -10.77 -30.28 0.38
C ASN B 370 -12.13 -29.72 -0.01
N LYS B 371 -12.89 -30.46 -0.82
CA LYS B 371 -14.20 -29.99 -1.25
C LYS B 371 -15.16 -29.85 -0.07
N TRP B 372 -15.27 -30.90 0.75
CA TRP B 372 -16.20 -30.86 1.87
C TRP B 372 -15.73 -29.96 2.99
N TRP B 373 -14.44 -29.60 3.03
CA TRP B 373 -13.97 -28.73 4.10
C TRP B 373 -13.92 -27.27 3.70
N TYR B 374 -13.86 -26.96 2.42
CA TYR B 374 -13.79 -25.56 1.98
C TYR B 374 -15.07 -25.06 1.33
N ASP B 375 -15.88 -25.94 0.73
CA ASP B 375 -17.15 -25.50 0.15
C ASP B 375 -18.22 -25.26 1.21
N LYS B 376 -18.06 -25.84 2.40
CA LYS B 376 -19.02 -25.65 3.48
C LYS B 376 -18.66 -24.49 4.40
N GLY B 377 -17.58 -23.77 4.10
CA GLY B 377 -17.13 -22.66 4.93
C GLY B 377 -17.22 -21.35 4.17
N GLU B 378 -17.59 -20.29 4.89
CA GLU B 378 -17.66 -18.96 4.34
C GLU B 378 -16.73 -17.98 5.04
N CYS B 379 -16.19 -18.35 6.20
CA CYS B 379 -15.38 -17.43 6.98
C CYS B 379 -14.03 -17.19 6.31
N GLY B 380 -13.46 -18.23 5.69
CA GLY B 380 -12.17 -18.17 5.07
C GLY B 380 -12.13 -17.60 3.67
N PRO B 381 -13.29 -17.23 3.11
CA PRO B 381 -13.30 -16.64 1.77
C PRO B 381 -12.57 -15.30 1.76
N LYS B 382 -12.74 -14.49 2.80
CA LYS B 382 -12.00 -13.24 2.95
C LYS B 382 -10.65 -13.56 3.58
N ASP B 383 -9.73 -14.01 2.72
CA ASP B 383 -8.39 -14.38 3.17
C ASP B 383 -7.59 -13.14 3.55
N SER B 384 -6.51 -13.38 4.29
CA SER B 384 -5.60 -12.35 4.79
C SER B 384 -6.34 -11.29 5.60
N GLY B 385 -6.46 -10.07 5.06
CA GLY B 385 -7.14 -9.01 5.76
C GLY B 385 -7.96 -8.16 4.80
N SER B 386 -8.85 -7.36 5.38
CA SER B 386 -9.71 -6.47 4.62
C SER B 386 -9.14 -5.06 4.66
N LYS B 387 -8.90 -4.49 3.48
CA LYS B 387 -8.33 -3.15 3.38
C LYS B 387 -9.38 -2.05 3.35
N ASP B 388 -10.67 -2.41 3.34
CA ASP B 388 -11.74 -1.42 3.30
C ASP B 388 -12.22 -1.05 4.70
N LYS B 389 -11.27 -0.69 5.57
CA LYS B 389 -11.60 -0.24 6.92
C LYS B 389 -10.52 0.75 7.36
N THR B 390 -10.80 2.03 7.14
CA THR B 390 -9.86 3.10 7.46
C THR B 390 -10.41 4.07 8.49
N SER B 391 -11.59 4.63 8.25
CA SER B 391 -12.25 5.63 9.11
C SER B 391 -11.30 6.82 9.24
N ALA B 392 -10.99 7.29 10.45
CA ALA B 392 -10.07 8.39 10.66
C ALA B 392 -9.27 8.10 11.92
N LEU B 393 -8.55 9.11 12.41
CA LEU B 393 -7.86 8.97 13.68
C LEU B 393 -8.83 9.01 14.84
N SER B 394 -9.41 7.85 15.16
CA SER B 394 -10.19 7.72 16.37
C SER B 394 -9.29 7.82 17.59
N LEU B 395 -9.92 7.86 18.77
CA LEU B 395 -9.17 8.08 19.99
C LEU B 395 -8.27 6.91 20.36
N SER B 396 -8.40 5.75 19.72
CA SER B 396 -7.52 4.62 20.03
C SER B 396 -6.07 4.93 19.69
N ASN B 397 -5.83 5.53 18.52
CA ASN B 397 -4.49 5.97 18.15
C ASN B 397 -4.15 7.34 18.74
N VAL B 398 -5.13 8.02 19.33
CA VAL B 398 -4.95 9.37 19.86
C VAL B 398 -4.91 9.37 21.38
N ALA B 399 -5.31 8.27 22.04
CA ALA B 399 -5.30 8.20 23.49
C ALA B 399 -3.93 8.46 24.06
N GLY B 400 -2.88 7.92 23.44
CA GLY B 400 -1.53 8.25 23.85
C GLY B 400 -1.22 9.72 23.63
N VAL B 401 -1.69 10.28 22.51
CA VAL B 401 -1.39 11.67 22.17
C VAL B 401 -2.04 12.62 23.17
N PHE B 402 -3.33 12.43 23.44
CA PHE B 402 -3.98 13.30 24.43
C PHE B 402 -3.58 12.98 25.87
N TYR B 403 -3.16 11.75 26.17
CA TYR B 403 -2.63 11.48 27.50
C TYR B 403 -1.30 12.19 27.72
N ILE B 404 -0.42 12.17 26.70
CA ILE B 404 0.81 12.93 26.83
C ILE B 404 0.53 14.42 26.81
N LEU B 405 -0.54 14.85 26.13
CA LEU B 405 -0.99 16.24 26.22
C LEU B 405 -1.37 16.62 27.65
N VAL B 406 -2.25 15.85 28.27
CA VAL B 406 -2.74 16.23 29.60
C VAL B 406 -1.61 16.12 30.62
N GLY B 407 -0.72 15.12 30.46
CA GLY B 407 0.43 15.02 31.33
C GLY B 407 1.39 16.20 31.17
N GLY B 408 1.68 16.58 29.92
CA GLY B 408 2.58 17.69 29.69
C GLY B 408 2.04 19.01 30.17
N LEU B 409 0.75 19.28 29.92
CA LEU B 409 0.17 20.55 30.36
C LEU B 409 0.01 20.61 31.88
N GLY B 410 -0.36 19.48 32.51
CA GLY B 410 -0.42 19.47 33.96
C GLY B 410 0.94 19.64 34.61
N LEU B 411 1.96 18.94 34.09
CA LEU B 411 3.31 19.10 34.60
C LEU B 411 3.86 20.49 34.34
N ALA B 412 3.50 21.10 33.20
CA ALA B 412 3.92 22.46 32.90
C ALA B 412 3.30 23.46 33.88
N MET B 413 2.01 23.28 34.20
CA MET B 413 1.38 24.14 35.19
C MET B 413 2.01 23.95 36.57
N LEU B 414 2.33 22.70 36.92
CA LEU B 414 2.94 22.43 38.22
C LEU B 414 4.33 23.05 38.33
N VAL B 415 5.15 22.89 37.28
CA VAL B 415 6.49 23.48 37.33
C VAL B 415 6.41 24.99 37.25
N ALA B 416 5.39 25.54 36.58
CA ALA B 416 5.18 26.99 36.61
C ALA B 416 4.88 27.48 38.01
N LEU B 417 4.02 26.76 38.74
CA LEU B 417 3.71 27.14 40.11
C LEU B 417 4.93 27.06 41.01
N ILE B 418 5.69 25.97 40.90
CA ILE B 418 6.86 25.83 41.77
C ILE B 418 7.96 26.81 41.39
N GLU B 419 8.07 27.18 40.11
CA GLU B 419 9.06 28.18 39.72
C GLU B 419 8.66 29.58 40.17
N PHE B 420 7.36 29.88 40.17
CA PHE B 420 6.90 31.13 40.77
C PHE B 420 7.20 31.15 42.27
N CYS B 421 6.99 30.02 42.94
CA CYS B 421 7.34 29.95 44.36
C CYS B 421 8.83 30.10 44.58
N TYR B 422 9.65 29.62 43.63
CA TYR B 422 11.10 29.75 43.75
C TYR B 422 11.55 31.19 43.56
N LYS B 423 11.01 31.87 42.55
CA LYS B 423 11.54 33.16 42.12
C LYS B 423 10.63 34.33 42.46
N SER B 424 9.38 34.29 42.01
CA SER B 424 8.49 35.44 42.19
C SER B 424 7.42 35.18 43.25
N ARG C 1 17.09 -68.94 17.57
CA ARG C 1 18.07 -68.67 16.52
C ARG C 1 18.46 -67.20 16.50
N THR C 2 19.32 -66.83 15.55
CA THR C 2 19.77 -65.45 15.40
C THR C 2 19.04 -64.82 14.23
N TYR C 3 18.31 -63.73 14.49
CA TYR C 3 17.58 -63.04 13.45
C TYR C 3 18.41 -61.91 12.87
N ILE C 4 18.01 -61.44 11.69
CA ILE C 4 18.73 -60.42 10.96
C ILE C 4 17.82 -59.23 10.72
N VAL C 5 18.39 -58.03 10.78
CA VAL C 5 17.70 -56.80 10.41
C VAL C 5 18.52 -56.09 9.34
N THR C 6 17.88 -55.81 8.21
CA THR C 6 18.54 -55.15 7.09
C THR C 6 18.22 -53.66 7.11
N THR C 7 19.24 -52.83 6.95
CA THR C 7 19.09 -51.38 7.04
C THR C 7 19.75 -50.74 5.84
N ILE C 8 19.00 -49.85 5.18
CA ILE C 8 19.54 -49.10 4.06
C ILE C 8 20.42 -47.97 4.59
N LEU C 9 21.50 -47.67 3.86
CA LEU C 9 22.38 -46.58 4.26
C LEU C 9 21.69 -45.25 3.97
N GLU C 10 21.03 -44.69 4.98
CA GLU C 10 20.31 -43.43 4.85
C GLU C 10 20.87 -42.44 5.85
N ASP C 11 21.05 -41.19 5.40
CA ASP C 11 21.71 -40.18 6.23
C ASP C 11 20.96 -39.83 7.51
N PRO C 12 19.66 -39.51 7.52
CA PRO C 12 19.05 -39.01 8.76
C PRO C 12 18.69 -40.08 9.78
N TYR C 13 18.79 -41.36 9.44
CA TYR C 13 18.29 -42.41 10.33
C TYR C 13 19.39 -43.28 10.93
N VAL C 14 20.26 -43.86 10.11
CA VAL C 14 21.32 -44.73 10.59
C VAL C 14 22.66 -44.14 10.17
N MET C 15 23.62 -44.14 11.10
CA MET C 15 24.95 -43.60 10.84
C MET C 15 26.00 -44.67 11.08
N LEU C 16 26.86 -44.85 10.09
CA LEU C 16 28.08 -45.64 10.26
C LEU C 16 29.14 -44.70 10.83
N LYS C 17 29.58 -44.98 12.05
CA LYS C 17 30.51 -44.11 12.76
C LYS C 17 31.79 -43.91 11.98
N LYS C 18 32.15 -42.63 11.79
CA LYS C 18 33.27 -42.28 10.92
C LYS C 18 34.60 -42.80 11.46
N ASN C 19 34.67 -43.05 12.77
CA ASN C 19 35.90 -43.59 13.35
C ASN C 19 36.26 -44.96 12.80
N ALA C 20 35.24 -45.75 12.42
CA ALA C 20 35.37 -47.17 12.11
C ALA C 20 36.19 -47.88 13.18
N ASN C 21 37.15 -48.71 12.74
CA ASN C 21 38.11 -49.40 13.62
C ASN C 21 37.44 -50.10 14.80
N GLN C 22 37.59 -49.53 16.00
CA GLN C 22 37.04 -50.14 17.20
C GLN C 22 35.52 -50.00 17.21
N PHE C 23 34.89 -50.53 18.26
CA PHE C 23 33.44 -50.62 18.44
C PHE C 23 32.76 -51.40 17.32
N GLU C 24 33.50 -52.24 16.61
CA GLU C 24 32.95 -53.06 15.53
C GLU C 24 32.37 -54.34 16.12
N GLY C 25 31.24 -54.77 15.58
CA GLY C 25 30.55 -55.94 16.08
C GLY C 25 29.06 -55.68 16.26
N ASN C 26 28.59 -55.76 17.50
CA ASN C 26 27.17 -55.50 17.76
C ASN C 26 26.83 -54.03 17.55
N ASP C 27 27.64 -53.13 18.10
CA ASP C 27 27.39 -51.70 18.02
C ASP C 27 28.11 -51.06 16.83
N ARG C 28 27.91 -51.62 15.63
CA ARG C 28 28.52 -51.05 14.43
C ARG C 28 27.82 -49.79 13.95
N TYR C 29 26.55 -49.60 14.33
CA TYR C 29 25.76 -48.48 13.86
C TYR C 29 25.13 -47.75 15.04
N GLU C 30 25.13 -46.42 14.97
CA GLU C 30 24.46 -45.57 15.94
C GLU C 30 23.50 -44.65 15.21
N GLY C 31 22.26 -44.60 15.66
CA GLY C 31 21.25 -43.81 14.98
C GLY C 31 19.86 -44.17 15.44
N TYR C 32 18.88 -43.62 14.73
CA TYR C 32 17.48 -43.82 15.09
C TYR C 32 17.03 -45.25 14.80
N CYS C 33 17.36 -45.77 13.61
CA CYS C 33 16.87 -47.07 13.19
C CYS C 33 17.47 -48.19 14.03
N VAL C 34 18.77 -48.13 14.30
CA VAL C 34 19.40 -49.19 15.10
C VAL C 34 18.93 -49.12 16.55
N GLU C 35 18.67 -47.92 17.08
CA GLU C 35 18.10 -47.82 18.42
C GLU C 35 16.69 -48.40 18.48
N LEU C 36 15.89 -48.14 17.45
CA LEU C 36 14.55 -48.73 17.40
C LEU C 36 14.62 -50.24 17.26
N ALA C 37 15.58 -50.75 16.49
CA ALA C 37 15.76 -52.19 16.37
C ALA C 37 16.19 -52.82 17.69
N ALA C 38 17.09 -52.16 18.43
CA ALA C 38 17.49 -52.66 19.74
C ALA C 38 16.31 -52.65 20.70
N GLU C 39 15.49 -51.60 20.67
CA GLU C 39 14.33 -51.53 21.54
C GLU C 39 13.31 -52.61 21.21
N ILE C 40 13.04 -52.84 19.92
CA ILE C 40 12.05 -53.85 19.55
C ILE C 40 12.58 -55.25 19.85
N ALA C 41 13.90 -55.46 19.74
CA ALA C 41 14.47 -56.76 20.09
C ALA C 41 14.45 -56.98 21.60
N LYS C 42 14.62 -55.91 22.39
CA LYS C 42 14.50 -56.05 23.84
C LYS C 42 13.05 -56.24 24.26
N HIS C 43 12.11 -55.71 23.48
CA HIS C 43 10.69 -55.81 23.84
C HIS C 43 10.12 -57.19 23.48
N VAL C 44 10.12 -57.53 22.19
CA VAL C 44 9.46 -58.77 21.80
C VAL C 44 10.35 -59.99 22.05
N GLY C 45 11.67 -59.81 21.99
CA GLY C 45 12.60 -60.85 22.38
C GLY C 45 13.19 -61.65 21.24
N TYR C 46 14.38 -61.28 20.81
CA TYR C 46 15.18 -62.02 19.83
C TYR C 46 16.57 -61.38 19.80
N SER C 47 17.43 -61.92 18.93
CA SER C 47 18.76 -61.37 18.70
C SER C 47 18.85 -60.91 17.25
N TYR C 48 19.32 -59.68 17.06
CA TYR C 48 19.36 -59.07 15.74
C TYR C 48 20.81 -58.84 15.31
N ARG C 49 21.08 -59.16 14.04
CA ARG C 49 22.36 -58.87 13.43
C ARG C 49 22.13 -57.91 12.26
N LEU C 50 22.96 -56.87 12.18
CA LEU C 50 22.78 -55.85 11.15
C LEU C 50 23.21 -56.38 9.78
N GLU C 51 22.50 -55.95 8.75
CA GLU C 51 22.81 -56.32 7.38
C GLU C 51 22.58 -55.14 6.46
N ILE C 52 23.28 -55.15 5.33
CA ILE C 52 23.18 -54.11 4.32
C ILE C 52 22.79 -54.77 3.00
N VAL C 53 21.79 -54.18 2.33
CA VAL C 53 21.30 -54.75 1.07
C VAL C 53 22.37 -54.62 -0.01
N SER C 54 22.38 -55.58 -0.94
CA SER C 54 23.47 -55.68 -1.90
C SER C 54 23.46 -54.54 -2.91
N ASP C 55 22.30 -54.26 -3.51
CA ASP C 55 22.25 -53.25 -4.56
C ASP C 55 22.22 -51.83 -4.02
N GLY C 56 21.94 -51.65 -2.73
CA GLY C 56 21.91 -50.32 -2.16
C GLY C 56 20.73 -49.48 -2.59
N LYS C 57 19.62 -50.11 -2.98
CA LYS C 57 18.43 -49.40 -3.44
C LYS C 57 17.21 -49.95 -2.74
N TYR C 58 16.17 -49.11 -2.64
CA TYR C 58 14.93 -49.53 -2.00
C TYR C 58 14.23 -50.62 -2.79
N GLY C 59 14.16 -50.45 -4.12
CA GLY C 59 13.50 -51.42 -4.96
C GLY C 59 12.00 -51.30 -4.92
N ALA C 60 11.34 -52.12 -5.74
CA ALA C 60 9.90 -52.13 -5.84
C ALA C 60 9.46 -53.46 -6.44
N ARG C 61 8.15 -53.65 -6.55
CA ARG C 61 7.56 -54.84 -7.14
C ARG C 61 6.77 -54.50 -8.39
N ASP C 62 7.35 -53.66 -9.24
CA ASP C 62 6.70 -53.28 -10.48
C ASP C 62 6.59 -54.47 -11.43
N PRO C 63 5.51 -54.58 -12.20
CA PRO C 63 5.34 -55.72 -13.12
C PRO C 63 6.15 -55.56 -14.40
N ASP C 64 7.48 -55.57 -14.26
CA ASP C 64 8.39 -55.47 -15.37
C ASP C 64 8.84 -56.87 -15.80
N THR C 65 9.84 -56.92 -16.68
CA THR C 65 10.38 -58.19 -17.17
C THR C 65 11.35 -58.82 -16.15
N LYS C 66 10.77 -59.16 -15.00
CA LYS C 66 11.45 -59.76 -13.84
C LYS C 66 12.54 -58.78 -13.39
N ALA C 67 13.75 -59.27 -13.09
CA ALA C 67 14.86 -58.46 -12.58
C ALA C 67 14.47 -57.69 -11.32
N TRP C 68 13.74 -58.36 -10.43
CA TRP C 68 13.28 -57.73 -9.20
C TRP C 68 14.40 -57.68 -8.17
N ASN C 69 14.49 -56.54 -7.47
CA ASN C 69 15.54 -56.33 -6.48
C ASN C 69 15.06 -55.25 -5.52
N GLY C 70 15.76 -55.16 -4.37
CA GLY C 70 15.52 -54.12 -3.41
C GLY C 70 15.30 -54.68 -2.03
N MET C 71 14.77 -53.83 -1.14
CA MET C 71 14.51 -54.26 0.23
C MET C 71 13.40 -55.31 0.27
N VAL C 72 12.27 -55.03 -0.38
CA VAL C 72 11.21 -56.01 -0.47
C VAL C 72 11.64 -57.20 -1.32
N GLY C 73 12.57 -56.99 -2.26
CA GLY C 73 13.09 -58.09 -3.04
C GLY C 73 13.86 -59.10 -2.20
N GLU C 74 14.75 -58.60 -1.34
CA GLU C 74 15.47 -59.50 -0.45
C GLU C 74 14.58 -60.01 0.69
N LEU C 75 13.49 -59.30 1.00
CA LEU C 75 12.53 -59.83 1.96
C LEU C 75 11.78 -61.02 1.39
N VAL C 76 11.35 -60.93 0.13
CA VAL C 76 10.57 -62.02 -0.46
C VAL C 76 11.47 -63.16 -0.96
N TYR C 77 12.76 -62.90 -1.18
CA TYR C 77 13.66 -63.95 -1.63
C TYR C 77 13.92 -64.97 -0.53
N GLY C 78 13.95 -64.55 0.73
CA GLY C 78 14.10 -65.47 1.83
C GLY C 78 15.11 -65.07 2.87
N ARG C 79 16.17 -64.36 2.47
CA ARG C 79 17.22 -63.98 3.40
C ARG C 79 16.97 -62.61 4.03
N ALA C 80 15.74 -62.42 4.52
CA ALA C 80 15.34 -61.23 5.27
C ALA C 80 13.97 -61.45 5.89
N ASP C 81 13.80 -61.09 7.17
CA ASP C 81 12.50 -61.16 7.83
C ASP C 81 12.05 -59.82 8.36
N VAL C 82 12.92 -59.09 9.07
CA VAL C 82 12.57 -57.80 9.67
C VAL C 82 13.48 -56.75 9.06
N ALA C 83 12.87 -55.67 8.57
CA ALA C 83 13.62 -54.55 7.97
C ALA C 83 13.25 -53.28 8.71
N VAL C 84 14.09 -52.88 9.66
CA VAL C 84 13.90 -51.64 10.41
C VAL C 84 14.62 -50.55 9.60
N ALA C 85 13.86 -49.88 8.73
CA ALA C 85 14.40 -48.87 7.84
C ALA C 85 13.25 -47.96 7.40
N PRO C 86 13.55 -46.73 6.98
CA PRO C 86 12.51 -45.89 6.40
C PRO C 86 11.94 -46.53 5.14
N LEU C 87 10.62 -46.43 4.98
CA LEU C 87 9.95 -47.10 3.87
C LEU C 87 8.63 -46.38 3.60
N THR C 88 8.54 -45.74 2.44
CA THR C 88 7.30 -45.07 2.04
C THR C 88 6.22 -46.10 1.71
N ILE C 89 5.00 -45.82 2.14
CA ILE C 89 3.88 -46.72 1.87
C ILE C 89 3.38 -46.46 0.45
N THR C 90 3.40 -47.51 -0.37
CA THR C 90 2.99 -47.39 -1.76
C THR C 90 2.25 -48.67 -2.15
N LEU C 91 1.35 -48.55 -3.13
CA LEU C 91 0.57 -49.70 -3.56
C LEU C 91 1.43 -50.75 -4.24
N VAL C 92 2.53 -50.34 -4.87
CA VAL C 92 3.37 -51.29 -5.59
C VAL C 92 4.12 -52.22 -4.65
N ARG C 93 4.23 -51.86 -3.36
CA ARG C 93 4.89 -52.70 -2.37
C ARG C 93 3.92 -53.24 -1.33
N GLU C 94 2.62 -53.27 -1.65
CA GLU C 94 1.59 -53.76 -0.73
C GLU C 94 0.95 -55.07 -1.18
N GLU C 95 0.99 -55.38 -2.48
CA GLU C 95 0.34 -56.58 -2.97
C GLU C 95 1.04 -57.87 -2.56
N VAL C 96 2.27 -57.80 -2.05
CA VAL C 96 3.00 -59.00 -1.69
C VAL C 96 3.27 -59.04 -0.19
N ILE C 97 3.43 -57.86 0.43
CA ILE C 97 3.73 -57.76 1.85
C ILE C 97 2.88 -56.65 2.46
N ASP C 98 2.77 -56.67 3.78
CA ASP C 98 2.00 -55.68 4.52
C ASP C 98 2.89 -54.99 5.53
N PHE C 99 2.64 -53.70 5.75
CA PHE C 99 3.36 -52.93 6.75
C PHE C 99 2.63 -52.99 8.09
N SER C 100 3.37 -52.69 9.16
CA SER C 100 2.77 -52.76 10.49
C SER C 100 1.97 -51.51 10.82
N LYS C 101 2.66 -50.36 10.91
CA LYS C 101 2.04 -49.11 11.31
C LYS C 101 2.99 -47.94 11.07
N PRO C 102 2.50 -46.80 10.59
CA PRO C 102 3.35 -45.61 10.47
C PRO C 102 3.72 -45.03 11.83
N PHE C 103 4.98 -45.14 12.22
CA PHE C 103 5.41 -44.59 13.51
C PHE C 103 5.49 -43.07 13.47
N MET C 104 5.81 -42.49 12.31
CA MET C 104 5.85 -41.05 12.15
C MET C 104 5.23 -40.67 10.82
N SER C 105 4.77 -39.42 10.72
CA SER C 105 4.05 -38.95 9.55
C SER C 105 5.00 -38.28 8.57
N LEU C 106 4.90 -38.68 7.30
CA LEU C 106 5.68 -38.09 6.23
C LEU C 106 4.83 -37.07 5.49
N GLY C 107 5.47 -36.00 5.04
CA GLY C 107 4.78 -35.01 4.23
C GLY C 107 5.72 -34.19 3.38
N ILE C 108 5.44 -34.09 2.08
CA ILE C 108 6.25 -33.25 1.21
C ILE C 108 5.96 -31.78 1.51
N SER C 109 7.00 -30.96 1.49
CA SER C 109 6.84 -29.56 1.84
C SER C 109 7.92 -28.74 1.13
N ILE C 110 7.64 -27.45 0.98
CA ILE C 110 8.59 -26.50 0.41
C ILE C 110 9.63 -26.15 1.46
N MET C 111 10.84 -25.82 0.99
CA MET C 111 11.91 -25.36 1.86
C MET C 111 12.42 -24.03 1.34
N ILE C 112 12.82 -23.14 2.25
CA ILE C 112 13.22 -21.79 1.87
C ILE C 112 14.46 -21.39 2.67
N LYS C 113 15.28 -20.54 2.06
CA LYS C 113 16.47 -20.00 2.70
C LYS C 113 16.09 -18.95 3.74
N LYS C 114 17.04 -18.67 4.62
CA LYS C 114 16.82 -17.68 5.67
C LYS C 114 16.88 -16.28 5.10
N PRO C 115 15.83 -15.46 5.20
CA PRO C 115 15.89 -14.07 4.76
C PRO C 115 16.56 -13.20 5.82
N GLN C 116 17.79 -12.78 5.54
CA GLN C 116 18.56 -11.97 6.47
C GLN C 116 19.05 -10.72 5.75
N LYS C 117 18.66 -9.56 6.27
CA LYS C 117 19.09 -8.28 5.73
C LYS C 117 19.69 -7.45 6.86
N SER C 118 20.95 -7.08 6.71
CA SER C 118 21.66 -6.27 7.71
C SER C 118 21.67 -4.83 7.24
N LYS C 119 20.91 -3.98 7.91
CA LYS C 119 20.85 -2.57 7.55
C LYS C 119 22.17 -1.90 7.92
N PRO C 120 22.80 -1.16 7.00
CA PRO C 120 24.08 -0.52 7.32
C PRO C 120 23.93 0.70 8.22
N GLY C 121 25.03 1.42 8.42
CA GLY C 121 25.01 2.59 9.28
C GLY C 121 24.80 3.87 8.49
N VAL C 122 25.86 4.65 8.30
CA VAL C 122 25.77 5.92 7.59
C VAL C 122 25.34 5.74 6.15
N PHE C 123 25.56 4.55 5.57
CA PHE C 123 25.06 4.25 4.23
C PHE C 123 23.53 4.20 4.23
N SER C 124 22.93 3.66 5.30
CA SER C 124 21.48 3.57 5.37
C SER C 124 20.83 4.93 5.62
N PHE C 125 21.59 5.92 6.09
CA PHE C 125 21.05 7.26 6.24
C PHE C 125 20.72 7.89 4.90
N LEU C 126 21.60 7.70 3.91
CA LEU C 126 21.37 8.19 2.57
C LEU C 126 20.59 7.21 1.71
N ASP C 127 20.16 6.09 2.28
CA ASP C 127 19.30 5.15 1.55
C ASP C 127 17.98 5.76 1.09
N PRO C 128 17.22 6.53 1.93
CA PRO C 128 15.95 7.06 1.41
C PRO C 128 16.10 8.30 0.53
N LEU C 129 17.09 8.29 -0.35
CA LEU C 129 17.35 9.37 -1.30
C LEU C 129 18.50 8.90 -2.19
N ALA C 130 18.80 9.69 -3.21
CA ALA C 130 20.01 9.48 -4.00
C ALA C 130 21.12 10.34 -3.44
N TYR C 131 22.35 9.80 -3.47
CA TYR C 131 23.50 10.57 -2.99
C TYR C 131 23.78 11.77 -3.87
N GLU C 132 23.38 11.72 -5.13
CA GLU C 132 23.46 12.90 -5.99
C GLU C 132 22.56 14.01 -5.46
N ILE C 133 21.38 13.66 -4.94
CA ILE C 133 20.47 14.68 -4.42
C ILE C 133 21.03 15.30 -3.14
N TRP C 134 21.64 14.48 -2.27
CA TRP C 134 22.26 15.02 -1.06
C TRP C 134 23.43 15.95 -1.41
N MET C 135 24.27 15.53 -2.36
CA MET C 135 25.36 16.38 -2.81
C MET C 135 24.82 17.68 -3.41
N CYS C 136 23.75 17.59 -4.20
CA CYS C 136 23.14 18.77 -4.80
C CYS C 136 22.62 19.73 -3.75
N ILE C 137 21.91 19.22 -2.73
CA ILE C 137 21.30 20.11 -1.75
C ILE C 137 22.36 20.74 -0.85
N VAL C 138 23.39 19.97 -0.47
CA VAL C 138 24.44 20.54 0.39
C VAL C 138 25.25 21.59 -0.37
N PHE C 139 25.62 21.28 -1.62
CA PHE C 139 26.42 22.23 -2.39
C PHE C 139 25.62 23.45 -2.81
N ALA C 140 24.32 23.28 -3.12
CA ALA C 140 23.47 24.43 -3.36
C ALA C 140 23.29 25.27 -2.11
N TYR C 141 23.25 24.63 -0.93
CA TYR C 141 23.17 25.38 0.32
C TYR C 141 24.41 26.25 0.52
N ILE C 142 25.60 25.68 0.32
CA ILE C 142 26.79 26.50 0.54
C ILE C 142 26.90 27.58 -0.54
N GLY C 143 26.46 27.28 -1.77
CA GLY C 143 26.47 28.29 -2.82
C GLY C 143 25.54 29.45 -2.52
N VAL C 144 24.30 29.16 -2.11
CA VAL C 144 23.38 30.23 -1.79
C VAL C 144 23.82 30.94 -0.51
N SER C 145 24.56 30.26 0.36
CA SER C 145 25.09 30.92 1.55
C SER C 145 26.08 32.00 1.16
N VAL C 146 27.05 31.67 0.31
CA VAL C 146 28.03 32.69 -0.08
C VAL C 146 27.38 33.75 -0.96
N VAL C 147 26.39 33.38 -1.78
CA VAL C 147 25.70 34.37 -2.61
C VAL C 147 24.89 35.33 -1.74
N LEU C 148 24.20 34.81 -0.72
CA LEU C 148 23.45 35.66 0.20
C LEU C 148 24.38 36.58 0.97
N PHE C 149 25.55 36.06 1.38
CA PHE C 149 26.52 36.91 2.07
C PHE C 149 27.02 38.04 1.17
N LEU C 150 27.30 37.75 -0.10
CA LEU C 150 27.81 38.80 -0.98
C LEU C 150 26.73 39.81 -1.34
N VAL C 151 25.47 39.37 -1.49
CA VAL C 151 24.43 40.33 -1.83
C VAL C 151 24.05 41.15 -0.60
N SER C 152 24.22 40.58 0.60
CA SER C 152 24.01 41.38 1.81
C SER C 152 25.14 42.38 2.02
N ARG C 153 26.38 42.00 1.64
CA ARG C 153 27.48 42.95 1.67
C ARG C 153 27.34 44.02 0.59
N PHE C 154 26.62 43.73 -0.49
CA PHE C 154 26.39 44.70 -1.55
C PHE C 154 25.18 45.58 -1.20
N SER C 155 24.01 44.95 -1.02
CA SER C 155 22.80 45.69 -0.69
C SER C 155 22.30 45.33 0.70
N GLU C 178 27.23 44.50 11.78
CA GLU C 178 25.86 44.01 11.69
C GLU C 178 25.82 42.54 11.28
N PHE C 179 26.51 42.21 10.19
CA PHE C 179 26.55 40.86 9.66
C PHE C 179 27.99 40.47 9.35
N GLY C 180 28.32 39.20 9.61
CA GLY C 180 29.63 38.67 9.32
C GLY C 180 29.57 37.31 8.66
N ILE C 181 30.69 36.61 8.61
CA ILE C 181 30.70 35.26 8.05
C ILE C 181 29.92 34.30 8.94
N PHE C 182 30.05 34.42 10.26
CA PHE C 182 29.29 33.59 11.17
C PHE C 182 27.81 33.90 11.10
N ASN C 183 27.45 35.19 10.99
CA ASN C 183 26.05 35.57 10.85
C ASN C 183 25.50 35.08 9.53
N SER C 184 26.29 35.16 8.46
CA SER C 184 25.85 34.65 7.15
C SER C 184 25.60 33.15 7.21
N LEU C 185 26.52 32.39 7.83
CA LEU C 185 26.33 30.95 7.94
C LEU C 185 25.11 30.61 8.80
N TRP C 186 24.93 31.33 9.92
CA TRP C 186 23.79 31.09 10.79
C TRP C 186 22.47 31.34 10.06
N PHE C 187 22.35 32.51 9.41
CA PHE C 187 21.12 32.83 8.69
C PHE C 187 20.90 31.86 7.54
N SER C 188 21.95 31.50 6.80
CA SER C 188 21.80 30.62 5.66
C SER C 188 21.34 29.23 6.09
N LEU C 189 21.91 28.69 7.17
CA LEU C 189 21.52 27.34 7.57
C LEU C 189 20.16 27.33 8.24
N GLY C 190 19.83 28.39 9.01
CA GLY C 190 18.50 28.49 9.58
C GLY C 190 17.44 28.64 8.51
N ALA C 191 17.76 29.37 7.45
CA ALA C 191 16.91 29.40 6.26
C ALA C 191 16.84 28.02 5.60
N PHE C 192 17.97 27.31 5.57
CA PHE C 192 18.03 25.98 4.98
C PHE C 192 17.12 25.01 5.72
N MET C 193 16.91 25.21 7.01
CA MET C 193 16.22 24.19 7.76
C MET C 193 15.11 24.82 8.63
N GLN C 194 14.41 25.80 8.07
CA GLN C 194 13.13 26.30 8.57
C GLN C 194 13.27 26.85 10.00
N GLN C 195 14.10 27.87 10.14
CA GLN C 195 14.35 28.48 11.44
C GLN C 195 14.14 29.99 11.36
N GLY C 196 13.75 30.57 12.48
CA GLY C 196 13.72 32.02 12.61
C GLY C 196 15.08 32.57 12.97
N CYS C 197 15.20 33.88 12.88
CA CYS C 197 16.46 34.55 13.19
C CYS C 197 16.18 35.92 13.79
N ASP C 198 17.11 36.37 14.64
CA ASP C 198 16.94 37.67 15.28
C ASP C 198 17.17 38.81 14.30
N ILE C 199 18.17 38.67 13.42
CA ILE C 199 18.48 39.72 12.46
C ILE C 199 17.53 39.58 11.27
N SER C 200 17.11 40.72 10.72
CA SER C 200 16.14 40.67 9.64
C SER C 200 16.84 40.71 8.28
N PRO C 201 16.34 39.95 7.31
CA PRO C 201 16.88 40.04 5.95
C PRO C 201 16.43 41.32 5.25
N ARG C 202 17.17 42.40 5.47
CA ARG C 202 16.78 43.71 4.98
C ARG C 202 16.76 43.75 3.45
N SER C 203 15.99 44.70 2.93
CA SER C 203 15.78 44.98 1.51
C SER C 203 14.96 43.89 0.82
N LEU C 204 14.25 44.28 -0.25
CA LEU C 204 13.34 43.35 -0.92
C LEU C 204 14.10 42.27 -1.65
N SER C 205 15.33 42.54 -2.10
CA SER C 205 16.13 41.52 -2.76
C SER C 205 16.51 40.41 -1.80
N GLY C 206 17.02 40.77 -0.61
CA GLY C 206 17.30 39.77 0.40
C GLY C 206 16.05 39.04 0.86
N ARG C 207 14.94 39.78 0.96
CA ARG C 207 13.67 39.16 1.34
C ARG C 207 13.24 38.11 0.32
N ILE C 208 13.39 38.40 -0.97
CA ILE C 208 12.95 37.44 -1.98
C ILE C 208 13.93 36.28 -2.12
N VAL C 209 15.23 36.51 -1.88
CA VAL C 209 16.17 35.39 -1.81
C VAL C 209 15.78 34.45 -0.68
N GLY C 210 15.49 35.03 0.50
CA GLY C 210 15.05 34.21 1.61
C GLY C 210 13.77 33.46 1.32
N GLY C 211 12.81 34.13 0.67
CA GLY C 211 11.55 33.47 0.34
C GLY C 211 11.72 32.32 -0.63
N VAL C 212 12.46 32.54 -1.72
CA VAL C 212 12.61 31.48 -2.71
C VAL C 212 13.42 30.32 -2.14
N TRP C 213 14.39 30.60 -1.26
CA TRP C 213 15.19 29.52 -0.73
C TRP C 213 14.43 28.75 0.37
N TRP C 214 13.56 29.45 1.11
CA TRP C 214 12.62 28.78 2.01
C TRP C 214 11.66 27.88 1.24
N PHE C 215 11.20 28.36 0.08
CA PHE C 215 10.35 27.54 -0.77
C PHE C 215 11.09 26.29 -1.22
N PHE C 216 12.37 26.42 -1.58
CA PHE C 216 13.15 25.25 -1.97
C PHE C 216 13.33 24.29 -0.81
N THR C 217 13.62 24.80 0.39
CA THR C 217 13.83 23.88 1.50
C THR C 217 12.53 23.20 1.90
N LEU C 218 11.39 23.88 1.75
CA LEU C 218 10.11 23.25 2.04
C LEU C 218 9.81 22.15 1.02
N ILE C 219 10.02 22.43 -0.27
CA ILE C 219 9.73 21.43 -1.30
C ILE C 219 10.66 20.22 -1.14
N ILE C 220 11.94 20.45 -0.79
CA ILE C 220 12.86 19.33 -0.69
C ILE C 220 12.61 18.51 0.58
N ILE C 221 12.21 19.16 1.68
CA ILE C 221 11.90 18.41 2.89
C ILE C 221 10.62 17.60 2.70
N SER C 222 9.63 18.17 2.01
CA SER C 222 8.42 17.43 1.69
C SER C 222 8.72 16.24 0.80
N SER C 223 9.59 16.43 -0.21
CA SER C 223 9.96 15.31 -1.08
C SER C 223 10.70 14.22 -0.33
N TYR C 224 11.61 14.59 0.56
CA TYR C 224 12.34 13.60 1.34
C TYR C 224 11.42 12.82 2.27
N THR C 225 10.50 13.52 2.94
CA THR C 225 9.54 12.83 3.81
C THR C 225 8.64 11.90 3.02
N ALA C 226 8.19 12.34 1.84
CA ALA C 226 7.37 11.50 0.99
C ALA C 226 8.13 10.25 0.54
N ASN C 227 9.41 10.42 0.17
CA ASN C 227 10.20 9.28 -0.29
C ASN C 227 10.44 8.27 0.84
N LEU C 228 10.74 8.77 2.04
CA LEU C 228 10.93 7.88 3.19
C LEU C 228 9.63 7.15 3.54
N ALA C 229 8.50 7.85 3.50
CA ALA C 229 7.21 7.20 3.74
C ALA C 229 6.93 6.12 2.70
N ALA C 230 7.23 6.40 1.44
CA ALA C 230 7.03 5.40 0.38
C ALA C 230 7.92 4.18 0.58
N PHE C 231 9.19 4.40 0.93
CA PHE C 231 10.09 3.27 1.15
C PHE C 231 9.66 2.42 2.33
N LEU C 232 9.27 3.07 3.44
CA LEU C 232 8.85 2.28 4.59
C LEU C 232 7.53 1.55 4.33
N THR C 233 6.62 2.18 3.58
CA THR C 233 5.37 1.51 3.22
C THR C 233 5.63 0.29 2.35
N VAL C 234 6.50 0.42 1.35
CA VAL C 234 6.76 -0.72 0.48
C VAL C 234 7.62 -1.76 1.18
N GLU C 235 8.40 -1.37 2.20
CA GLU C 235 9.17 -2.35 2.95
C GLU C 235 8.29 -3.17 3.88
N ARG C 236 7.35 -2.52 4.57
CA ARG C 236 6.48 -3.25 5.49
C ARG C 236 5.46 -4.10 4.72
N MET C 237 4.84 -3.52 3.70
CA MET C 237 3.83 -4.23 2.91
C MET C 237 4.53 -5.23 1.99
N VAL C 238 4.85 -6.38 2.56
CA VAL C 238 5.49 -7.48 1.84
C VAL C 238 4.71 -8.75 2.13
N SER C 239 4.76 -9.69 1.19
CA SER C 239 4.02 -10.94 1.33
C SER C 239 4.98 -12.11 1.48
N PRO C 240 5.23 -12.59 2.70
CA PRO C 240 6.05 -13.79 2.87
C PRO C 240 5.31 -15.02 2.33
N ILE C 241 6.10 -15.99 1.87
CA ILE C 241 5.53 -17.18 1.24
C ILE C 241 5.12 -18.16 2.33
N GLU C 242 3.84 -18.55 2.31
CA GLU C 242 3.32 -19.56 3.23
C GLU C 242 2.43 -20.52 2.46
N SER C 243 2.40 -21.77 2.93
CA SER C 243 1.59 -22.86 2.36
C SER C 243 2.00 -23.06 0.90
N ALA C 244 1.04 -23.41 0.04
CA ALA C 244 1.29 -23.63 -1.37
C ALA C 244 0.55 -22.67 -2.29
N GLU C 245 -0.61 -22.16 -1.88
CA GLU C 245 -1.38 -21.26 -2.73
C GLU C 245 -0.64 -19.94 -2.95
N ASP C 246 -0.01 -19.41 -1.90
CA ASP C 246 0.74 -18.17 -2.05
C ASP C 246 1.92 -18.37 -3.00
N LEU C 247 2.62 -19.50 -2.89
CA LEU C 247 3.71 -19.80 -3.82
C LEU C 247 3.18 -20.01 -5.23
N ALA C 248 1.95 -20.53 -5.38
CA ALA C 248 1.38 -20.73 -6.70
C ALA C 248 1.04 -19.40 -7.37
N LYS C 249 0.47 -18.46 -6.62
CA LYS C 249 0.06 -17.18 -7.19
C LYS C 249 1.03 -16.04 -6.93
N GLN C 250 2.27 -16.33 -6.51
CA GLN C 250 3.25 -15.26 -6.51
C GLN C 250 4.02 -15.18 -7.84
N THR C 251 4.36 -16.34 -8.42
CA THR C 251 5.01 -16.44 -9.74
C THR C 251 6.29 -15.61 -9.83
N GLU C 252 7.10 -15.68 -8.76
CA GLU C 252 8.38 -14.97 -8.74
C GLU C 252 9.55 -15.82 -8.26
N ILE C 253 9.31 -16.94 -7.59
CA ILE C 253 10.36 -17.81 -7.08
C ILE C 253 10.24 -19.16 -7.76
N ALA C 254 11.35 -19.66 -8.29
CA ALA C 254 11.35 -20.94 -8.99
C ALA C 254 11.13 -22.09 -8.02
N TYR C 255 10.38 -23.10 -8.48
CA TYR C 255 10.10 -24.29 -7.68
C TYR C 255 10.20 -25.52 -8.57
N GLY C 256 10.47 -26.65 -7.94
CA GLY C 256 10.58 -27.90 -8.67
C GLY C 256 10.83 -29.05 -7.73
N THR C 257 10.81 -30.26 -8.31
CA THR C 257 11.07 -31.48 -7.56
C THR C 257 12.06 -32.38 -8.31
N LEU C 258 12.23 -33.61 -7.84
CA LEU C 258 13.09 -34.56 -8.53
C LEU C 258 12.43 -35.03 -9.83
N GLU C 259 13.25 -35.59 -10.72
CA GLU C 259 12.74 -36.17 -11.95
C GLU C 259 11.85 -37.37 -11.66
N ALA C 260 12.26 -38.22 -10.72
CA ALA C 260 11.50 -39.40 -10.34
C ALA C 260 11.50 -39.53 -8.83
N GLY C 261 10.48 -40.19 -8.31
CA GLY C 261 10.35 -40.43 -6.89
C GLY C 261 8.91 -40.24 -6.46
N SER C 262 8.72 -40.10 -5.15
CA SER C 262 7.37 -39.92 -4.61
C SER C 262 6.79 -38.56 -5.00
N THR C 263 7.64 -37.53 -5.05
CA THR C 263 7.18 -36.20 -5.40
C THR C 263 6.68 -36.14 -6.85
N LYS C 264 7.41 -36.77 -7.77
CA LYS C 264 6.98 -36.80 -9.17
C LYS C 264 5.70 -37.61 -9.34
N GLU C 265 5.57 -38.71 -8.60
CA GLU C 265 4.36 -39.52 -8.66
C GLU C 265 3.15 -38.75 -8.12
N PHE C 266 3.36 -38.00 -7.03
CA PHE C 266 2.26 -37.20 -6.48
C PHE C 266 1.88 -36.05 -7.41
N PHE C 267 2.88 -35.44 -8.06
CA PHE C 267 2.58 -34.35 -8.99
C PHE C 267 1.91 -34.85 -10.26
N ARG C 268 2.21 -36.09 -10.68
CA ARG C 268 1.58 -36.65 -11.87
C ARG C 268 0.10 -36.93 -11.65
N ARG C 269 -0.28 -37.32 -10.43
CA ARG C 269 -1.66 -37.70 -10.11
C ARG C 269 -2.38 -36.62 -9.30
N SER C 270 -2.12 -35.35 -9.60
CA SER C 270 -2.81 -34.27 -8.91
C SER C 270 -4.27 -34.20 -9.34
N LYS C 271 -5.13 -33.80 -8.41
CA LYS C 271 -6.57 -33.74 -8.69
C LYS C 271 -7.15 -32.37 -8.34
N ILE C 272 -6.60 -31.72 -7.31
CA ILE C 272 -7.08 -30.41 -6.91
C ILE C 272 -6.69 -29.38 -7.96
N ALA C 273 -7.57 -28.39 -8.18
CA ALA C 273 -7.35 -27.38 -9.20
C ALA C 273 -6.09 -26.57 -8.94
N VAL C 274 -5.83 -26.20 -7.68
CA VAL C 274 -4.62 -25.44 -7.38
C VAL C 274 -3.38 -26.32 -7.53
N PHE C 275 -3.47 -27.60 -7.14
CA PHE C 275 -2.35 -28.50 -7.38
C PHE C 275 -2.24 -28.90 -8.84
N GLU C 276 -3.35 -28.89 -9.59
CA GLU C 276 -3.26 -29.06 -11.03
C GLU C 276 -2.53 -27.88 -11.67
N LYS C 277 -2.81 -26.67 -11.19
CA LYS C 277 -2.08 -25.49 -11.67
C LYS C 277 -0.60 -25.58 -11.31
N MET C 278 -0.29 -26.04 -10.10
CA MET C 278 1.10 -26.24 -9.71
C MET C 278 1.78 -27.29 -10.61
N TRP C 279 1.07 -28.37 -10.92
CA TRP C 279 1.64 -29.42 -11.76
C TRP C 279 1.88 -28.92 -13.19
N THR C 280 0.95 -28.16 -13.74
CA THR C 280 1.17 -27.66 -15.10
C THR C 280 2.20 -26.54 -15.14
N TYR C 281 2.35 -25.80 -14.03
CA TYR C 281 3.45 -24.83 -13.94
C TYR C 281 4.79 -25.53 -13.90
N MET C 282 4.87 -26.64 -13.16
CA MET C 282 6.10 -27.44 -13.16
C MET C 282 6.37 -28.07 -14.51
N LYS C 283 5.32 -28.54 -15.18
CA LYS C 283 5.44 -29.16 -16.49
C LYS C 283 5.68 -28.16 -17.61
N SER C 284 5.48 -26.86 -17.35
CA SER C 284 5.83 -25.84 -18.33
C SER C 284 7.34 -25.74 -18.54
N ALA C 285 8.14 -26.30 -17.62
CA ALA C 285 9.59 -26.42 -17.73
C ALA C 285 10.30 -25.07 -17.82
N GLU C 286 9.65 -23.99 -17.37
CA GLU C 286 10.34 -22.72 -17.27
C GLU C 286 11.45 -22.74 -16.23
N PRO C 287 11.27 -23.27 -14.99
CA PRO C 287 12.44 -23.45 -14.13
C PRO C 287 13.03 -24.85 -14.21
N SER C 288 12.34 -25.75 -14.92
CA SER C 288 12.68 -27.17 -15.03
C SER C 288 12.81 -27.82 -13.66
N VAL C 289 13.56 -28.91 -13.57
CA VAL C 289 13.84 -29.57 -12.31
C VAL C 289 15.21 -29.17 -11.75
N PHE C 290 16.24 -29.13 -12.62
CA PHE C 290 17.58 -28.64 -12.28
C PHE C 290 18.18 -29.36 -11.08
N VAL C 291 17.87 -30.64 -10.89
CA VAL C 291 18.33 -31.37 -9.72
C VAL C 291 18.51 -32.84 -10.11
N ARG C 292 19.61 -33.43 -9.63
CA ARG C 292 19.86 -34.86 -9.76
C ARG C 292 19.87 -35.56 -8.41
N THR C 293 20.68 -35.08 -7.47
CA THR C 293 20.64 -35.53 -6.09
C THR C 293 20.08 -34.41 -5.22
N THR C 294 19.33 -34.79 -4.18
CA THR C 294 18.65 -33.79 -3.36
C THR C 294 19.64 -32.93 -2.59
N GLU C 295 20.81 -33.46 -2.28
CA GLU C 295 21.87 -32.65 -1.68
C GLU C 295 22.35 -31.57 -2.65
N GLU C 296 22.41 -31.89 -3.95
CA GLU C 296 22.74 -30.88 -4.94
C GLU C 296 21.65 -29.80 -5.01
N GLY C 297 20.39 -30.20 -4.87
CA GLY C 297 19.32 -29.21 -4.78
C GLY C 297 19.45 -28.32 -3.56
N MET C 298 19.86 -28.90 -2.43
CA MET C 298 20.11 -28.12 -1.23
C MET C 298 21.25 -27.14 -1.44
N ILE C 299 22.31 -27.57 -2.12
CA ILE C 299 23.45 -26.70 -2.41
C ILE C 299 23.02 -25.55 -3.33
N ARG C 300 22.27 -25.87 -4.38
CA ARG C 300 21.88 -24.83 -5.33
C ARG C 300 20.83 -23.89 -4.77
N VAL C 301 20.03 -24.34 -3.80
CA VAL C 301 19.09 -23.41 -3.18
C VAL C 301 19.78 -22.58 -2.12
N ARG C 302 20.89 -23.07 -1.54
CA ARG C 302 21.72 -22.19 -0.72
C ARG C 302 22.44 -21.16 -1.56
N LYS C 303 22.86 -21.53 -2.77
CA LYS C 303 23.60 -20.64 -3.66
C LYS C 303 22.71 -19.74 -4.49
N SER C 304 21.38 -19.90 -4.39
CA SER C 304 20.45 -19.09 -5.17
C SER C 304 20.10 -17.77 -4.49
N LYS C 305 20.50 -17.58 -3.24
CA LYS C 305 20.23 -16.36 -2.46
C LYS C 305 18.73 -16.08 -2.38
N GLY C 306 17.93 -17.13 -2.21
CA GLY C 306 16.50 -17.00 -2.09
C GLY C 306 15.74 -16.87 -3.39
N LYS C 307 16.41 -16.93 -4.53
CA LYS C 307 15.72 -16.83 -5.82
C LYS C 307 15.10 -18.14 -6.28
N TYR C 308 15.35 -19.24 -5.57
CA TYR C 308 14.81 -20.53 -5.93
C TYR C 308 14.25 -21.22 -4.70
N ALA C 309 13.33 -22.16 -4.94
CA ALA C 309 12.71 -22.94 -3.88
C ALA C 309 12.61 -24.39 -4.34
N TYR C 310 12.50 -25.29 -3.37
CA TYR C 310 12.51 -26.72 -3.68
C TYR C 310 11.65 -27.47 -2.68
N LEU C 311 10.96 -28.50 -3.17
CA LEU C 311 10.06 -29.31 -2.36
C LEU C 311 10.70 -30.66 -2.07
N LEU C 312 10.67 -31.07 -0.81
CA LEU C 312 11.21 -32.37 -0.41
C LEU C 312 10.52 -32.81 0.88
N GLU C 313 10.88 -33.99 1.36
CA GLU C 313 10.20 -34.60 2.49
C GLU C 313 10.49 -33.85 3.79
N SER C 314 9.49 -33.79 4.67
CA SER C 314 9.63 -33.04 5.91
C SER C 314 10.70 -33.60 6.82
N THR C 315 10.89 -34.93 6.80
CA THR C 315 11.91 -35.55 7.63
C THR C 315 13.31 -35.09 7.25
N MET C 316 13.65 -35.20 5.96
CA MET C 316 14.96 -34.74 5.52
C MET C 316 15.08 -33.23 5.57
N ASN C 317 13.97 -32.50 5.42
CA ASN C 317 14.02 -31.05 5.54
C ASN C 317 14.39 -30.64 6.97
N GLU C 318 13.80 -31.31 7.97
CA GLU C 318 14.19 -31.07 9.35
C GLU C 318 15.65 -31.46 9.59
N TYR C 319 16.09 -32.56 8.96
CA TYR C 319 17.49 -32.96 9.11
C TYR C 319 18.44 -31.93 8.53
N ILE C 320 18.09 -31.34 7.39
CA ILE C 320 18.91 -30.26 6.83
C ILE C 320 18.89 -29.03 7.73
N GLU C 321 17.72 -28.69 8.27
CA GLU C 321 17.61 -27.50 9.09
C GLU C 321 18.40 -27.64 10.40
N GLN C 322 18.53 -28.88 10.89
CA GLN C 322 19.33 -29.11 12.09
C GLN C 322 20.82 -29.26 11.81
N ARG C 323 21.18 -30.26 11.00
CA ARG C 323 22.59 -30.63 10.86
C ARG C 323 23.39 -29.58 10.11
N LYS C 324 22.86 -29.06 9.01
CA LYS C 324 23.56 -28.05 8.25
C LYS C 324 23.54 -26.72 8.99
N PRO C 325 24.45 -25.80 8.64
CA PRO C 325 24.40 -24.45 9.23
C PRO C 325 23.06 -23.78 8.97
N CYS C 326 22.61 -22.99 9.95
CA CYS C 326 21.24 -22.47 10.01
C CYS C 326 21.08 -21.33 9.01
N ASP C 327 20.72 -21.70 7.78
CA ASP C 327 20.29 -20.71 6.80
C ASP C 327 19.13 -21.17 5.95
N THR C 328 18.57 -22.36 6.20
CA THR C 328 17.45 -22.90 5.46
C THR C 328 16.49 -23.58 6.42
N MET C 329 15.20 -23.47 6.16
CA MET C 329 14.19 -24.10 7.01
C MET C 329 12.94 -24.38 6.18
N LYS C 330 11.88 -24.79 6.85
CA LYS C 330 10.60 -25.11 6.24
C LYS C 330 9.58 -24.01 6.52
N VAL C 331 8.55 -23.97 5.67
CA VAL C 331 7.46 -23.01 5.85
C VAL C 331 6.19 -23.64 5.28
N GLY C 332 5.06 -23.35 5.91
CA GLY C 332 3.79 -23.88 5.48
C GLY C 332 3.53 -25.27 6.00
N GLY C 333 2.30 -25.75 5.77
CA GLY C 333 1.89 -27.06 6.22
C GLY C 333 2.24 -28.16 5.23
N ASN C 334 1.94 -29.39 5.64
CA ASN C 334 2.20 -30.55 4.78
C ASN C 334 1.19 -30.59 3.64
N LEU C 335 1.70 -30.85 2.43
CA LEU C 335 0.85 -30.91 1.25
C LEU C 335 0.02 -32.19 1.18
N ASP C 336 0.45 -33.25 1.89
CA ASP C 336 -0.27 -34.51 1.86
C ASP C 336 0.04 -35.30 3.13
N SER C 337 -0.80 -36.29 3.41
CA SER C 337 -0.64 -37.16 4.56
C SER C 337 -0.01 -38.47 4.11
N LYS C 338 1.13 -38.81 4.70
CA LYS C 338 1.84 -40.03 4.35
C LYS C 338 2.49 -40.59 5.61
N GLY C 339 2.74 -41.91 5.59
CA GLY C 339 3.28 -42.61 6.73
C GLY C 339 4.50 -43.42 6.38
N TYR C 340 5.00 -44.14 7.38
CA TYR C 340 6.16 -45.00 7.27
C TYR C 340 5.75 -46.43 7.60
N GLY C 341 6.75 -47.30 7.73
CA GLY C 341 6.48 -48.68 8.11
C GLY C 341 7.74 -49.50 8.09
N ILE C 342 7.60 -50.73 8.59
CA ILE C 342 8.68 -51.70 8.61
C ILE C 342 8.20 -52.95 7.89
N ALA C 343 9.09 -53.55 7.09
CA ALA C 343 8.72 -54.69 6.28
C ALA C 343 8.53 -55.94 7.13
N THR C 344 7.45 -56.68 6.83
CA THR C 344 7.13 -57.92 7.51
C THR C 344 6.81 -58.99 6.48
N PRO C 345 7.17 -60.25 6.75
CA PRO C 345 6.84 -61.32 5.80
C PRO C 345 5.35 -61.63 5.80
N LYS C 346 4.89 -62.16 4.67
CA LYS C 346 3.46 -62.45 4.52
C LYS C 346 3.04 -63.66 5.36
N GLY C 347 3.91 -64.66 5.49
CA GLY C 347 3.54 -65.89 6.16
C GLY C 347 4.42 -66.26 7.34
N SER C 348 4.83 -65.28 8.14
CA SER C 348 5.67 -65.50 9.30
C SER C 348 4.90 -65.20 10.58
N ALA C 349 5.49 -65.61 11.70
CA ALA C 349 4.93 -65.35 13.02
C ALA C 349 5.40 -64.04 13.63
N LEU C 350 6.20 -63.27 12.89
CA LEU C 350 6.72 -61.98 13.35
C LEU C 350 5.97 -60.81 12.71
N ARG C 351 4.65 -60.94 12.57
CA ARG C 351 3.81 -59.92 11.96
C ARG C 351 3.00 -59.12 12.97
N ASN C 352 2.23 -59.80 13.82
CA ASN C 352 1.36 -59.15 14.79
C ASN C 352 2.07 -58.65 16.05
N PRO C 353 2.94 -59.43 16.72
CA PRO C 353 3.58 -58.89 17.93
C PRO C 353 4.44 -57.67 17.68
N VAL C 354 5.14 -57.60 16.55
CA VAL C 354 5.94 -56.42 16.25
C VAL C 354 5.04 -55.21 16.01
N ASN C 355 3.87 -55.42 15.39
CA ASN C 355 2.92 -54.34 15.20
C ASN C 355 2.39 -53.84 16.54
N LEU C 356 2.03 -54.75 17.44
CA LEU C 356 1.52 -54.35 18.75
C LEU C 356 2.58 -53.59 19.53
N ALA C 357 3.83 -54.07 19.50
CA ALA C 357 4.90 -53.43 20.27
C ALA C 357 5.27 -52.08 19.67
N VAL C 358 5.32 -51.95 18.34
CA VAL C 358 5.67 -50.67 17.76
C VAL C 358 4.55 -49.66 17.96
N LEU C 359 3.29 -50.11 18.00
CA LEU C 359 2.20 -49.19 18.32
C LEU C 359 2.24 -48.79 19.78
N LYS C 360 2.65 -49.71 20.66
CA LYS C 360 2.84 -49.37 22.06
C LYS C 360 3.93 -48.31 22.23
N LEU C 361 5.04 -48.46 21.50
CA LEU C 361 6.11 -47.48 21.57
C LEU C 361 5.67 -46.14 20.99
N ASN C 362 4.88 -46.16 19.92
CA ASN C 362 4.39 -44.91 19.34
C ASN C 362 3.43 -44.20 20.28
N GLU C 363 2.54 -44.94 20.95
CA GLU C 363 1.57 -44.32 21.85
C GLU C 363 2.19 -43.88 23.17
N GLN C 364 3.21 -44.61 23.64
CA GLN C 364 3.81 -44.28 24.92
C GLN C 364 4.57 -42.95 24.87
N GLY C 365 5.21 -42.67 23.75
CA GLY C 365 6.02 -41.47 23.62
C GLY C 365 7.51 -41.69 23.76
N LEU C 366 7.95 -42.93 24.01
CA LEU C 366 9.39 -43.21 24.03
C LEU C 366 10.00 -43.02 22.65
N LEU C 367 9.27 -43.39 21.60
CA LEU C 367 9.71 -43.10 20.24
C LEU C 367 9.77 -41.59 20.01
N ASP C 368 8.80 -40.86 20.56
CA ASP C 368 8.83 -39.39 20.47
C ASP C 368 10.04 -38.85 21.24
N LYS C 369 10.35 -39.45 22.39
CA LYS C 369 11.53 -39.03 23.15
C LYS C 369 12.82 -39.28 22.37
N LEU C 370 12.92 -40.43 21.70
CA LEU C 370 14.09 -40.72 20.89
C LEU C 370 14.19 -39.77 19.70
N LYS C 371 13.05 -39.44 19.08
CA LYS C 371 13.05 -38.47 18.00
C LYS C 371 13.52 -37.10 18.48
N ASN C 372 13.03 -36.66 19.64
CA ASN C 372 13.47 -35.39 20.19
C ASN C 372 14.96 -35.41 20.52
N LYS C 373 15.45 -36.52 21.07
CA LYS C 373 16.87 -36.62 21.42
C LYS C 373 17.75 -36.58 20.18
N TRP C 374 17.36 -37.28 19.11
CA TRP C 374 18.18 -37.33 17.92
C TRP C 374 17.96 -36.16 16.97
N TRP C 375 16.92 -35.34 17.18
CA TRP C 375 16.63 -34.27 16.26
C TRP C 375 16.63 -32.88 16.88
N TYR C 376 16.81 -32.76 18.20
CA TYR C 376 16.82 -31.45 18.83
C TYR C 376 18.07 -31.25 19.67
N ASP C 377 18.61 -32.33 20.23
CA ASP C 377 19.77 -32.22 21.11
C ASP C 377 21.07 -32.12 20.32
N LYS C 378 21.34 -33.12 19.48
CA LYS C 378 22.59 -33.17 18.71
C LYS C 378 22.42 -32.43 17.38
N GLY C 379 22.10 -31.14 17.49
CA GLY C 379 21.98 -30.27 16.34
C GLY C 379 22.64 -28.93 16.58
N GLU C 380 23.57 -28.55 15.71
CA GLU C 380 24.35 -27.32 15.88
C GLU C 380 23.56 -26.14 15.29
N CYS C 381 22.40 -25.91 15.91
CA CYS C 381 21.53 -24.81 15.50
C CYS C 381 20.88 -24.19 16.73
N GLY C 382 20.81 -22.87 16.75
CA GLY C 382 20.19 -22.12 17.82
C GLY C 382 18.75 -21.76 17.59
N SER C 383 18.11 -22.30 16.55
CA SER C 383 16.71 -21.98 16.29
C SER C 383 15.81 -22.62 17.34
N GLY C 384 16.05 -23.89 17.65
CA GLY C 384 15.26 -24.59 18.67
C GLY C 384 15.92 -24.57 20.04
N GLY C 385 17.17 -24.13 20.14
CA GLY C 385 17.88 -24.06 21.40
C GLY C 385 17.87 -22.67 22.01
N GLY C 386 17.27 -21.69 21.34
CA GLY C 386 17.22 -20.33 21.85
C GLY C 386 16.03 -19.62 21.24
N ASP C 387 15.64 -18.51 21.85
CA ASP C 387 14.52 -17.73 21.34
C ASP C 387 14.86 -16.99 20.07
N SER C 388 13.81 -16.64 19.32
CA SER C 388 13.97 -15.91 18.07
C SER C 388 13.89 -14.41 18.34
N LYS C 389 13.80 -13.62 17.28
CA LYS C 389 13.71 -12.17 17.38
C LYS C 389 12.26 -11.73 17.20
N ASP C 390 11.78 -10.90 18.11
CA ASP C 390 10.40 -10.42 18.06
C ASP C 390 10.29 -9.26 17.08
N LYS C 391 9.29 -9.32 16.20
CA LYS C 391 9.04 -8.27 15.22
C LYS C 391 8.14 -7.22 15.85
N THR C 392 8.76 -6.18 16.41
CA THR C 392 8.03 -5.09 17.05
C THR C 392 7.75 -3.93 16.10
N SER C 393 8.09 -4.08 14.82
CA SER C 393 7.91 -3.07 13.78
C SER C 393 8.65 -1.78 14.12
N ALA C 394 8.28 -0.69 13.45
CA ALA C 394 8.88 0.64 13.63
C ALA C 394 10.38 0.54 13.37
N LEU C 395 11.18 1.35 14.06
CA LEU C 395 12.62 1.24 13.96
C LEU C 395 13.15 0.23 14.98
N SER C 396 14.30 -0.36 14.65
CA SER C 396 14.90 -1.39 15.50
C SER C 396 16.40 -1.20 15.60
N LEU C 397 16.84 0.07 15.69
CA LEU C 397 18.26 0.43 15.67
C LEU C 397 18.95 -0.11 14.42
N SER C 398 18.26 -0.01 13.28
CA SER C 398 18.81 -0.43 12.00
C SER C 398 18.95 0.74 11.04
N ASN C 399 17.87 1.47 10.77
CA ASN C 399 17.94 2.68 9.94
C ASN C 399 18.10 3.93 10.80
N VAL C 400 17.47 3.96 11.98
CA VAL C 400 17.76 5.00 12.95
C VAL C 400 19.15 4.83 13.53
N ALA C 401 19.76 3.65 13.37
CA ALA C 401 21.17 3.49 13.67
C ALA C 401 22.01 4.39 12.77
N GLY C 402 21.64 4.48 11.49
CA GLY C 402 22.28 5.45 10.61
C GLY C 402 22.04 6.89 11.03
N VAL C 403 20.86 7.16 11.59
CA VAL C 403 20.61 8.47 12.18
C VAL C 403 21.52 8.69 13.37
N PHE C 404 21.82 7.64 14.13
CA PHE C 404 22.75 7.79 15.24
C PHE C 404 24.20 7.90 14.78
N TYR C 405 24.55 7.34 13.63
CA TYR C 405 25.89 7.55 13.09
C TYR C 405 26.06 8.94 12.47
N ILE C 406 25.01 9.49 11.86
CA ILE C 406 25.12 10.89 11.45
C ILE C 406 25.04 11.80 12.67
N LEU C 407 24.44 11.34 13.77
CA LEU C 407 24.57 12.05 15.04
C LEU C 407 26.00 11.98 15.58
N ILE C 408 26.67 10.85 15.36
CA ILE C 408 28.09 10.74 15.71
C ILE C 408 28.91 11.72 14.88
N GLY C 409 28.60 11.81 13.59
CA GLY C 409 29.21 12.84 12.76
C GLY C 409 28.89 14.25 13.24
N GLY C 410 27.68 14.45 13.74
CA GLY C 410 27.31 15.76 14.27
C GLY C 410 28.08 16.13 15.52
N LEU C 411 28.27 15.16 16.44
CA LEU C 411 29.07 15.44 17.62
C LEU C 411 30.54 15.61 17.25
N GLY C 412 30.99 14.90 16.21
CA GLY C 412 32.34 15.14 15.70
C GLY C 412 32.52 16.55 15.17
N LEU C 413 31.55 17.03 14.39
CA LEU C 413 31.58 18.42 13.93
C LEU C 413 31.47 19.40 15.08
N ALA C 414 30.68 19.08 16.11
CA ALA C 414 30.52 19.97 17.25
C ALA C 414 31.83 20.10 18.04
N MET C 415 32.47 18.97 18.34
CA MET C 415 33.76 19.02 19.02
C MET C 415 34.82 19.65 18.13
N LEU C 416 34.75 19.44 16.81
CA LEU C 416 35.68 20.07 15.90
C LEU C 416 35.57 21.58 15.94
N VAL C 417 34.35 22.11 15.83
CA VAL C 417 34.16 23.55 15.80
C VAL C 417 34.48 24.17 17.16
N ALA C 418 34.15 23.48 18.25
CA ALA C 418 34.46 24.00 19.58
C ALA C 418 35.97 24.07 19.81
N LEU C 419 36.67 22.98 19.49
CA LEU C 419 38.12 22.95 19.70
C LEU C 419 38.84 23.92 18.76
N ILE C 420 38.37 24.06 17.52
CA ILE C 420 39.05 24.98 16.62
C ILE C 420 38.77 26.43 17.03
N GLU C 421 37.59 26.72 17.58
CA GLU C 421 37.33 28.06 18.09
C GLU C 421 38.18 28.37 19.31
N PHE C 422 38.34 27.39 20.21
CA PHE C 422 39.19 27.63 21.38
C PHE C 422 40.66 27.72 20.99
N CYS C 423 41.09 27.02 19.95
CA CYS C 423 42.45 27.16 19.45
C CYS C 423 42.65 28.51 18.79
N TYR C 424 41.63 29.00 18.06
CA TYR C 424 41.73 30.31 17.42
C TYR C 424 41.79 31.43 18.44
N LYS C 425 40.98 31.35 19.51
CA LYS C 425 41.11 32.36 20.56
C LYS C 425 42.43 32.19 21.32
N SER C 426 42.90 30.95 21.43
CA SER C 426 44.20 30.69 22.07
C SER C 426 45.34 31.08 21.14
N VAL D 1 -9.35 -39.30 -44.83
CA VAL D 1 -9.55 -37.90 -45.18
C VAL D 1 -8.19 -37.22 -45.26
N VAL D 2 -8.06 -36.25 -46.17
CA VAL D 2 -6.85 -35.46 -46.32
C VAL D 2 -7.21 -33.98 -46.15
N VAL D 3 -6.38 -33.26 -45.39
CA VAL D 3 -6.59 -31.86 -45.10
C VAL D 3 -5.30 -31.10 -45.34
N THR D 4 -5.42 -29.88 -45.85
CA THR D 4 -4.28 -29.00 -46.06
C THR D 4 -4.37 -27.80 -45.13
N THR D 5 -3.21 -27.36 -44.65
CA THR D 5 -3.16 -26.24 -43.72
C THR D 5 -2.03 -25.30 -44.11
N ILE D 6 -2.18 -24.04 -43.71
CA ILE D 6 -1.24 -22.99 -44.03
C ILE D 6 -0.37 -22.72 -42.80
N MET D 7 0.94 -22.58 -43.02
CA MET D 7 1.87 -22.38 -41.92
C MET D 7 1.68 -20.99 -41.32
N GLU D 8 0.87 -20.90 -40.27
CA GLU D 8 0.56 -19.65 -39.59
C GLU D 8 1.10 -19.73 -38.18
N SER D 9 1.90 -18.74 -37.78
CA SER D 9 2.64 -18.83 -36.52
C SER D 9 1.79 -18.95 -35.26
N PRO D 10 0.70 -18.20 -35.04
CA PRO D 10 -0.09 -18.43 -33.83
C PRO D 10 -1.12 -19.54 -33.93
N TYR D 11 -1.05 -20.40 -34.93
CA TYR D 11 -1.96 -21.53 -35.05
C TYR D 11 -1.24 -22.86 -35.18
N VAL D 12 -0.15 -22.92 -35.94
CA VAL D 12 0.65 -24.13 -36.09
C VAL D 12 2.13 -23.77 -35.97
N MET D 13 2.87 -24.59 -35.24
CA MET D 13 4.32 -24.42 -35.11
C MET D 13 5.00 -25.77 -35.20
N TYR D 14 6.25 -25.75 -35.64
CA TYR D 14 7.07 -26.95 -35.64
C TYR D 14 7.47 -27.31 -34.21
N LYS D 15 7.38 -28.60 -33.89
CA LYS D 15 7.77 -29.04 -32.57
C LYS D 15 9.29 -29.05 -32.43
N LYS D 16 9.75 -28.97 -31.18
CA LYS D 16 11.19 -28.95 -30.92
C LYS D 16 11.85 -30.27 -31.32
N ASN D 17 11.19 -31.39 -31.03
CA ASN D 17 11.72 -32.71 -31.43
C ASN D 17 11.23 -33.03 -32.85
N HIS D 18 11.86 -32.36 -33.82
CA HIS D 18 11.48 -32.54 -35.21
C HIS D 18 11.85 -33.92 -35.73
N GLU D 19 12.95 -34.50 -35.25
CA GLU D 19 13.41 -35.80 -35.70
C GLU D 19 12.80 -36.95 -34.90
N MET D 20 11.98 -36.65 -33.89
CA MET D 20 11.37 -37.71 -33.09
C MET D 20 10.34 -38.48 -33.91
N PHE D 21 9.45 -37.77 -34.59
CA PHE D 21 8.41 -38.41 -35.39
C PHE D 21 7.96 -37.45 -36.48
N GLU D 22 7.68 -37.99 -37.65
CA GLU D 22 7.18 -37.23 -38.79
C GLU D 22 5.84 -37.80 -39.23
N GLY D 23 4.83 -36.93 -39.36
CA GLY D 23 3.52 -37.37 -39.77
C GLY D 23 2.39 -36.67 -39.04
N ASN D 24 1.43 -37.45 -38.54
CA ASN D 24 0.29 -36.89 -37.84
C ASN D 24 0.71 -36.28 -36.50
N ASP D 25 1.57 -36.96 -35.75
CA ASP D 25 2.03 -36.48 -34.45
C ASP D 25 3.33 -35.67 -34.61
N LYS D 26 3.24 -34.63 -35.43
CA LYS D 26 4.39 -33.76 -35.68
C LYS D 26 4.08 -32.28 -35.46
N TYR D 27 2.85 -31.94 -35.09
CA TYR D 27 2.46 -30.55 -34.90
C TYR D 27 1.66 -30.42 -33.60
N GLU D 28 1.70 -29.22 -33.03
CA GLU D 28 0.94 -28.90 -31.82
C GLU D 28 0.44 -27.47 -31.93
N GLY D 29 -0.80 -27.25 -31.51
CA GLY D 29 -1.36 -25.92 -31.54
C GLY D 29 -2.88 -25.97 -31.61
N TYR D 30 -3.46 -24.88 -32.11
CA TYR D 30 -4.91 -24.78 -32.21
C TYR D 30 -5.43 -25.61 -33.37
N CYS D 31 -4.88 -25.40 -34.57
CA CYS D 31 -5.46 -25.94 -35.80
C CYS D 31 -5.34 -27.46 -35.85
N VAL D 32 -4.15 -28.00 -35.62
CA VAL D 32 -3.94 -29.44 -35.78
C VAL D 32 -4.65 -30.22 -34.67
N ASP D 33 -4.67 -29.70 -33.46
CA ASP D 33 -5.37 -30.39 -32.38
C ASP D 33 -6.88 -30.29 -32.54
N LEU D 34 -7.38 -29.17 -33.07
CA LEU D 34 -8.80 -29.09 -33.39
C LEU D 34 -9.18 -30.07 -34.49
N ALA D 35 -8.30 -30.23 -35.50
CA ALA D 35 -8.55 -31.21 -36.55
C ALA D 35 -8.56 -32.62 -35.98
N SER D 36 -7.62 -32.94 -35.09
CA SER D 36 -7.60 -34.26 -34.46
C SER D 36 -8.85 -34.48 -33.62
N GLU D 37 -9.29 -33.46 -32.89
CA GLU D 37 -10.47 -33.59 -32.04
C GLU D 37 -11.73 -33.83 -32.87
N ILE D 38 -11.91 -33.07 -33.97
CA ILE D 38 -13.10 -33.28 -34.78
C ILE D 38 -13.02 -34.60 -35.53
N ALA D 39 -11.83 -35.03 -35.93
CA ALA D 39 -11.68 -36.33 -36.59
C ALA D 39 -12.02 -37.47 -35.64
N LYS D 40 -11.60 -37.35 -34.37
CA LYS D 40 -12.00 -38.34 -33.38
C LYS D 40 -13.49 -38.25 -33.07
N HIS D 41 -14.08 -37.06 -33.21
CA HIS D 41 -15.51 -36.90 -32.98
C HIS D 41 -16.33 -37.62 -34.04
N ILE D 42 -15.99 -37.44 -35.32
CA ILE D 42 -16.75 -38.14 -36.36
C ILE D 42 -16.26 -39.57 -36.52
N GLY D 43 -14.95 -39.77 -36.51
CA GLY D 43 -14.37 -41.09 -36.64
C GLY D 43 -13.87 -41.33 -38.06
N ILE D 44 -12.57 -41.10 -38.28
CA ILE D 44 -11.96 -41.22 -39.60
C ILE D 44 -10.44 -41.17 -39.44
N LYS D 45 -9.72 -41.77 -40.37
CA LYS D 45 -8.27 -41.63 -40.42
C LYS D 45 -7.90 -40.35 -41.14
N TYR D 46 -7.06 -39.54 -40.51
CA TYR D 46 -6.73 -38.22 -41.02
C TYR D 46 -5.22 -38.07 -41.19
N LYS D 47 -4.83 -37.26 -42.18
CA LYS D 47 -3.44 -36.93 -42.43
C LYS D 47 -3.31 -35.43 -42.61
N ILE D 48 -2.15 -34.90 -42.27
CA ILE D 48 -1.89 -33.46 -42.27
C ILE D 48 -0.95 -33.14 -43.44
N ALA D 49 -1.33 -32.15 -44.23
CA ALA D 49 -0.53 -31.70 -45.37
C ALA D 49 -0.43 -30.18 -45.34
N ILE D 50 0.64 -29.67 -45.95
CA ILE D 50 0.89 -28.24 -46.03
C ILE D 50 0.39 -27.73 -47.38
N VAL D 51 0.05 -26.44 -47.43
CA VAL D 51 -0.39 -25.85 -48.70
C VAL D 51 0.78 -25.79 -49.67
N PRO D 52 0.56 -26.01 -50.97
CA PRO D 52 1.66 -25.87 -51.94
C PRO D 52 1.86 -24.45 -52.43
N ASP D 53 0.85 -23.58 -52.31
CA ASP D 53 0.92 -22.22 -52.82
C ASP D 53 1.24 -21.20 -51.75
N GLY D 54 0.71 -21.35 -50.55
CA GLY D 54 0.92 -20.41 -49.47
C GLY D 54 -0.06 -19.25 -49.43
N LYS D 55 -0.98 -19.16 -50.39
CA LYS D 55 -1.96 -18.08 -50.40
C LYS D 55 -3.05 -18.33 -49.37
N TYR D 56 -3.59 -17.24 -48.82
CA TYR D 56 -4.66 -17.34 -47.84
C TYR D 56 -6.00 -17.70 -48.48
N GLY D 57 -6.16 -17.44 -49.77
CA GLY D 57 -7.40 -17.77 -50.45
C GLY D 57 -8.17 -16.55 -50.90
N ALA D 58 -8.08 -16.22 -52.19
CA ALA D 58 -8.77 -15.08 -52.75
C ALA D 58 -8.95 -15.30 -54.25
N ARG D 59 -9.85 -14.51 -54.83
CA ARG D 59 -10.12 -14.57 -56.26
C ARG D 59 -9.31 -13.50 -56.99
N ASP D 60 -8.62 -13.90 -58.06
CA ASP D 60 -7.82 -12.96 -58.83
C ASP D 60 -8.66 -12.04 -59.71
N ALA D 61 -9.93 -12.39 -59.92
CA ALA D 61 -10.95 -11.57 -60.59
C ALA D 61 -10.62 -11.27 -62.05
N ASP D 62 -9.64 -11.93 -62.63
CA ASP D 62 -9.36 -11.76 -64.06
C ASP D 62 -9.32 -13.07 -64.82
N THR D 63 -8.75 -14.12 -64.23
CA THR D 63 -8.72 -15.45 -64.83
C THR D 63 -9.76 -16.38 -64.24
N LYS D 64 -10.60 -15.89 -63.31
CA LYS D 64 -11.70 -16.65 -62.70
C LYS D 64 -11.23 -17.93 -62.03
N ILE D 65 -10.07 -17.85 -61.37
CA ILE D 65 -9.54 -18.97 -60.60
C ILE D 65 -9.26 -18.49 -59.18
N TRP D 66 -9.07 -19.45 -58.28
CA TRP D 66 -8.72 -19.17 -56.90
C TRP D 66 -7.38 -19.80 -56.58
N ASN D 67 -6.55 -19.07 -55.82
CA ASN D 67 -5.26 -19.56 -55.36
C ASN D 67 -5.29 -19.73 -53.85
N GLY D 68 -4.81 -20.88 -53.37
CA GLY D 68 -4.82 -21.15 -51.95
C GLY D 68 -5.73 -22.30 -51.57
N MET D 69 -6.21 -22.30 -50.32
CA MET D 69 -7.03 -23.41 -49.84
C MET D 69 -8.34 -23.50 -50.61
N VAL D 70 -8.97 -22.34 -50.88
CA VAL D 70 -10.22 -22.36 -51.65
C VAL D 70 -9.95 -22.86 -53.07
N GLY D 71 -8.80 -22.51 -53.63
CA GLY D 71 -8.45 -23.04 -54.95
C GLY D 71 -8.25 -24.54 -54.95
N GLU D 72 -7.70 -25.08 -53.86
CA GLU D 72 -7.49 -26.53 -53.80
C GLU D 72 -8.80 -27.29 -53.58
N LEU D 73 -9.67 -26.78 -52.70
CA LEU D 73 -10.95 -27.45 -52.48
C LEU D 73 -11.90 -27.32 -53.66
N VAL D 74 -11.89 -26.17 -54.36
CA VAL D 74 -12.77 -26.03 -55.52
C VAL D 74 -12.31 -26.95 -56.65
N TYR D 75 -11.01 -27.01 -56.91
CA TYR D 75 -10.49 -27.81 -58.03
C TYR D 75 -10.24 -29.27 -57.65
N GLY D 76 -10.74 -29.73 -56.51
CA GLY D 76 -10.64 -31.13 -56.15
C GLY D 76 -9.26 -31.58 -55.73
N LYS D 77 -8.77 -31.04 -54.61
CA LYS D 77 -7.49 -31.45 -54.06
C LYS D 77 -7.65 -31.83 -52.59
N ALA D 78 -8.66 -31.26 -51.93
CA ALA D 78 -8.94 -31.56 -50.54
C ALA D 78 -10.44 -31.43 -50.32
N GLU D 79 -10.98 -32.30 -49.48
CA GLU D 79 -12.40 -32.29 -49.15
C GLU D 79 -12.70 -31.67 -47.79
N ILE D 80 -11.70 -31.08 -47.14
CA ILE D 80 -11.88 -30.38 -45.88
C ILE D 80 -10.71 -29.44 -45.70
N ALA D 81 -10.96 -28.31 -45.01
CA ALA D 81 -9.93 -27.29 -44.77
C ALA D 81 -10.05 -26.81 -43.33
N ILE D 82 -9.33 -27.49 -42.42
CA ILE D 82 -9.32 -27.09 -41.01
C ILE D 82 -8.46 -25.86 -40.77
N ALA D 83 -7.71 -25.40 -41.76
CA ALA D 83 -6.93 -24.20 -41.62
C ALA D 83 -7.84 -22.99 -41.44
N PRO D 84 -7.41 -21.99 -40.66
CA PRO D 84 -8.24 -20.81 -40.45
C PRO D 84 -8.49 -20.05 -41.75
N LEU D 85 -9.70 -19.52 -41.89
CA LEU D 85 -10.11 -18.83 -43.12
C LEU D 85 -11.29 -17.93 -42.78
N THR D 86 -11.12 -16.63 -42.98
CA THR D 86 -12.18 -15.67 -42.68
C THR D 86 -13.30 -15.77 -43.70
N ILE D 87 -14.48 -15.32 -43.27
CA ILE D 87 -15.68 -15.39 -44.09
C ILE D 87 -15.85 -14.07 -44.83
N THR D 88 -15.83 -14.12 -46.15
CA THR D 88 -15.99 -12.94 -47.00
C THR D 88 -17.12 -13.17 -47.98
N LEU D 89 -17.61 -12.07 -48.58
CA LEU D 89 -18.73 -12.16 -49.50
C LEU D 89 -18.37 -12.93 -50.77
N VAL D 90 -17.10 -12.91 -51.15
CA VAL D 90 -16.69 -13.59 -52.38
C VAL D 90 -16.49 -15.08 -52.16
N ARG D 91 -16.19 -15.49 -50.93
CA ARG D 91 -15.98 -16.90 -50.63
C ARG D 91 -17.24 -17.58 -50.08
N GLU D 92 -18.36 -17.44 -50.80
CA GLU D 92 -19.56 -18.16 -50.40
C GLU D 92 -20.23 -18.86 -51.58
N GLU D 93 -20.11 -18.30 -52.78
CA GLU D 93 -20.76 -18.90 -53.94
C GLU D 93 -19.99 -20.09 -54.50
N VAL D 94 -18.73 -20.25 -54.13
CA VAL D 94 -17.93 -21.38 -54.61
C VAL D 94 -17.52 -22.34 -53.49
N ILE D 95 -17.64 -21.93 -52.23
CA ILE D 95 -17.26 -22.77 -51.10
C ILE D 95 -18.32 -22.64 -50.02
N ASP D 96 -18.39 -23.64 -49.15
CA ASP D 96 -19.31 -23.64 -48.03
C ASP D 96 -18.55 -23.41 -46.72
N PHE D 97 -19.14 -22.59 -45.85
CA PHE D 97 -18.55 -22.26 -44.57
C PHE D 97 -19.46 -22.72 -43.44
N SER D 98 -18.86 -23.16 -42.34
CA SER D 98 -19.61 -23.59 -41.17
C SER D 98 -19.87 -22.39 -40.27
N LYS D 99 -20.35 -22.65 -39.06
CA LYS D 99 -20.54 -21.58 -38.08
C LYS D 99 -19.19 -21.14 -37.56
N PRO D 100 -18.99 -19.83 -37.31
CA PRO D 100 -17.69 -19.35 -36.84
C PRO D 100 -17.41 -19.80 -35.42
N PHE D 101 -16.30 -20.52 -35.24
CA PHE D 101 -15.90 -21.02 -33.93
C PHE D 101 -15.01 -20.04 -33.18
N MET D 102 -14.56 -18.96 -33.82
CA MET D 102 -13.81 -17.90 -33.16
C MET D 102 -14.34 -16.56 -33.61
N SER D 103 -14.22 -15.56 -32.73
CA SER D 103 -14.63 -14.20 -33.02
C SER D 103 -13.40 -13.31 -33.01
N LEU D 104 -13.20 -12.57 -34.10
CA LEU D 104 -12.04 -11.70 -34.25
C LEU D 104 -12.47 -10.39 -34.89
N GLY D 105 -11.64 -9.38 -34.71
CA GLY D 105 -11.93 -8.07 -35.27
C GLY D 105 -10.69 -7.21 -35.26
N ILE D 106 -10.84 -6.01 -35.80
CA ILE D 106 -9.74 -5.05 -35.88
C ILE D 106 -9.61 -4.37 -34.52
N SER D 107 -8.43 -4.47 -33.92
CA SER D 107 -8.16 -3.93 -32.59
C SER D 107 -6.92 -3.05 -32.63
N ILE D 108 -6.88 -2.12 -31.67
CA ILE D 108 -5.76 -1.20 -31.55
C ILE D 108 -4.59 -1.88 -30.84
N MET D 109 -3.39 -1.36 -31.08
CA MET D 109 -2.25 -1.74 -30.27
C MET D 109 -1.27 -0.57 -30.24
N ILE D 110 -0.70 -0.34 -29.05
CA ILE D 110 0.24 0.74 -28.81
C ILE D 110 1.55 0.14 -28.33
N LYS D 111 2.52 0.99 -27.99
CA LYS D 111 3.81 0.53 -27.51
C LYS D 111 3.72 0.27 -26.00
N LYS D 112 4.87 0.06 -25.38
CA LYS D 112 4.91 -0.23 -23.95
C LYS D 112 4.59 1.03 -23.14
N PRO D 113 3.59 0.99 -22.25
CA PRO D 113 3.30 2.15 -21.41
C PRO D 113 4.28 2.24 -20.24
N GLN D 114 5.11 3.28 -20.27
CA GLN D 114 6.14 3.49 -19.27
C GLN D 114 5.96 4.84 -18.60
N LYS D 115 6.61 4.99 -17.44
CA LYS D 115 6.52 6.24 -16.69
C LYS D 115 7.37 7.31 -17.35
N SER D 116 6.76 8.48 -17.59
CA SER D 116 7.48 9.60 -18.17
C SER D 116 8.33 10.30 -17.12
N LYS D 117 9.32 11.05 -17.59
CA LYS D 117 10.24 11.79 -16.72
C LYS D 117 10.32 13.23 -17.18
N PRO D 118 9.32 14.04 -16.88
CA PRO D 118 9.38 15.47 -17.24
C PRO D 118 10.26 16.25 -16.27
N GLY D 119 10.72 17.40 -16.74
CA GLY D 119 11.59 18.25 -15.95
C GLY D 119 10.86 19.24 -15.08
N VAL D 120 9.99 20.05 -15.68
CA VAL D 120 9.26 21.07 -14.93
C VAL D 120 7.97 20.51 -14.34
N PHE D 121 7.30 19.61 -15.06
CA PHE D 121 6.04 19.06 -14.58
C PHE D 121 6.22 18.19 -13.35
N SER D 122 7.38 17.56 -13.19
CA SER D 122 7.64 16.72 -12.02
C SER D 122 7.72 17.53 -10.73
N PHE D 123 7.96 18.84 -10.82
CA PHE D 123 7.94 19.68 -9.63
C PHE D 123 6.53 19.74 -9.03
N LEU D 124 5.51 19.76 -9.88
CA LEU D 124 4.13 19.71 -9.41
C LEU D 124 3.38 18.55 -10.07
N ASP D 125 4.01 17.37 -10.07
CA ASP D 125 3.34 16.19 -10.64
C ASP D 125 2.05 15.82 -9.91
N PRO D 126 1.96 15.80 -8.58
CA PRO D 126 0.64 15.70 -7.94
C PRO D 126 -0.05 17.06 -7.94
N LEU D 127 -1.21 17.10 -7.29
CA LEU D 127 -2.09 18.28 -7.22
C LEU D 127 -2.50 18.64 -8.66
N ALA D 128 -2.58 19.92 -9.00
CA ALA D 128 -2.98 20.35 -10.33
C ALA D 128 -2.31 21.68 -10.63
N TYR D 129 -2.82 22.40 -11.63
CA TYR D 129 -2.38 23.76 -11.91
C TYR D 129 -3.25 24.82 -11.26
N GLU D 130 -4.58 24.62 -11.28
CA GLU D 130 -5.49 25.58 -10.69
C GLU D 130 -5.27 25.71 -9.19
N ILE D 131 -4.76 24.65 -8.54
CA ILE D 131 -4.46 24.71 -7.12
C ILE D 131 -3.37 25.75 -6.84
N TRP D 132 -2.33 25.79 -7.67
CA TRP D 132 -1.27 26.76 -7.40
C TRP D 132 -1.60 28.14 -7.96
N MET D 133 -2.42 28.22 -9.01
CA MET D 133 -2.97 29.53 -9.38
C MET D 133 -3.78 30.13 -8.23
N CYS D 134 -4.62 29.32 -7.59
CA CYS D 134 -5.41 29.84 -6.48
C CYS D 134 -4.56 30.12 -5.25
N ILE D 135 -3.49 29.36 -5.02
CA ILE D 135 -2.65 29.67 -3.87
C ILE D 135 -1.87 30.96 -4.09
N VAL D 136 -1.46 31.25 -5.34
CA VAL D 136 -0.81 32.53 -5.62
C VAL D 136 -1.82 33.68 -5.49
N PHE D 137 -3.05 33.46 -5.97
CA PHE D 137 -4.09 34.47 -5.85
C PHE D 137 -4.36 34.78 -4.39
N ALA D 138 -4.46 33.74 -3.55
CA ALA D 138 -4.67 33.93 -2.12
C ALA D 138 -3.47 34.60 -1.46
N TYR D 139 -2.25 34.30 -1.92
CA TYR D 139 -1.05 34.95 -1.37
C TYR D 139 -1.08 36.45 -1.63
N ILE D 140 -1.38 36.84 -2.87
CA ILE D 140 -1.48 38.27 -3.19
C ILE D 140 -2.62 38.91 -2.42
N GLY D 141 -3.75 38.22 -2.30
CA GLY D 141 -4.88 38.79 -1.58
C GLY D 141 -4.59 39.00 -0.11
N VAL D 142 -3.98 38.02 0.54
CA VAL D 142 -3.68 38.16 1.97
C VAL D 142 -2.59 39.20 2.19
N SER D 143 -1.64 39.33 1.25
CA SER D 143 -0.64 40.38 1.37
C SER D 143 -1.27 41.76 1.27
N VAL D 144 -2.17 41.95 0.31
CA VAL D 144 -2.84 43.25 0.15
C VAL D 144 -3.70 43.56 1.36
N VAL D 145 -4.44 42.56 1.86
CA VAL D 145 -5.32 42.78 3.02
C VAL D 145 -4.49 43.13 4.25
N LEU D 146 -3.39 42.40 4.49
CA LEU D 146 -2.54 42.69 5.64
C LEU D 146 -1.90 44.06 5.53
N PHE D 147 -1.52 44.47 4.31
CA PHE D 147 -0.93 45.80 4.15
C PHE D 147 -1.97 46.89 4.42
N LEU D 148 -3.20 46.72 3.93
CA LEU D 148 -4.19 47.78 4.08
C LEU D 148 -4.76 47.85 5.49
N VAL D 149 -4.89 46.71 6.19
CA VAL D 149 -5.56 46.74 7.49
C VAL D 149 -4.62 47.22 8.59
N SER D 150 -3.30 47.15 8.38
CA SER D 150 -2.34 47.56 9.41
C SER D 150 -2.18 49.07 9.49
N ARG D 151 -2.66 49.83 8.51
CA ARG D 151 -2.53 51.28 8.54
C ARG D 151 -3.86 51.95 8.87
N GLU D 176 4.90 50.41 9.93
CA GLU D 176 6.14 49.96 9.31
C GLU D 176 5.87 49.02 8.15
N PHE D 177 4.63 48.56 8.04
CA PHE D 177 4.23 47.64 6.98
C PHE D 177 3.89 48.43 5.73
N GLY D 178 4.87 48.55 4.83
CA GLY D 178 4.69 49.21 3.55
C GLY D 178 4.30 48.24 2.46
N ILE D 179 4.72 48.55 1.24
CA ILE D 179 4.45 47.69 0.09
C ILE D 179 5.45 46.56 -0.03
N PHE D 180 6.40 46.44 0.89
CA PHE D 180 7.38 45.36 0.86
C PHE D 180 7.40 44.59 2.17
N ASN D 181 7.16 45.29 3.29
CA ASN D 181 7.20 44.63 4.59
C ASN D 181 6.06 43.63 4.75
N SER D 182 4.85 44.02 4.34
CA SER D 182 3.72 43.09 4.39
C SER D 182 3.91 41.92 3.44
N LEU D 183 4.50 42.18 2.28
CA LEU D 183 4.82 41.11 1.33
C LEU D 183 5.82 40.13 1.94
N TRP D 184 6.83 40.65 2.62
CA TRP D 184 7.81 39.78 3.29
C TRP D 184 7.15 38.99 4.42
N PHE D 185 6.23 39.62 5.16
CA PHE D 185 5.53 38.91 6.23
C PHE D 185 4.71 37.76 5.66
N SER D 186 3.95 38.01 4.59
CA SER D 186 3.15 36.95 3.98
C SER D 186 4.02 35.86 3.38
N LEU D 187 5.14 36.25 2.76
CA LEU D 187 6.05 35.27 2.17
C LEU D 187 6.68 34.39 3.25
N GLY D 188 7.08 34.98 4.38
CA GLY D 188 7.58 34.19 5.49
C GLY D 188 6.51 33.29 6.08
N ALA D 189 5.27 33.77 6.11
CA ALA D 189 4.15 32.93 6.55
C ALA D 189 3.92 31.77 5.60
N PHE D 190 4.29 31.92 4.32
CA PHE D 190 4.07 30.87 3.34
C PHE D 190 5.00 29.67 3.50
N MET D 191 6.05 29.77 4.31
CA MET D 191 7.00 28.67 4.49
C MET D 191 7.30 28.43 5.96
N GLN D 192 6.24 28.32 6.78
CA GLN D 192 6.26 27.79 8.14
C GLN D 192 7.06 28.67 9.11
N GLN D 193 7.62 29.78 8.65
CA GLN D 193 8.40 30.67 9.49
C GLN D 193 7.54 31.83 9.99
N GLY D 194 7.91 32.37 11.14
CA GLY D 194 7.23 33.54 11.68
C GLY D 194 7.74 34.82 11.06
N CYS D 195 8.00 35.84 11.88
CA CYS D 195 8.55 37.09 11.38
C CYS D 195 9.33 37.78 12.49
N ASP D 196 10.21 38.69 12.09
CA ASP D 196 10.99 39.45 13.05
C ASP D 196 10.15 40.51 13.76
N ILE D 197 9.18 41.08 13.05
CA ILE D 197 8.34 42.14 13.59
C ILE D 197 6.88 41.70 13.55
N SER D 198 6.10 42.17 14.53
CA SER D 198 4.69 41.83 14.64
C SER D 198 3.87 43.09 14.81
N PRO D 199 2.68 43.14 14.21
CA PRO D 199 1.82 44.31 14.35
C PRO D 199 1.13 44.34 15.72
N ARG D 200 0.42 45.44 15.97
CA ARG D 200 -0.32 45.64 17.21
C ARG D 200 -1.83 45.69 16.94
N SER D 201 -2.27 45.07 15.85
CA SER D 201 -3.69 45.02 15.48
C SER D 201 -4.15 43.57 15.51
N LEU D 202 -5.29 43.33 16.17
CA LEU D 202 -5.83 41.98 16.26
C LEU D 202 -6.35 41.47 14.92
N SER D 203 -6.72 42.37 14.01
CA SER D 203 -7.07 41.96 12.65
C SER D 203 -5.88 41.33 11.94
N GLY D 204 -4.70 41.95 12.09
CA GLY D 204 -3.49 41.37 11.52
C GLY D 204 -3.15 40.03 12.15
N ARG D 205 -3.36 39.90 13.46
CA ARG D 205 -3.12 38.62 14.12
C ARG D 205 -4.05 37.54 13.59
N ILE D 206 -5.34 37.87 13.43
CA ILE D 206 -6.31 36.89 12.95
C ILE D 206 -5.99 36.47 11.52
N VAL D 207 -5.68 37.44 10.65
CA VAL D 207 -5.41 37.10 9.25
C VAL D 207 -4.09 36.32 9.13
N GLY D 208 -3.09 36.66 9.95
CA GLY D 208 -1.86 35.90 9.95
C GLY D 208 -2.05 34.48 10.45
N GLY D 209 -2.88 34.32 11.48
CA GLY D 209 -3.16 32.97 11.98
C GLY D 209 -3.89 32.11 10.99
N VAL D 210 -4.92 32.66 10.32
CA VAL D 210 -5.65 31.86 9.35
C VAL D 210 -4.78 31.56 8.13
N TRP D 211 -3.92 32.49 7.72
CA TRP D 211 -3.01 32.21 6.62
C TRP D 211 -1.97 31.15 7.00
N TRP D 212 -1.47 31.21 8.24
CA TRP D 212 -0.55 30.18 8.73
C TRP D 212 -1.22 28.82 8.73
N PHE D 213 -2.47 28.76 9.20
CA PHE D 213 -3.22 27.51 9.21
C PHE D 213 -3.41 26.96 7.80
N PHE D 214 -3.78 27.83 6.84
CA PHE D 214 -3.97 27.38 5.47
C PHE D 214 -2.66 26.89 4.87
N THR D 215 -1.56 27.61 5.09
CA THR D 215 -0.27 27.19 4.55
C THR D 215 0.14 25.84 5.11
N LEU D 216 -0.01 25.65 6.41
CA LEU D 216 0.35 24.39 7.05
C LEU D 216 -0.52 23.24 6.53
N ILE D 217 -1.83 23.48 6.40
CA ILE D 217 -2.72 22.40 5.98
C ILE D 217 -2.47 22.03 4.52
N ILE D 218 -2.17 23.01 3.67
CA ILE D 218 -1.96 22.69 2.26
C ILE D 218 -0.58 22.06 2.06
N ILE D 219 0.42 22.42 2.87
CA ILE D 219 1.71 21.76 2.76
C ILE D 219 1.60 20.31 3.22
N SER D 220 0.85 20.06 4.30
CA SER D 220 0.62 18.69 4.74
C SER D 220 -0.11 17.87 3.68
N SER D 221 -1.16 18.45 3.08
CA SER D 221 -1.90 17.74 2.05
C SER D 221 -1.03 17.44 0.83
N TYR D 222 -0.22 18.40 0.40
CA TYR D 222 0.67 18.19 -0.73
C TYR D 222 1.70 17.12 -0.44
N THR D 223 2.31 17.15 0.76
CA THR D 223 3.31 16.16 1.10
C THR D 223 2.72 14.76 1.14
N ALA D 224 1.51 14.62 1.70
CA ALA D 224 0.84 13.33 1.73
C ALA D 224 0.49 12.85 0.32
N ASN D 225 0.05 13.75 -0.56
CA ASN D 225 -0.28 13.37 -1.93
C ASN D 225 0.97 12.92 -2.66
N LEU D 226 2.09 13.62 -2.47
CA LEU D 226 3.35 13.20 -3.09
C LEU D 226 3.81 11.85 -2.55
N ALA D 227 3.59 11.60 -1.26
CA ALA D 227 3.93 10.30 -0.68
C ALA D 227 3.10 9.19 -1.31
N ALA D 228 1.79 9.42 -1.50
CA ALA D 228 0.94 8.42 -2.13
C ALA D 228 1.37 8.16 -3.57
N PHE D 229 1.65 9.23 -4.32
CA PHE D 229 2.07 9.09 -5.72
C PHE D 229 3.39 8.32 -5.81
N LEU D 230 4.33 8.61 -4.90
CA LEU D 230 5.61 7.92 -4.94
C LEU D 230 5.49 6.47 -4.46
N THR D 231 4.52 6.17 -3.61
CA THR D 231 4.40 4.80 -3.10
C THR D 231 3.50 3.92 -3.95
N VAL D 232 2.76 4.46 -4.91
CA VAL D 232 1.97 3.62 -5.81
C VAL D 232 2.66 3.42 -7.16
N GLU D 233 3.30 4.46 -7.70
CA GLU D 233 3.92 4.54 -9.03
C GLU D 233 3.09 3.85 -10.11
N ARG D 234 1.77 3.99 -10.04
CA ARG D 234 0.87 3.31 -10.97
C ARG D 234 0.90 3.99 -12.33
N MET D 235 1.06 3.20 -13.39
CA MET D 235 1.03 3.70 -14.76
C MET D 235 -0.41 3.75 -15.25
N VAL D 236 -0.82 4.91 -15.73
CA VAL D 236 -2.18 5.11 -16.23
C VAL D 236 -2.20 4.80 -17.72
N SER D 237 -3.35 4.38 -18.22
CA SER D 237 -3.49 4.08 -19.64
C SER D 237 -3.39 5.37 -20.45
N PRO D 238 -2.76 5.33 -21.63
CA PRO D 238 -2.62 6.54 -22.45
C PRO D 238 -3.95 7.03 -23.03
N ILE D 239 -3.87 8.11 -23.82
CA ILE D 239 -5.06 8.66 -24.45
C ILE D 239 -5.64 7.69 -25.48
N GLU D 240 -4.79 6.95 -26.19
CA GLU D 240 -5.22 6.03 -27.23
C GLU D 240 -5.86 4.80 -26.59
N SER D 241 -7.14 4.95 -26.21
CA SER D 241 -7.91 3.86 -25.64
C SER D 241 -9.27 3.67 -26.29
N ALA D 242 -9.69 4.57 -27.18
CA ALA D 242 -10.97 4.44 -27.87
C ALA D 242 -10.86 5.10 -29.24
N GLU D 243 -11.79 4.73 -30.13
CA GLU D 243 -11.78 5.29 -31.48
C GLU D 243 -12.06 6.79 -31.46
N ASP D 244 -12.98 7.23 -30.61
CA ASP D 244 -13.24 8.66 -30.46
C ASP D 244 -12.01 9.39 -29.94
N LEU D 245 -11.30 8.79 -28.99
CA LEU D 245 -10.04 9.37 -28.52
C LEU D 245 -8.94 9.20 -29.56
N ALA D 246 -9.03 8.17 -30.42
CA ALA D 246 -8.07 8.00 -31.49
C ALA D 246 -8.19 9.13 -32.52
N LYS D 247 -9.42 9.54 -32.83
CA LYS D 247 -9.62 10.61 -33.80
C LYS D 247 -9.27 11.98 -33.22
N GLN D 248 -9.33 12.15 -31.91
CA GLN D 248 -9.12 13.45 -31.27
C GLN D 248 -7.69 13.67 -30.78
N THR D 249 -6.79 12.72 -31.00
CA THR D 249 -5.43 12.84 -30.52
C THR D 249 -4.49 13.16 -31.68
N GLU D 250 -3.32 13.69 -31.33
CA GLU D 250 -2.30 14.07 -32.30
C GLU D 250 -1.32 12.95 -32.61
N ILE D 251 -1.44 11.80 -31.95
CA ILE D 251 -0.50 10.71 -32.19
C ILE D 251 -0.74 10.11 -33.58
N ALA D 252 0.31 9.49 -34.12
CA ALA D 252 0.23 8.90 -35.44
C ALA D 252 -0.49 7.55 -35.38
N TYR D 253 -0.96 7.10 -36.54
CA TYR D 253 -1.63 5.82 -36.66
C TYR D 253 -1.21 5.16 -37.97
N GLY D 254 -1.22 3.83 -37.98
CA GLY D 254 -0.81 3.09 -39.15
C GLY D 254 -1.60 1.80 -39.28
N THR D 255 -1.42 1.15 -40.43
CA THR D 255 -2.11 -0.10 -40.73
C THR D 255 -1.30 -0.87 -41.77
N LEU D 256 -1.89 -1.93 -42.30
CA LEU D 256 -1.24 -2.81 -43.26
C LEU D 256 -1.49 -2.32 -44.68
N ASP D 257 -0.62 -2.75 -45.60
CA ASP D 257 -0.64 -2.25 -46.98
C ASP D 257 -1.96 -2.58 -47.67
N SER D 258 -2.24 -3.85 -47.88
CA SER D 258 -3.45 -4.27 -48.58
C SER D 258 -3.94 -5.57 -47.98
N GLY D 259 -5.17 -5.55 -47.47
CA GLY D 259 -5.72 -6.74 -46.85
C GLY D 259 -7.14 -6.49 -46.38
N SER D 260 -7.55 -7.27 -45.38
CA SER D 260 -8.90 -7.13 -44.83
C SER D 260 -9.09 -5.77 -44.18
N THR D 261 -8.09 -5.29 -43.43
CA THR D 261 -8.19 -3.97 -42.83
C THR D 261 -8.21 -2.87 -43.89
N LYS D 262 -7.38 -3.00 -44.91
CA LYS D 262 -7.36 -2.01 -45.99
C LYS D 262 -8.67 -2.03 -46.78
N GLU D 263 -9.22 -3.22 -47.03
CA GLU D 263 -10.49 -3.32 -47.72
C GLU D 263 -11.62 -2.73 -46.89
N PHE D 264 -11.60 -2.95 -45.57
CA PHE D 264 -12.62 -2.36 -44.70
C PHE D 264 -12.52 -0.85 -44.65
N PHE D 265 -11.29 -0.32 -44.60
CA PHE D 265 -11.10 1.13 -44.54
C PHE D 265 -11.25 1.80 -45.89
N ARG D 266 -11.26 1.04 -46.99
CA ARG D 266 -11.44 1.64 -48.31
C ARG D 266 -12.85 2.20 -48.47
N ARG D 267 -13.86 1.47 -48.00
CA ARG D 267 -15.25 1.88 -48.10
C ARG D 267 -15.85 1.92 -46.71
N SER D 268 -16.37 3.08 -46.32
CA SER D 268 -16.98 3.26 -45.02
C SER D 268 -18.20 4.15 -45.14
N LYS D 269 -19.16 3.94 -44.23
CA LYS D 269 -20.34 4.80 -44.15
C LYS D 269 -20.77 5.06 -42.71
N ILE D 270 -19.86 4.91 -41.74
CA ILE D 270 -20.22 4.99 -40.33
C ILE D 270 -20.04 6.41 -39.79
N ALA D 271 -19.43 7.31 -40.55
CA ALA D 271 -19.16 8.71 -40.23
C ALA D 271 -18.19 8.88 -39.07
N VAL D 272 -17.44 7.83 -38.72
CA VAL D 272 -16.40 7.93 -37.70
C VAL D 272 -15.08 7.48 -38.31
N TYR D 273 -15.13 6.63 -39.34
CA TYR D 273 -13.94 6.11 -39.98
C TYR D 273 -13.48 6.94 -41.18
N GLU D 274 -14.35 7.82 -41.70
CA GLU D 274 -13.92 8.71 -42.78
C GLU D 274 -12.90 9.73 -42.31
N LYS D 275 -13.02 10.21 -41.06
CA LYS D 275 -12.00 11.08 -40.51
C LYS D 275 -10.66 10.35 -40.38
N MET D 276 -10.69 9.08 -39.98
CA MET D 276 -9.47 8.28 -39.88
C MET D 276 -8.87 8.06 -41.26
N TRP D 277 -9.72 7.81 -42.27
CA TRP D 277 -9.25 7.64 -43.64
C TRP D 277 -8.60 8.92 -44.17
N THR D 278 -9.21 10.07 -43.89
CA THR D 278 -8.60 11.34 -44.30
C THR D 278 -7.31 11.61 -43.55
N TYR D 279 -7.23 11.15 -42.29
CA TYR D 279 -5.98 11.28 -41.54
C TYR D 279 -4.87 10.44 -42.17
N MET D 280 -5.21 9.23 -42.62
CA MET D 280 -4.25 8.44 -43.39
C MET D 280 -3.87 9.12 -44.70
N ARG D 281 -4.86 9.68 -45.41
CA ARG D 281 -4.58 10.28 -46.71
C ARG D 281 -3.84 11.59 -46.61
N SER D 282 -3.85 12.24 -45.45
CA SER D 282 -3.23 13.56 -45.28
C SER D 282 -1.90 13.50 -44.54
N ALA D 283 -1.58 12.39 -43.88
CA ALA D 283 -0.34 12.28 -43.14
C ALA D 283 0.77 11.76 -44.04
N GLU D 284 1.92 11.43 -43.45
CA GLU D 284 3.04 10.91 -44.21
C GLU D 284 2.74 9.50 -44.71
N PRO D 285 3.29 9.10 -45.85
CA PRO D 285 3.07 7.74 -46.37
C PRO D 285 3.84 6.65 -45.63
N SER D 286 4.53 6.97 -44.54
CA SER D 286 5.24 5.97 -43.75
C SER D 286 4.31 5.13 -42.88
N VAL D 287 3.02 5.47 -42.81
CA VAL D 287 2.07 4.72 -41.99
C VAL D 287 1.76 3.34 -42.54
N PHE D 288 2.17 3.05 -43.78
CA PHE D 288 1.90 1.77 -44.42
C PHE D 288 3.11 0.85 -44.25
N THR D 289 2.87 -0.38 -43.81
CA THR D 289 3.93 -1.36 -43.60
C THR D 289 3.60 -2.64 -44.35
N ARG D 290 4.65 -3.36 -44.76
CA ARG D 290 4.47 -4.57 -45.57
C ARG D 290 4.03 -5.75 -44.70
N THR D 291 4.85 -6.12 -43.73
CA THR D 291 4.59 -7.27 -42.87
C THR D 291 4.35 -6.83 -41.45
N THR D 292 3.70 -7.71 -40.68
CA THR D 292 3.40 -7.40 -39.28
C THR D 292 4.66 -7.42 -38.42
N ALA D 293 5.68 -8.20 -38.81
CA ALA D 293 6.95 -8.18 -38.09
C ALA D 293 7.64 -6.83 -38.22
N GLU D 294 7.63 -6.26 -39.43
CA GLU D 294 8.17 -4.92 -39.61
C GLU D 294 7.37 -3.89 -38.83
N GLY D 295 6.05 -4.07 -38.76
CA GLY D 295 5.22 -3.15 -38.00
C GLY D 295 5.50 -3.19 -36.51
N VAL D 296 5.63 -4.40 -35.94
CA VAL D 296 5.90 -4.48 -34.51
C VAL D 296 7.33 -4.02 -34.20
N ALA D 297 8.26 -4.23 -35.13
CA ALA D 297 9.62 -3.69 -34.96
C ALA D 297 9.61 -2.16 -35.00
N ARG D 298 8.78 -1.58 -35.87
CA ARG D 298 8.72 -0.13 -35.99
C ARG D 298 8.05 0.50 -34.77
N VAL D 299 7.00 -0.12 -34.25
CA VAL D 299 6.33 0.45 -33.08
C VAL D 299 7.09 0.16 -31.80
N ARG D 300 7.95 -0.87 -31.79
CA ARG D 300 8.68 -1.22 -30.58
C ARG D 300 9.78 -0.22 -30.25
N LYS D 301 10.27 0.54 -31.23
CA LYS D 301 11.41 1.42 -31.00
C LYS D 301 11.03 2.78 -30.42
N SER D 302 9.74 3.08 -30.31
CA SER D 302 9.30 4.36 -29.77
C SER D 302 8.06 4.15 -28.92
N LYS D 303 7.99 4.87 -27.79
CA LYS D 303 6.84 4.77 -26.91
C LYS D 303 5.58 5.34 -27.57
N GLY D 304 5.73 6.40 -28.36
CA GLY D 304 4.62 6.98 -29.07
C GLY D 304 4.55 6.49 -30.51
N LYS D 305 4.95 7.34 -31.45
CA LYS D 305 5.04 7.04 -32.88
C LYS D 305 3.63 6.69 -33.38
N PHE D 306 3.45 5.58 -34.10
CA PHE D 306 2.17 5.24 -34.70
C PHE D 306 1.63 3.97 -34.05
N ALA D 307 0.52 4.09 -33.33
CA ALA D 307 -0.24 2.93 -32.91
C ALA D 307 -0.92 2.29 -34.10
N PHE D 308 -1.05 0.97 -34.09
CA PHE D 308 -1.54 0.25 -35.26
C PHE D 308 -2.89 -0.40 -35.00
N LEU D 309 -3.58 -0.71 -36.10
CA LEU D 309 -4.86 -1.42 -36.08
C LEU D 309 -4.65 -2.75 -36.79
N LEU D 310 -4.79 -3.84 -36.06
CA LEU D 310 -4.51 -5.15 -36.63
C LEU D 310 -5.41 -6.20 -35.99
N GLU D 311 -5.22 -7.46 -36.41
CA GLU D 311 -6.12 -8.53 -36.03
C GLU D 311 -6.00 -8.87 -34.55
N SER D 312 -7.12 -9.30 -33.96
CA SER D 312 -7.15 -9.63 -32.54
C SER D 312 -6.26 -10.83 -32.22
N THR D 313 -6.26 -11.85 -33.09
CA THR D 313 -5.41 -13.01 -32.86
C THR D 313 -3.92 -12.65 -32.97
N MET D 314 -3.58 -11.75 -33.89
CA MET D 314 -2.21 -11.28 -34.00
C MET D 314 -1.77 -10.56 -32.73
N ASN D 315 -2.66 -9.74 -32.17
CA ASN D 315 -2.37 -9.04 -30.92
C ASN D 315 -2.24 -10.00 -29.75
N GLU D 316 -3.12 -10.99 -29.67
CA GLU D 316 -3.04 -11.97 -28.59
C GLU D 316 -1.78 -12.82 -28.69
N TYR D 317 -1.32 -13.10 -29.92
CA TYR D 317 -0.07 -13.82 -30.07
C TYR D 317 1.12 -12.94 -29.65
N THR D 318 1.10 -11.67 -30.06
CA THR D 318 2.25 -10.80 -29.79
C THR D 318 2.33 -10.39 -28.32
N GLU D 319 1.19 -10.37 -27.61
CA GLU D 319 1.21 -9.96 -26.21
C GLU D 319 1.72 -11.05 -25.28
N GLN D 320 1.92 -12.27 -25.75
CA GLN D 320 2.40 -13.39 -24.94
C GLN D 320 3.67 -14.00 -25.54
N ARG D 321 4.58 -13.15 -25.99
CA ARG D 321 5.85 -13.57 -26.55
C ARG D 321 6.97 -13.10 -25.62
N LYS D 322 8.21 -13.47 -25.96
CA LYS D 322 9.36 -13.12 -25.13
C LYS D 322 9.53 -11.63 -24.85
N PRO D 323 9.37 -10.70 -25.84
CA PRO D 323 9.38 -9.28 -25.45
C PRO D 323 8.09 -8.85 -24.76
N CYS D 324 8.02 -9.08 -23.44
CA CYS D 324 6.84 -8.72 -22.66
C CYS D 324 6.92 -7.23 -22.29
N ASP D 325 6.76 -6.39 -23.30
CA ASP D 325 6.74 -4.94 -23.10
C ASP D 325 5.40 -4.32 -23.50
N THR D 326 4.90 -4.65 -24.69
CA THR D 326 3.60 -4.17 -25.14
C THR D 326 2.60 -5.32 -25.14
N MET D 327 1.52 -5.16 -24.38
CA MET D 327 0.45 -6.14 -24.30
C MET D 327 -0.90 -5.46 -24.21
N LYS D 328 -1.10 -4.41 -25.00
CA LYS D 328 -2.30 -3.59 -24.94
C LYS D 328 -3.25 -3.99 -26.06
N VAL D 329 -4.48 -4.36 -25.70
CA VAL D 329 -5.50 -4.71 -26.66
C VAL D 329 -6.45 -3.55 -26.92
N GLY D 330 -6.87 -2.85 -25.86
CA GLY D 330 -7.78 -1.73 -26.01
C GLY D 330 -9.19 -2.20 -26.33
N GLY D 331 -9.94 -1.30 -26.96
CA GLY D 331 -11.30 -1.62 -27.33
C GLY D 331 -11.36 -2.57 -28.52
N ASN D 332 -12.52 -3.18 -28.70
CA ASN D 332 -12.75 -4.11 -29.79
C ASN D 332 -13.61 -3.46 -30.86
N LEU D 333 -13.15 -3.52 -32.12
CA LEU D 333 -13.85 -2.93 -33.24
C LEU D 333 -14.00 -3.98 -34.34
N ASP D 334 -15.04 -3.80 -35.16
CA ASP D 334 -15.40 -4.66 -36.30
C ASP D 334 -15.77 -6.07 -35.86
N SER D 335 -16.32 -6.85 -36.79
CA SER D 335 -16.71 -8.23 -36.52
C SER D 335 -16.25 -9.11 -37.66
N LYS D 336 -15.59 -10.22 -37.32
CA LYS D 336 -15.14 -11.18 -38.32
C LYS D 336 -15.18 -12.57 -37.70
N GLY D 337 -15.38 -13.57 -38.55
CA GLY D 337 -15.52 -14.95 -38.09
C GLY D 337 -14.51 -15.87 -38.74
N TYR D 338 -14.02 -16.83 -37.97
CA TYR D 338 -13.13 -17.87 -38.45
C TYR D 338 -13.87 -19.19 -38.48
N GLY D 339 -13.86 -19.86 -39.62
CA GLY D 339 -14.63 -21.08 -39.78
C GLY D 339 -13.90 -22.10 -40.63
N VAL D 340 -14.32 -23.35 -40.47
CA VAL D 340 -13.78 -24.45 -41.27
C VAL D 340 -14.47 -24.46 -42.63
N ALA D 341 -13.68 -24.73 -43.67
CA ALA D 341 -14.18 -24.70 -45.04
C ALA D 341 -14.40 -26.11 -45.57
N THR D 342 -15.54 -26.31 -46.24
CA THR D 342 -15.89 -27.57 -46.86
C THR D 342 -16.38 -27.34 -48.28
N PRO D 343 -16.09 -28.24 -49.21
CA PRO D 343 -16.51 -28.05 -50.60
C PRO D 343 -18.00 -28.33 -50.78
N LYS D 344 -18.49 -27.95 -51.96
CA LYS D 344 -19.87 -28.18 -52.32
C LYS D 344 -20.11 -29.68 -52.57
N GLY D 345 -21.32 -30.12 -52.24
CA GLY D 345 -21.72 -31.50 -52.47
C GLY D 345 -20.95 -32.53 -51.66
N SER D 346 -20.76 -32.28 -50.38
CA SER D 346 -20.04 -33.19 -49.49
C SER D 346 -21.01 -33.78 -48.47
N SER D 347 -20.92 -35.09 -48.25
CA SER D 347 -21.80 -35.77 -47.32
C SER D 347 -21.48 -35.46 -45.86
N LEU D 348 -20.30 -34.89 -45.58
CA LEU D 348 -19.90 -34.58 -44.22
C LEU D 348 -20.12 -33.11 -43.86
N ARG D 349 -20.82 -32.35 -44.72
CA ARG D 349 -21.08 -30.94 -44.44
C ARG D 349 -21.92 -30.77 -43.18
N THR D 350 -23.06 -31.48 -43.13
CA THR D 350 -23.87 -31.46 -41.92
C THR D 350 -23.14 -32.08 -40.74
N PRO D 351 -22.34 -33.13 -41.00
CA PRO D 351 -21.58 -33.78 -39.95
C PRO D 351 -20.55 -32.83 -39.35
N VAL D 352 -19.78 -32.13 -40.20
CA VAL D 352 -18.78 -31.21 -39.67
C VAL D 352 -19.45 -29.99 -39.04
N ASN D 353 -20.63 -29.60 -39.53
CA ASN D 353 -21.35 -28.49 -38.94
C ASN D 353 -21.79 -28.81 -37.52
N LEU D 354 -22.42 -29.98 -37.33
CA LEU D 354 -22.83 -30.38 -35.99
C LEU D 354 -21.63 -30.65 -35.10
N ALA D 355 -20.51 -31.12 -35.68
CA ALA D 355 -19.32 -31.36 -34.88
C ALA D 355 -18.73 -30.06 -34.34
N VAL D 356 -18.55 -29.06 -35.21
CA VAL D 356 -17.98 -27.79 -34.74
C VAL D 356 -18.97 -27.09 -33.81
N LEU D 357 -20.27 -27.27 -34.02
CA LEU D 357 -21.25 -26.70 -33.09
C LEU D 357 -21.17 -27.36 -31.73
N LYS D 358 -20.99 -28.69 -31.68
CA LYS D 358 -20.86 -29.37 -30.40
C LYS D 358 -19.58 -28.97 -29.67
N LEU D 359 -18.46 -28.86 -30.40
CA LEU D 359 -17.23 -28.41 -29.77
C LEU D 359 -17.33 -26.96 -29.28
N SER D 360 -18.08 -26.12 -29.99
CA SER D 360 -18.27 -24.75 -29.53
C SER D 360 -19.22 -24.68 -28.34
N GLU D 361 -20.20 -25.58 -28.28
CA GLU D 361 -21.21 -25.53 -27.22
C GLU D 361 -20.69 -26.14 -25.92
N ALA D 362 -20.29 -27.42 -25.97
CA ALA D 362 -19.77 -28.08 -24.78
C ALA D 362 -18.47 -27.43 -24.32
N GLY D 363 -17.59 -27.11 -25.26
CA GLY D 363 -16.41 -26.34 -24.97
C GLY D 363 -15.13 -27.14 -24.86
N VAL D 364 -14.41 -27.24 -25.98
CA VAL D 364 -13.03 -27.72 -25.97
C VAL D 364 -12.09 -26.87 -26.81
N LEU D 365 -12.60 -26.10 -27.78
CA LEU D 365 -11.76 -25.14 -28.48
C LEU D 365 -11.40 -23.96 -27.58
N ASP D 366 -12.34 -23.53 -26.72
CA ASP D 366 -12.05 -22.47 -25.77
C ASP D 366 -11.11 -22.96 -24.68
N LYS D 367 -11.26 -24.22 -24.25
CA LYS D 367 -10.34 -24.80 -23.27
C LYS D 367 -8.92 -24.86 -23.82
N LEU D 368 -8.77 -25.31 -25.07
CA LEU D 368 -7.46 -25.37 -25.68
C LEU D 368 -6.91 -23.96 -25.94
N LYS D 369 -7.80 -23.01 -26.26
CA LYS D 369 -7.37 -21.62 -26.43
C LYS D 369 -6.82 -21.06 -25.13
N ASN D 370 -7.48 -21.33 -24.00
CA ASN D 370 -6.98 -20.87 -22.71
C ASN D 370 -5.68 -21.58 -22.35
N LYS D 371 -5.57 -22.87 -22.70
CA LYS D 371 -4.37 -23.62 -22.33
C LYS D 371 -3.17 -23.24 -23.18
N TRP D 372 -3.40 -22.77 -24.41
CA TRP D 372 -2.30 -22.53 -25.35
C TRP D 372 -1.97 -21.06 -25.57
N TRP D 373 -2.97 -20.19 -25.68
CA TRP D 373 -2.71 -18.77 -25.90
C TRP D 373 -2.58 -17.98 -24.60
N TYR D 374 -3.02 -18.55 -23.48
CA TYR D 374 -2.96 -17.88 -22.19
C TYR D 374 -2.06 -18.60 -21.20
N ASP D 375 -2.27 -19.90 -20.99
CA ASP D 375 -1.43 -20.64 -20.05
C ASP D 375 -0.02 -20.84 -20.61
N LYS D 376 0.10 -21.13 -21.90
CA LYS D 376 1.40 -21.27 -22.55
C LYS D 376 1.85 -19.88 -22.99
N GLY D 377 2.78 -19.31 -22.24
CA GLY D 377 3.29 -18.00 -22.55
C GLY D 377 4.67 -17.81 -21.97
N GLU D 378 5.42 -16.87 -22.56
CA GLU D 378 6.78 -16.61 -22.11
C GLU D 378 6.78 -15.97 -20.71
N CYS D 379 5.85 -15.06 -20.46
CA CYS D 379 5.71 -14.42 -19.16
C CYS D 379 4.27 -14.48 -18.69
N GLY D 380 4.09 -14.65 -17.38
CA GLY D 380 2.76 -14.70 -16.81
C GLY D 380 2.44 -13.47 -15.99
N PRO D 381 3.19 -12.38 -16.23
CA PRO D 381 2.99 -11.15 -15.46
C PRO D 381 1.69 -10.44 -15.81
N LYS D 382 1.08 -10.76 -16.96
CA LYS D 382 -0.19 -10.13 -17.32
C LYS D 382 -1.36 -10.70 -16.53
N ASP D 383 -1.23 -11.90 -15.96
CA ASP D 383 -2.31 -12.49 -15.21
C ASP D 383 -2.53 -11.77 -13.89
N SER D 384 -1.46 -11.50 -13.15
CA SER D 384 -1.54 -10.83 -11.86
C SER D 384 -0.44 -9.79 -11.76
N GLY D 385 -0.76 -8.64 -11.17
CA GLY D 385 0.22 -7.60 -11.00
C GLY D 385 1.29 -7.97 -9.99
N SER D 386 2.47 -7.38 -10.15
CA SER D 386 3.60 -7.64 -9.28
C SER D 386 4.16 -6.33 -8.76
N LYS D 387 4.77 -6.40 -7.58
CA LYS D 387 5.35 -5.23 -6.92
C LYS D 387 6.83 -5.16 -7.25
N ASP D 388 7.29 -3.98 -7.68
CA ASP D 388 8.68 -3.75 -8.04
C ASP D 388 9.27 -2.69 -7.12
N LYS D 389 10.58 -2.79 -6.90
CA LYS D 389 11.28 -1.82 -6.07
C LYS D 389 11.29 -0.45 -6.74
N THR D 390 10.91 0.59 -5.99
CA THR D 390 10.84 1.93 -6.55
C THR D 390 12.22 2.57 -6.72
N SER D 391 13.25 2.00 -6.08
CA SER D 391 14.63 2.46 -6.16
C SER D 391 14.77 3.92 -5.74
N ALA D 392 15.88 4.56 -6.12
CA ALA D 392 16.15 5.92 -5.70
C ALA D 392 15.18 6.90 -6.38
N LEU D 393 15.02 8.06 -5.75
CA LEU D 393 14.13 9.09 -6.27
C LEU D 393 14.68 9.71 -7.56
N SER D 394 15.97 9.56 -7.83
CA SER D 394 16.70 10.16 -8.96
C SER D 394 16.59 11.68 -8.81
N LEU D 395 16.63 12.41 -9.93
CA LEU D 395 16.67 13.86 -9.89
C LEU D 395 15.61 14.53 -10.77
N SER D 396 14.87 13.76 -11.56
CA SER D 396 13.83 14.34 -12.42
C SER D 396 12.73 15.01 -11.59
N ASN D 397 12.39 14.43 -10.44
CA ASN D 397 11.39 15.02 -9.56
C ASN D 397 11.90 16.26 -8.83
N VAL D 398 13.20 16.54 -8.89
CA VAL D 398 13.77 17.69 -8.20
C VAL D 398 14.31 18.74 -9.16
N ALA D 399 14.59 18.37 -10.42
CA ALA D 399 15.27 19.27 -11.35
C ALA D 399 14.48 20.53 -11.63
N GLY D 400 13.15 20.46 -11.57
CA GLY D 400 12.33 21.64 -11.80
C GLY D 400 12.45 22.69 -10.72
N VAL D 401 12.81 22.29 -9.50
CA VAL D 401 12.99 23.25 -8.41
C VAL D 401 14.23 24.11 -8.63
N PHE D 402 15.33 23.49 -9.07
CA PHE D 402 16.58 24.21 -9.24
C PHE D 402 16.48 25.28 -10.32
N TYR D 403 15.64 25.06 -11.34
CA TYR D 403 15.48 26.04 -12.40
C TYR D 403 14.85 27.32 -11.86
N ILE D 404 13.73 27.19 -11.13
CA ILE D 404 13.09 28.38 -10.57
C ILE D 404 13.96 28.98 -9.47
N LEU D 405 14.76 28.15 -8.79
CA LEU D 405 15.68 28.67 -7.78
C LEU D 405 16.71 29.60 -8.40
N VAL D 406 17.39 29.13 -9.46
CA VAL D 406 18.42 29.94 -10.09
C VAL D 406 17.80 31.14 -10.81
N GLY D 407 16.60 30.99 -11.36
CA GLY D 407 15.94 32.12 -11.98
C GLY D 407 15.56 33.20 -10.99
N GLY D 408 15.00 32.81 -9.85
CA GLY D 408 14.69 33.77 -8.80
C GLY D 408 15.93 34.43 -8.22
N LEU D 409 17.01 33.65 -8.08
CA LEU D 409 18.27 34.22 -7.58
C LEU D 409 18.84 35.23 -8.55
N GLY D 410 18.80 34.92 -9.85
CA GLY D 410 19.28 35.88 -10.85
C GLY D 410 18.44 37.14 -10.90
N LEU D 411 17.12 36.99 -10.86
CA LEU D 411 16.24 38.15 -10.81
C LEU D 411 16.51 38.99 -9.56
N ALA D 412 16.74 38.33 -8.43
CA ALA D 412 17.01 39.04 -7.19
C ALA D 412 18.32 39.80 -7.24
N MET D 413 19.39 39.21 -7.80
CA MET D 413 20.64 39.95 -7.78
C MET D 413 20.65 41.06 -8.82
N LEU D 414 19.97 40.86 -9.96
CA LEU D 414 19.81 41.96 -10.93
C LEU D 414 19.02 43.12 -10.31
N VAL D 415 17.91 42.82 -9.62
CA VAL D 415 17.12 43.91 -9.05
C VAL D 415 17.86 44.55 -7.88
N ALA D 416 18.69 43.79 -7.16
CA ALA D 416 19.51 44.37 -6.10
C ALA D 416 20.53 45.35 -6.68
N LEU D 417 21.20 44.94 -7.76
CA LEU D 417 22.17 45.82 -8.41
C LEU D 417 21.51 47.08 -8.93
N ILE D 418 20.35 46.93 -9.58
CA ILE D 418 19.66 48.10 -10.14
C ILE D 418 19.19 49.04 -9.02
N GLU D 419 18.61 48.48 -7.95
CA GLU D 419 18.09 49.30 -6.87
C GLU D 419 19.22 50.01 -6.12
N PHE D 420 20.35 49.34 -5.91
CA PHE D 420 21.44 49.99 -5.20
C PHE D 420 22.17 51.00 -6.07
N CYS D 421 22.24 50.77 -7.39
CA CYS D 421 22.88 51.74 -8.27
C CYS D 421 22.02 52.98 -8.47
N TYR D 422 20.71 52.79 -8.64
CA TYR D 422 19.83 53.92 -8.89
C TYR D 422 19.45 54.64 -7.60
N LYS D 423 18.80 53.93 -6.68
CA LYS D 423 18.37 54.51 -5.42
C LYS D 423 19.49 54.50 -4.39
N UNK E 1 28.00 -4.70 17.89
CA UNK E 1 26.65 -4.87 18.40
C UNK E 1 25.96 -3.52 18.58
N UNK E 2 25.17 -3.12 17.58
CA UNK E 2 24.45 -1.85 17.62
C UNK E 2 23.27 -1.99 18.56
N UNK E 3 23.40 -1.44 19.77
CA UNK E 3 22.36 -1.49 20.78
C UNK E 3 22.44 -0.23 21.63
N UNK E 4 21.75 -0.25 22.77
CA UNK E 4 21.82 0.89 23.69
C UNK E 4 23.20 1.01 24.31
N UNK E 5 23.89 -0.12 24.54
CA UNK E 5 25.21 -0.07 25.17
C UNK E 5 26.23 0.61 24.28
N UNK E 6 26.22 0.31 22.98
CA UNK E 6 27.20 0.91 22.07
C UNK E 6 26.98 2.42 21.93
N UNK E 7 25.73 2.84 21.76
CA UNK E 7 25.43 4.26 21.68
C UNK E 7 25.75 4.98 22.98
N UNK E 8 25.46 4.33 24.11
CA UNK E 8 25.80 4.90 25.40
C UNK E 8 27.32 5.07 25.56
N UNK E 9 28.09 4.07 25.11
CA UNK E 9 29.55 4.16 25.19
C UNK E 9 30.08 5.26 24.28
N UNK E 10 29.54 5.39 23.06
CA UNK E 10 30.00 6.45 22.16
C UNK E 10 29.66 7.83 22.71
N UNK E 11 28.45 8.01 23.22
CA UNK E 11 28.08 9.29 23.82
C UNK E 11 28.86 9.56 25.09
N UNK E 12 29.24 8.51 25.83
CA UNK E 12 30.08 8.69 27.01
C UNK E 12 31.49 9.12 26.62
N UNK E 13 32.01 8.59 25.52
CA UNK E 13 33.31 9.04 25.02
C UNK E 13 33.24 10.50 24.58
N UNK E 14 32.15 10.89 23.92
CA UNK E 14 31.97 12.29 23.51
C UNK E 14 31.88 13.20 24.74
N UNK E 15 31.13 12.77 25.76
CA UNK E 15 31.03 13.54 26.99
C UNK E 15 32.35 13.59 27.74
N UNK E 16 33.15 12.52 27.66
CA UNK E 16 34.48 12.54 28.26
C UNK E 16 35.39 13.53 27.56
N UNK E 17 35.32 13.60 26.23
CA UNK E 17 36.07 14.62 25.51
C UNK E 17 35.64 16.02 25.88
N UNK E 18 34.32 16.24 25.98
CA UNK E 18 33.81 17.55 26.39
C UNK E 18 34.23 17.90 27.81
N UNK E 19 34.22 16.92 28.71
CA UNK E 19 34.67 17.15 30.08
C UNK E 19 36.16 17.41 30.15
N UNK E 20 36.95 16.78 29.28
CA UNK E 20 38.38 17.06 29.22
C UNK E 20 38.62 18.49 28.76
N UNK E 21 37.86 18.94 27.76
CA UNK E 21 37.96 20.33 27.31
C UNK E 21 37.55 21.30 28.42
N UNK E 22 36.48 20.98 29.14
CA UNK E 22 36.02 21.83 30.24
C UNK E 22 37.05 21.86 31.37
N UNK E 23 37.69 20.72 31.65
CA UNK E 23 38.71 20.66 32.69
C UNK E 23 39.94 21.46 32.28
N UNK E 24 40.29 21.42 31.00
CA UNK E 24 41.41 22.23 30.51
C UNK E 24 41.08 23.72 30.65
N UNK E 25 39.85 24.11 30.31
CA UNK E 25 39.45 25.51 30.48
C UNK E 25 39.46 25.92 31.94
N UNK E 26 38.99 25.05 32.83
CA UNK E 26 38.98 25.35 34.25
C UNK E 26 40.40 25.45 34.81
N UNK E 27 41.31 24.60 34.34
CA UNK E 27 42.70 24.67 34.77
C UNK E 27 43.35 25.95 34.28
N UNK E 28 43.03 26.36 33.04
CA UNK E 28 43.55 27.63 32.53
C UNK E 28 43.03 28.80 33.35
N UNK E 29 41.74 28.77 33.70
CA UNK E 29 41.17 29.83 34.52
C UNK E 29 41.79 29.87 35.92
N UNK E 30 42.05 28.70 36.50
CA UNK E 30 42.67 28.64 37.82
C UNK E 30 44.11 29.13 37.77
N UNK E 31 44.84 28.79 36.72
CA UNK E 31 46.21 29.27 36.58
C UNK E 31 46.25 30.78 36.32
N UNK E 32 45.27 31.30 35.61
CA UNK E 32 45.20 32.74 35.37
C UNK E 32 44.66 33.53 36.56
N UNK E 33 44.08 32.84 37.55
CA UNK E 33 43.54 33.51 38.73
C UNK E 33 43.95 32.78 40.01
N UNK E 34 36.85 38.14 39.17
CA UNK E 34 35.43 38.46 39.04
C UNK E 34 34.72 37.45 38.15
N UNK E 35 34.96 37.56 36.83
CA UNK E 35 34.35 36.63 35.89
C UNK E 35 34.95 35.24 35.97
N UNK E 36 36.16 35.10 36.53
CA UNK E 36 36.79 33.78 36.65
C UNK E 36 35.99 32.89 37.59
N UNK E 37 35.53 33.44 38.71
CA UNK E 37 34.73 32.66 39.66
C UNK E 37 33.40 32.25 39.04
N UNK E 38 32.75 33.15 38.29
CA UNK E 38 31.50 32.81 37.63
C UNK E 38 31.70 31.72 36.58
N UNK E 39 32.79 31.81 35.81
CA UNK E 39 33.09 30.78 34.82
C UNK E 39 33.37 29.45 35.48
N UNK E 40 34.09 29.47 36.61
CA UNK E 40 34.37 28.23 37.34
C UNK E 40 33.09 27.61 37.89
N UNK E 41 32.18 28.44 38.41
CA UNK E 41 30.90 27.93 38.89
C UNK E 41 30.06 27.35 37.76
N UNK E 42 30.06 28.02 36.61
CA UNK E 42 29.30 27.52 35.46
C UNK E 42 29.87 26.20 34.96
N UNK E 43 31.20 26.06 34.96
CA UNK E 43 31.83 24.81 34.54
C UNK E 43 31.58 23.70 35.56
N UNK E 44 31.55 24.05 36.85
CA UNK E 44 31.33 23.05 37.89
C UNK E 44 29.89 22.53 37.85
N UNK E 45 28.93 23.43 37.61
CA UNK E 45 27.53 23.00 37.52
C UNK E 45 27.30 22.07 36.32
N UNK E 46 27.76 22.39 35.11
CA UNK E 46 27.61 21.43 34.00
C UNK E 46 28.36 20.13 34.23
N UNK E 47 29.53 20.18 34.86
CA UNK E 47 30.26 18.96 35.17
C UNK E 47 29.50 18.09 36.16
N UNK E 48 28.93 18.70 37.19
CA UNK E 48 28.14 17.95 38.17
C UNK E 48 26.89 17.35 37.52
N UNK E 49 26.23 18.11 36.65
CA UNK E 49 25.04 17.60 35.96
C UNK E 49 25.41 16.43 35.05
N UNK E 50 26.52 16.54 34.32
CA UNK E 50 26.95 15.47 33.43
C UNK E 50 27.34 14.22 34.23
N UNK E 51 28.03 14.41 35.36
CA UNK E 51 28.39 13.28 36.20
C UNK E 51 27.16 12.59 36.77
N UNK E 52 26.18 13.37 37.21
CA UNK E 52 24.94 12.78 37.71
C UNK E 52 24.18 12.02 36.64
N UNK E 53 24.10 12.60 35.43
CA UNK E 53 23.42 11.92 34.34
C UNK E 53 24.14 10.63 33.94
N UNK E 54 25.48 10.66 33.91
CA UNK E 54 26.24 9.46 33.58
C UNK E 54 26.07 8.39 34.64
N UNK E 55 26.07 8.77 35.92
CA UNK E 55 25.86 7.81 37.00
C UNK E 55 24.44 7.22 36.94
N UNK E 56 23.46 8.04 36.58
CA UNK E 56 22.08 7.55 36.51
C UNK E 56 21.87 6.62 35.32
N UNK E 57 22.49 6.92 34.18
CA UNK E 57 22.25 6.19 32.94
C UNK E 57 23.48 5.40 32.48
N UNK E 58 24.33 4.97 33.41
CA UNK E 58 25.46 4.12 33.05
C UNK E 58 24.99 2.78 32.49
N UNK E 59 24.31 1.98 33.33
CA UNK E 59 23.74 0.69 32.96
C UNK E 59 24.76 -0.25 32.32
N UNK E 60 24.53 -0.59 31.05
CA UNK E 60 25.42 -1.44 30.25
C UNK E 60 25.60 -2.83 30.86
N UNK E 61 24.62 -3.29 31.63
CA UNK E 61 24.55 -4.63 32.22
C UNK E 61 25.75 -4.95 33.09
N UNK E 62 25.89 -6.21 33.48
CA UNK E 62 27.00 -6.66 34.32
C UNK E 62 28.21 -7.07 33.49
N UNK E 63 28.58 -6.20 32.57
CA UNK E 63 29.82 -6.26 31.80
C UNK E 63 30.58 -4.94 31.86
N UNK E 64 29.86 -3.81 31.90
CA UNK E 64 30.45 -2.50 32.13
C UNK E 64 29.81 -1.80 33.32
N UNK E 65 28.94 -2.48 34.07
CA UNK E 65 28.32 -1.86 35.23
C UNK E 65 29.35 -1.58 36.32
N UNK E 66 30.32 -2.48 36.49
CA UNK E 66 31.37 -2.25 37.47
C UNK E 66 32.22 -1.04 37.10
N UNK E 67 32.56 -0.90 35.82
CA UNK E 67 33.33 0.26 35.37
C UNK E 67 32.53 1.55 35.52
N UNK E 68 31.23 1.50 35.20
CA UNK E 68 30.40 2.68 35.36
C UNK E 68 30.23 3.09 36.81
N UNK E 69 30.14 2.10 37.72
CA UNK E 69 30.05 2.43 39.14
C UNK E 69 31.36 2.96 39.68
N UNK E 70 32.49 2.44 39.17
CA UNK E 70 33.79 2.93 39.62
C UNK E 70 34.04 4.34 39.13
N UNK E 71 33.64 4.65 37.90
CA UNK E 71 33.82 5.99 37.34
C UNK E 71 32.88 6.97 38.01
N UNK E 72 31.69 6.53 38.44
CA UNK E 72 30.75 7.46 39.08
C UNK E 72 31.26 8.08 40.37
N UNK E 73 31.99 7.31 41.18
CA UNK E 73 32.52 7.86 42.43
C UNK E 73 33.58 8.93 42.16
N UNK E 74 34.48 8.67 41.21
CA UNK E 74 35.49 9.65 40.84
C UNK E 74 34.85 10.89 40.23
N UNK E 75 33.83 10.71 39.39
CA UNK E 75 33.13 11.84 38.80
C UNK E 75 32.43 12.69 39.85
N UNK E 76 31.79 12.04 40.83
CA UNK E 76 31.13 12.77 41.91
C UNK E 76 32.15 13.51 42.77
N UNK E 77 33.28 12.88 43.06
CA UNK E 77 34.33 13.55 43.84
C UNK E 77 34.89 14.75 43.09
N UNK E 78 35.12 14.62 41.78
CA UNK E 78 35.62 15.74 40.99
C UNK E 78 34.59 16.86 40.93
N UNK E 79 33.31 16.52 40.78
CA UNK E 79 32.27 17.55 40.76
C UNK E 79 32.17 18.28 42.10
N UNK E 80 32.28 17.53 43.21
CA UNK E 80 32.24 18.16 44.52
C UNK E 80 33.45 19.06 44.73
N UNK E 81 34.63 18.62 44.30
CA UNK E 81 35.83 19.45 44.42
C UNK E 81 35.71 20.72 43.57
N UNK E 82 35.14 20.60 42.38
CA UNK E 82 34.97 21.78 41.52
C UNK E 82 33.95 22.75 42.11
N UNK E 83 32.85 22.22 42.69
CA UNK E 83 31.82 23.08 43.23
C UNK E 83 32.15 23.64 44.61
N UNK E 84 33.13 23.06 45.30
CA UNK E 84 33.52 23.58 46.61
C UNK E 84 34.10 24.98 46.54
N UNK E 85 35.00 25.31 45.60
CA UNK E 85 35.58 26.66 45.57
C UNK E 85 34.56 27.73 45.20
N UNK E 86 33.82 27.50 44.12
CA UNK E 86 32.83 28.46 43.65
C UNK E 86 31.44 28.11 44.17
N UNK E 87 45.85 22.48 44.63
CA UNK E 87 44.74 21.57 44.88
C UNK E 87 43.83 21.47 43.65
N UNK E 88 43.52 22.62 43.05
CA UNK E 88 42.70 22.64 41.85
C UNK E 88 43.42 21.98 40.68
N UNK E 89 44.72 22.23 40.54
CA UNK E 89 45.49 21.62 39.46
C UNK E 89 45.56 20.10 39.62
N UNK E 90 45.76 19.63 40.87
CA UNK E 90 45.80 18.19 41.11
C UNK E 90 44.45 17.54 40.83
N UNK E 91 43.35 18.20 41.22
CA UNK E 91 42.02 17.67 40.94
C UNK E 91 41.75 17.63 39.44
N UNK E 92 42.17 18.67 38.72
CA UNK E 92 42.00 18.69 37.26
C UNK E 92 42.82 17.59 36.60
N UNK E 93 44.05 17.36 37.09
CA UNK E 93 44.88 16.29 36.56
C UNK E 93 44.26 14.92 36.83
N UNK E 94 43.69 14.72 38.02
CA UNK E 94 43.04 13.46 38.34
C UNK E 94 41.80 13.24 37.46
N UNK E 95 41.01 14.30 37.24
CA UNK E 95 39.85 14.19 36.37
C UNK E 95 40.27 13.89 34.93
N UNK E 96 41.34 14.53 34.46
CA UNK E 96 41.84 14.25 33.11
C UNK E 96 42.35 12.82 32.99
N UNK E 97 43.02 12.31 34.03
CA UNK E 97 43.49 10.93 34.01
C UNK E 97 42.32 9.95 34.00
N UNK E 98 41.27 10.23 34.77
CA UNK E 98 40.09 9.37 34.77
C UNK E 98 39.40 9.39 33.41
N UNK E 99 39.29 10.58 32.82
CA UNK E 99 38.69 10.67 31.48
C UNK E 99 39.53 9.95 30.43
N UNK E 100 40.86 10.04 30.54
CA UNK E 100 41.73 9.33 29.62
C UNK E 100 41.61 7.82 29.78
N UNK E 101 41.49 7.35 31.02
CA UNK E 101 41.29 5.92 31.25
C UNK E 101 39.97 5.44 30.67
N UNK E 102 38.91 6.23 30.87
CA UNK E 102 37.60 5.88 30.30
C UNK E 102 37.65 5.88 28.78
N UNK E 103 38.34 6.86 28.18
CA UNK E 103 38.46 6.90 26.73
C UNK E 103 39.28 5.74 26.21
N UNK E 104 40.33 5.34 26.94
CA UNK E 104 41.12 4.18 26.54
C UNK E 104 40.30 2.89 26.60
N UNK E 105 39.49 2.74 27.65
CA UNK E 105 38.62 1.57 27.75
C UNK E 105 37.59 1.57 26.61
N UNK E 106 37.02 2.73 26.30
CA UNK E 106 36.05 2.82 25.20
C UNK E 106 36.72 2.50 23.86
N UNK E 107 37.95 2.98 23.66
CA UNK E 107 38.66 2.68 22.42
C UNK E 107 39.01 1.21 22.31
N UNK E 108 39.38 0.58 23.43
CA UNK E 108 39.65 -0.86 23.42
C UNK E 108 38.39 -1.65 23.09
N UNK E 109 37.26 -1.26 23.68
CA UNK E 109 36.00 -1.93 23.36
C UNK E 109 35.61 -1.72 21.90
N UNK E 110 35.84 -0.51 21.38
CA UNK E 110 35.53 -0.22 19.98
C UNK E 110 36.40 -1.08 19.05
N UNK E 111 37.70 -1.16 19.35
CA UNK E 111 38.59 -1.99 18.54
C UNK E 111 38.23 -3.46 18.64
N UNK E 112 37.71 -3.89 19.79
CA UNK E 112 37.33 -5.29 19.94
C UNK E 112 36.05 -5.62 19.20
N UNK E 113 35.10 -4.68 19.13
CA UNK E 113 33.76 -4.98 18.64
C UNK E 113 33.45 -4.36 17.28
N UNK E 114 33.57 -3.04 17.14
CA UNK E 114 33.05 -2.36 15.96
C UNK E 114 34.10 -2.12 14.90
N UNK E 115 35.39 -2.04 15.27
CA UNK E 115 36.44 -1.83 14.28
C UNK E 115 36.58 -3.06 13.38
N UNK E 116 36.40 -4.25 13.95
CA UNK E 116 36.45 -5.49 13.19
C UNK E 116 35.11 -5.84 12.54
N UNK E 117 34.08 -5.04 12.77
CA UNK E 117 32.77 -5.29 12.19
C UNK E 117 32.27 -4.08 11.40
N ASP F 1 -14.36 51.88 34.00
CA ASP F 1 -15.32 50.91 33.49
C ASP F 1 -15.03 49.52 34.06
N ARG F 2 -15.06 49.41 35.39
CA ARG F 2 -14.82 48.14 36.07
C ARG F 2 -16.05 47.53 36.69
N GLY F 3 -17.10 48.32 36.93
CA GLY F 3 -18.35 47.76 37.45
C GLY F 3 -19.02 46.82 36.46
N VAL F 4 -19.02 47.19 35.18
CA VAL F 4 -19.56 46.31 34.16
C VAL F 4 -18.71 45.04 34.05
N GLN F 5 -17.38 45.17 34.23
CA GLN F 5 -16.52 44.00 34.17
C GLN F 5 -16.77 43.05 35.33
N MET F 6 -16.92 43.57 36.55
CA MET F 6 -17.19 42.68 37.67
C MET F 6 -18.60 42.10 37.60
N LEU F 7 -19.56 42.84 37.04
CA LEU F 7 -20.88 42.27 36.80
C LEU F 7 -20.82 41.15 35.77
N LEU F 8 -19.98 41.31 34.73
CA LEU F 8 -19.82 40.26 33.74
C LEU F 8 -19.18 39.02 34.36
N THR F 9 -18.17 39.21 35.22
CA THR F 9 -17.58 38.07 35.92
C THR F 9 -18.60 37.37 36.81
N THR F 10 -19.42 38.15 37.53
CA THR F 10 -20.43 37.57 38.39
C THR F 10 -21.46 36.77 37.60
N VAL F 11 -21.94 37.32 36.48
CA VAL F 11 -22.94 36.62 35.69
C VAL F 11 -22.33 35.41 34.99
N GLY F 12 -21.04 35.47 34.61
CA GLY F 12 -20.39 34.29 34.06
C GLY F 12 -20.23 33.18 35.08
N ALA F 13 -19.88 33.55 36.31
CA ALA F 13 -19.78 32.55 37.38
C ALA F 13 -21.15 31.96 37.69
N PHE F 14 -22.20 32.79 37.68
CA PHE F 14 -23.55 32.28 37.90
C PHE F 14 -23.98 31.34 36.79
N ALA F 15 -23.63 31.66 35.54
CA ALA F 15 -23.93 30.76 34.43
C ALA F 15 -23.17 29.46 34.55
N ALA F 16 -21.91 29.52 34.99
CA ALA F 16 -21.13 28.30 35.22
C ALA F 16 -21.76 27.45 36.32
N PHE F 17 -22.22 28.09 37.40
CA PHE F 17 -22.90 27.37 38.48
C PHE F 17 -24.18 26.71 37.97
N SER F 18 -24.97 27.43 37.17
CA SER F 18 -26.20 26.87 36.62
C SER F 18 -25.91 25.69 35.71
N LEU F 19 -24.88 25.80 34.87
CA LEU F 19 -24.52 24.70 33.99
C LEU F 19 -24.02 23.49 34.77
N MET F 20 -23.25 23.73 35.84
CA MET F 20 -22.80 22.62 36.69
C MET F 20 -23.98 21.94 37.37
N THR F 21 -24.95 22.73 37.86
CA THR F 21 -26.10 22.14 38.53
C THR F 21 -26.97 21.33 37.57
N ILE F 22 -27.19 21.85 36.35
CA ILE F 22 -27.99 21.08 35.41
C ILE F 22 -27.21 19.90 34.84
N ALA F 23 -25.88 19.96 34.89
CA ALA F 23 -25.08 18.79 34.51
C ALA F 23 -25.21 17.69 35.57
N VAL F 24 -25.05 18.04 36.84
CA VAL F 24 -25.15 17.04 37.90
C VAL F 24 -26.60 16.62 38.17
N GLY F 25 -27.57 17.35 37.64
CA GLY F 25 -28.96 16.98 37.79
C GLY F 25 -29.51 16.17 36.64
N THR F 26 -29.31 16.63 35.41
CA THR F 26 -29.86 15.98 34.24
C THR F 26 -28.88 14.94 33.68
N ASP F 27 -29.33 14.22 32.66
CA ASP F 27 -28.57 13.14 32.02
C ASP F 27 -28.64 13.25 30.50
N TYR F 28 -28.41 14.46 29.98
CA TYR F 28 -28.48 14.74 28.56
C TYR F 28 -27.10 14.77 27.91
N TRP F 29 -26.13 14.02 28.45
CA TRP F 29 -24.76 14.09 27.98
C TRP F 29 -24.64 13.61 26.53
N LEU F 30 -24.97 12.34 26.29
CA LEU F 30 -24.76 11.72 24.98
C LEU F 30 -26.07 11.14 24.48
N TYR F 31 -26.40 11.40 23.22
CA TYR F 31 -27.56 10.79 22.57
C TYR F 31 -27.15 9.44 21.99
N SER F 32 -26.78 8.53 22.90
CA SER F 32 -26.29 7.23 22.50
C SER F 32 -27.46 6.32 22.09
N ARG F 33 -27.15 5.39 21.19
CA ARG F 33 -28.09 4.37 20.74
C ARG F 33 -27.60 3.02 21.25
N GLY F 34 -28.15 2.60 22.38
CA GLY F 34 -27.80 1.33 22.98
C GLY F 34 -29.00 0.41 23.17
N VAL F 35 -29.05 -0.29 24.30
CA VAL F 35 -30.13 -1.22 24.59
C VAL F 35 -30.77 -0.86 25.92
N CYS F 36 -32.03 -1.23 26.08
CA CYS F 36 -32.75 -1.03 27.34
C CYS F 36 -33.50 -2.29 27.74
N GLU F 51 -29.79 -3.98 18.92
CA GLU F 51 -30.76 -2.93 19.21
C GLU F 51 -30.07 -1.59 19.43
N GLU F 52 -30.55 -0.56 18.75
CA GLU F 52 -30.02 0.80 18.86
C GLU F 52 -31.18 1.73 19.20
N VAL F 53 -31.29 2.10 20.47
CA VAL F 53 -32.39 2.94 20.95
C VAL F 53 -31.79 4.08 21.77
N MET F 54 -32.54 5.17 21.86
CA MET F 54 -32.08 6.40 22.50
C MET F 54 -31.95 6.17 24.01
N THR F 55 -30.71 6.06 24.48
CA THR F 55 -30.41 5.82 25.90
C THR F 55 -29.70 7.03 26.47
N HIS F 56 -30.22 7.58 27.56
CA HIS F 56 -29.55 8.68 28.25
C HIS F 56 -28.37 8.09 29.02
N SER F 57 -27.22 8.04 28.36
CA SER F 57 -25.98 7.61 29.00
C SER F 57 -25.49 8.75 29.89
N GLY F 58 -25.33 8.47 31.18
CA GLY F 58 -25.04 9.50 32.16
C GLY F 58 -23.69 9.30 32.81
N LEU F 59 -23.09 10.42 33.24
CA LEU F 59 -21.89 10.36 34.07
C LEU F 59 -22.24 9.93 35.49
N TRP F 60 -23.39 10.37 35.99
CA TRP F 60 -23.87 10.01 37.32
C TRP F 60 -25.19 9.24 37.31
N ARG F 61 -25.92 9.24 36.20
CA ARG F 61 -27.23 8.56 36.15
C ARG F 61 -27.54 8.23 34.70
N THR F 62 -27.57 6.94 34.36
CA THR F 62 -27.88 6.47 33.02
C THR F 62 -29.23 5.79 33.01
N CYS F 63 -30.11 6.22 32.12
CA CYS F 63 -31.48 5.71 32.06
C CYS F 63 -31.93 5.61 30.61
N CYS F 64 -33.21 5.28 30.42
CA CYS F 64 -33.79 5.06 29.10
C CYS F 64 -35.14 5.74 29.00
N LEU F 65 -35.67 5.79 27.77
CA LEU F 65 -37.02 6.26 27.51
C LEU F 65 -37.89 5.25 26.79
N GLU F 66 -37.31 4.32 26.05
CA GLU F 66 -38.05 3.35 25.26
C GLU F 66 -37.64 1.93 25.68
N GLY F 67 -38.13 0.95 24.94
CA GLY F 67 -37.85 -0.45 25.23
C GLY F 67 -38.83 -1.06 26.19
N ASN F 68 -38.70 -2.37 26.38
CA ASN F 68 -39.58 -3.11 27.28
C ASN F 68 -39.22 -2.92 28.74
N PHE F 69 -38.03 -2.40 29.04
CA PHE F 69 -37.56 -2.23 30.41
C PHE F 69 -37.58 -0.76 30.83
N LYS F 70 -38.45 0.03 30.22
CA LYS F 70 -38.53 1.46 30.53
C LYS F 70 -39.16 1.65 31.91
N GLY F 71 -38.56 2.53 32.72
CA GLY F 71 -39.06 2.88 34.04
C GLY F 71 -38.06 2.64 35.15
N LEU F 72 -37.17 1.66 34.98
CA LEU F 72 -36.19 1.30 35.99
C LEU F 72 -34.78 1.49 35.43
N CYS F 73 -33.95 2.20 36.20
CA CYS F 73 -32.55 2.38 35.84
C CYS F 73 -31.74 2.51 37.13
N LYS F 74 -30.45 2.23 37.01
CA LYS F 74 -29.56 2.18 38.16
C LYS F 74 -28.29 2.98 37.87
N GLN F 75 -27.39 3.00 38.85
CA GLN F 75 -26.12 3.70 38.71
C GLN F 75 -25.20 2.96 37.76
N ILE F 76 -24.25 3.69 37.18
CA ILE F 76 -23.39 3.13 36.14
C ILE F 76 -22.41 2.13 36.73
N ASP F 77 -21.54 2.60 37.61
CA ASP F 77 -20.51 1.74 38.20
C ASP F 77 -19.98 2.32 39.51
N THR F 89 0.20 -0.50 33.53
CA THR F 89 0.55 0.25 34.74
C THR F 89 0.12 1.71 34.62
N ALA F 90 -0.61 2.03 33.54
CA ALA F 90 -1.07 3.39 33.32
C ALA F 90 -2.51 3.41 32.83
N GLU F 91 -3.30 2.39 33.19
CA GLU F 91 -4.68 2.31 32.76
C GLU F 91 -5.62 2.06 33.95
N TYR F 92 -5.08 1.45 35.00
CA TYR F 92 -5.89 1.17 36.19
C TYR F 92 -6.32 2.45 36.90
N PHE F 93 -5.41 3.43 37.00
CA PHE F 93 -5.77 4.70 37.61
C PHE F 93 -6.84 5.43 36.82
N LEU F 94 -6.72 5.44 35.48
CA LEU F 94 -7.72 6.10 34.65
C LEU F 94 -9.05 5.36 34.68
N ARG F 95 -9.00 4.03 34.75
CA ARG F 95 -10.23 3.25 34.87
C ARG F 95 -10.94 3.53 36.20
N ALA F 96 -10.16 3.64 37.29
CA ALA F 96 -10.75 4.00 38.58
C ALA F 96 -11.30 5.41 38.56
N VAL F 97 -10.64 6.32 37.84
CA VAL F 97 -11.14 7.68 37.68
C VAL F 97 -12.48 7.68 36.95
N ARG F 98 -12.57 6.91 35.86
CA ARG F 98 -13.81 6.82 35.10
C ARG F 98 -14.93 6.19 35.93
N ALA F 99 -14.60 5.18 36.72
CA ALA F 99 -15.61 4.51 37.54
C ALA F 99 -16.11 5.40 38.66
N SER F 100 -15.19 6.05 39.38
CA SER F 100 -15.55 6.84 40.55
C SER F 100 -15.91 8.28 40.25
N SER F 101 -15.58 8.78 39.05
CA SER F 101 -15.83 10.16 38.63
C SER F 101 -15.22 11.15 39.62
N ILE F 102 -13.98 10.88 40.04
CA ILE F 102 -13.35 11.68 41.08
C ILE F 102 -13.01 13.08 40.58
N PHE F 103 -12.59 13.21 39.32
CA PHE F 103 -12.24 14.52 38.78
C PHE F 103 -13.44 15.43 38.53
N PRO F 104 -14.59 14.97 38.00
CA PRO F 104 -15.76 15.85 37.98
C PRO F 104 -16.22 16.28 39.37
N ILE F 105 -16.10 15.40 40.36
CA ILE F 105 -16.49 15.75 41.73
C ILE F 105 -15.55 16.81 42.28
N LEU F 106 -14.24 16.62 42.10
CA LEU F 106 -13.28 17.62 42.54
C LEU F 106 -13.47 18.93 41.79
N SER F 107 -13.89 18.85 40.53
CA SER F 107 -14.19 20.04 39.75
C SER F 107 -15.36 20.82 40.34
N VAL F 108 -16.47 20.13 40.66
CA VAL F 108 -17.62 20.87 41.16
C VAL F 108 -17.34 21.41 42.56
N ILE F 109 -16.54 20.69 43.37
CA ILE F 109 -16.13 21.23 44.66
C ILE F 109 -15.28 22.48 44.49
N LEU F 110 -14.37 22.48 43.50
CA LEU F 110 -13.53 23.66 43.34
C LEU F 110 -14.31 24.83 42.73
N LEU F 111 -15.32 24.56 41.90
CA LEU F 111 -16.23 25.64 41.50
C LEU F 111 -17.00 26.19 42.70
N PHE F 112 -17.43 25.34 43.62
CA PHE F 112 -18.08 25.84 44.83
C PHE F 112 -17.12 26.71 45.65
N MET F 113 -15.87 26.27 45.78
CA MET F 113 -14.87 27.07 46.49
C MET F 113 -14.60 28.39 45.78
N GLY F 114 -14.55 28.37 44.46
CA GLY F 114 -14.36 29.61 43.70
C GLY F 114 -15.53 30.56 43.84
N GLY F 115 -16.75 30.02 43.87
CA GLY F 115 -17.91 30.86 44.13
C GLY F 115 -17.86 31.49 45.51
N LEU F 116 -17.44 30.70 46.51
CA LEU F 116 -17.29 31.25 47.86
C LEU F 116 -16.23 32.34 47.91
N CYS F 117 -15.10 32.12 47.22
CA CYS F 117 -14.02 33.11 47.27
C CYS F 117 -14.37 34.37 46.49
N ILE F 118 -15.08 34.26 45.37
CA ILE F 118 -15.50 35.48 44.67
C ILE F 118 -16.62 36.18 45.42
N ALA F 119 -17.43 35.44 46.19
CA ALA F 119 -18.38 36.10 47.09
C ALA F 119 -17.66 36.88 48.18
N ALA F 120 -16.59 36.30 48.73
CA ALA F 120 -15.76 37.03 49.69
C ALA F 120 -15.10 38.24 49.04
N SER F 121 -14.73 38.14 47.76
CA SER F 121 -14.15 39.27 47.05
C SER F 121 -15.17 40.38 46.83
N GLU F 122 -16.40 40.01 46.48
CA GLU F 122 -17.45 40.99 46.23
C GLU F 122 -17.98 41.59 47.53
N PHE F 123 -17.80 40.92 48.66
CA PHE F 123 -18.16 41.50 49.95
C PHE F 123 -16.99 42.16 50.67
N TYR F 124 -15.77 41.64 50.51
CA TYR F 124 -14.58 42.22 51.11
C TYR F 124 -13.62 42.62 50.00
N LYS F 125 -13.34 43.92 49.91
CA LYS F 125 -12.47 44.45 48.86
C LYS F 125 -11.03 44.68 49.32
N THR F 126 -10.79 44.70 50.64
CA THR F 126 -9.47 45.04 51.16
C THR F 126 -8.43 43.96 50.84
N ARG F 127 -8.82 42.69 50.95
CA ARG F 127 -7.86 41.62 50.74
C ARG F 127 -7.47 41.50 49.27
N HIS F 128 -6.28 40.96 49.03
CA HIS F 128 -5.71 40.89 47.69
C HIS F 128 -5.49 39.48 47.18
N ASN F 129 -5.09 38.54 48.04
CA ASN F 129 -4.86 37.17 47.61
C ASN F 129 -6.14 36.43 47.24
N ILE F 130 -7.30 37.01 47.55
CA ILE F 130 -8.58 36.37 47.25
C ILE F 130 -8.77 36.22 45.75
N ILE F 131 -8.42 37.24 44.96
CA ILE F 131 -8.59 37.07 43.52
C ILE F 131 -7.45 36.26 42.91
N LEU F 132 -6.29 36.17 43.58
CA LEU F 132 -5.30 35.17 43.18
C LEU F 132 -5.88 33.78 43.28
N SER F 133 -6.54 33.50 44.41
CA SER F 133 -7.21 32.22 44.59
C SER F 133 -8.34 32.04 43.57
N ALA F 134 -9.06 33.11 43.26
CA ALA F 134 -10.15 33.03 42.28
C ALA F 134 -9.62 32.67 40.89
N GLY F 135 -8.54 33.31 40.47
CA GLY F 135 -7.96 32.99 39.18
C GLY F 135 -7.40 31.58 39.12
N ILE F 136 -6.75 31.16 40.21
CA ILE F 136 -6.23 29.79 40.28
C ILE F 136 -7.38 28.78 40.22
N PHE F 137 -8.50 29.10 40.90
CA PHE F 137 -9.66 28.20 40.88
C PHE F 137 -10.29 28.14 39.50
N PHE F 138 -10.39 29.27 38.79
CA PHE F 138 -10.94 29.24 37.44
C PHE F 138 -10.05 28.45 36.49
N VAL F 139 -8.73 28.62 36.60
CA VAL F 139 -7.83 27.87 35.73
C VAL F 139 -7.88 26.38 36.05
N SER F 140 -7.89 26.02 37.33
CA SER F 140 -8.00 24.62 37.72
C SER F 140 -9.36 24.05 37.33
N ALA F 141 -10.40 24.90 37.25
CA ALA F 141 -11.67 24.47 36.68
C ALA F 141 -11.51 24.11 35.22
N GLY F 142 -10.75 24.91 34.47
CA GLY F 142 -10.45 24.54 33.10
C GLY F 142 -9.69 23.23 32.99
N LEU F 143 -8.68 23.05 33.85
CA LEU F 143 -7.93 21.79 33.90
C LEU F 143 -8.84 20.60 34.18
N SER F 144 -9.67 20.70 35.22
CA SER F 144 -10.51 19.58 35.62
C SER F 144 -11.59 19.31 34.57
N ASN F 145 -12.09 20.35 33.91
CA ASN F 145 -13.06 20.16 32.84
C ASN F 145 -12.42 19.43 31.66
N ILE F 146 -11.18 19.79 31.31
CA ILE F 146 -10.48 19.07 30.24
C ILE F 146 -10.27 17.61 30.62
N ILE F 147 -9.84 17.36 31.86
CA ILE F 147 -9.61 15.98 32.30
C ILE F 147 -10.92 15.18 32.27
N GLY F 148 -12.01 15.79 32.74
CA GLY F 148 -13.29 15.08 32.75
C GLY F 148 -13.81 14.79 31.36
N ILE F 149 -13.74 15.77 30.46
CA ILE F 149 -14.24 15.54 29.10
C ILE F 149 -13.34 14.56 28.36
N ILE F 150 -12.03 14.57 28.62
CA ILE F 150 -11.15 13.65 27.91
C ILE F 150 -11.33 12.23 28.43
N VAL F 151 -11.57 12.05 29.74
CA VAL F 151 -11.82 10.70 30.22
C VAL F 151 -13.21 10.22 29.80
N TYR F 152 -14.16 11.15 29.62
CA TYR F 152 -15.48 10.78 29.13
C TYR F 152 -15.44 10.32 27.68
N ILE F 153 -14.70 11.05 26.84
CA ILE F 153 -14.60 10.65 25.43
C ILE F 153 -13.69 9.42 25.29
N SER F 154 -12.76 9.22 26.24
CA SER F 154 -11.98 7.99 26.23
C SER F 154 -12.83 6.79 26.61
N ALA F 155 -13.77 6.98 27.54
CA ALA F 155 -14.70 5.91 27.87
C ALA F 155 -15.67 5.63 26.72
N ASN F 156 -16.06 6.66 25.98
CA ASN F 156 -17.03 6.47 24.89
C ASN F 156 -16.36 5.93 23.63
N ALA F 157 -15.26 6.56 23.20
CA ALA F 157 -14.62 6.23 21.94
C ALA F 157 -13.44 5.27 22.09
N GLY F 158 -13.18 4.77 23.29
CA GLY F 158 -12.05 3.88 23.50
C GLY F 158 -12.33 2.42 23.20
N ASP F 159 -13.58 2.05 22.97
CA ASP F 159 -13.93 0.68 22.66
C ASP F 159 -14.07 0.44 21.16
N PRO F 160 -13.31 -0.50 20.58
CA PRO F 160 -13.47 -0.80 19.15
C PRO F 160 -14.80 -1.44 18.81
N SER F 161 -15.47 -2.08 19.78
CA SER F 161 -16.75 -2.72 19.51
C SER F 161 -17.82 -1.68 19.16
N LYS F 162 -17.83 -0.55 19.85
CA LYS F 162 -18.80 0.51 19.59
C LYS F 162 -18.16 1.64 18.79
N LYS F 166 -23.98 -1.73 16.56
CA LYS F 166 -23.35 -0.41 16.56
C LYS F 166 -23.26 0.14 15.13
N LYS F 167 -24.40 0.14 14.43
CA LYS F 167 -24.44 0.68 13.08
C LYS F 167 -24.23 2.19 13.07
N ASN F 168 -24.79 2.89 14.04
CA ASN F 168 -24.66 4.34 14.16
C ASN F 168 -24.04 4.69 15.51
N SER F 169 -23.30 5.79 15.52
CA SER F 169 -22.60 6.26 16.72
C SER F 169 -22.47 7.78 16.63
N TYR F 170 -21.63 8.33 17.50
CA TYR F 170 -21.30 9.77 17.56
C TYR F 170 -22.60 10.52 17.89
N SER F 171 -22.81 11.72 17.32
CA SER F 171 -24.00 12.54 17.54
C SER F 171 -24.19 12.85 19.03
N TYR F 172 -23.23 13.62 19.54
CA TYR F 172 -23.22 13.96 20.96
C TYR F 172 -24.44 14.79 21.34
N GLY F 173 -24.87 14.65 22.60
CA GLY F 173 -26.08 15.27 23.08
C GLY F 173 -25.89 16.73 23.45
N TRP F 174 -26.92 17.26 24.12
CA TRP F 174 -26.95 18.68 24.43
C TRP F 174 -25.98 19.04 25.56
N SER F 175 -25.92 18.20 26.60
CA SER F 175 -25.10 18.53 27.77
C SER F 175 -23.61 18.60 27.44
N PHE F 176 -23.16 17.93 26.38
CA PHE F 176 -21.81 18.17 25.89
C PHE F 176 -21.65 19.62 25.42
N TYR F 177 -22.67 20.15 24.73
CA TYR F 177 -22.61 21.54 24.31
C TYR F 177 -22.71 22.50 25.50
N PHE F 178 -23.50 22.13 26.52
CA PHE F 178 -23.54 22.94 27.74
C PHE F 178 -22.19 22.92 28.46
N GLY F 179 -21.52 21.77 28.49
CA GLY F 179 -20.19 21.72 29.07
C GLY F 179 -19.18 22.53 28.28
N ALA F 180 -19.30 22.52 26.95
CA ALA F 180 -18.45 23.37 26.11
C ALA F 180 -18.71 24.85 26.40
N LEU F 181 -19.97 25.23 26.57
CA LEU F 181 -20.30 26.62 26.88
C LEU F 181 -19.78 27.01 28.27
N SER F 182 -19.84 26.07 29.22
CA SER F 182 -19.24 26.31 30.53
C SER F 182 -17.73 26.52 30.40
N PHE F 183 -17.09 25.75 29.53
CA PHE F 183 -15.66 25.96 29.29
C PHE F 183 -15.39 27.33 28.68
N ILE F 184 -16.21 27.75 27.72
CA ILE F 184 -16.01 29.05 27.06
C ILE F 184 -16.17 30.19 28.06
N ILE F 185 -17.22 30.13 28.88
CA ILE F 185 -17.37 31.16 29.90
C ILE F 185 -16.28 31.02 30.96
N ALA F 186 -15.66 29.85 31.08
CA ALA F 186 -14.51 29.72 31.96
C ALA F 186 -13.31 30.52 31.44
N GLU F 187 -12.99 30.43 30.14
CA GLU F 187 -11.96 31.36 29.65
C GLU F 187 -12.43 32.81 29.70
N MET F 188 -13.73 33.06 29.56
CA MET F 188 -14.22 34.44 29.64
C MET F 188 -13.92 35.05 31.00
N VAL F 189 -14.27 34.33 32.07
CA VAL F 189 -13.98 34.83 33.42
C VAL F 189 -12.49 34.80 33.70
N GLY F 190 -11.77 33.78 33.21
CA GLY F 190 -10.34 33.72 33.44
C GLY F 190 -9.53 34.72 32.64
N VAL F 191 -10.14 35.38 31.65
CA VAL F 191 -9.51 36.50 30.98
C VAL F 191 -9.90 37.81 31.64
N LEU F 192 -11.18 38.00 31.93
CA LEU F 192 -11.63 39.30 32.44
C LEU F 192 -11.19 39.51 33.89
N ALA F 193 -11.30 38.49 34.73
CA ALA F 193 -10.84 38.62 36.12
C ALA F 193 -9.33 38.76 36.20
N VAL F 194 -8.59 38.10 35.31
CA VAL F 194 -7.14 38.27 35.30
C VAL F 194 -6.77 39.66 34.78
N HIS F 195 -7.55 40.22 33.85
CA HIS F 195 -7.35 41.61 33.46
C HIS F 195 -7.61 42.56 34.62
N MET F 196 -8.64 42.25 35.43
CA MET F 196 -8.88 43.03 36.63
C MET F 196 -7.73 42.89 37.62
N PHE F 197 -7.16 41.68 37.72
CA PHE F 197 -5.93 41.49 38.49
C PHE F 197 -4.81 42.39 38.00
N ILE F 198 -4.61 42.46 36.68
CA ILE F 198 -3.53 43.26 36.12
C ILE F 198 -3.75 44.73 36.40
N ASP F 199 -4.98 45.22 36.23
CA ASP F 199 -5.21 46.65 36.45
C ASP F 199 -5.13 47.03 37.92
N ARG F 200 -5.60 46.14 38.82
CA ARG F 200 -5.48 46.44 40.24
C ARG F 200 -4.04 46.30 40.72
N HIS F 201 -3.25 45.45 40.06
CA HIS F 201 -1.83 45.35 40.40
C HIS F 201 -1.06 46.58 39.93
N LYS F 202 -1.39 47.10 38.75
CA LYS F 202 -0.66 48.27 38.26
C LYS F 202 -1.11 49.55 38.94
N GLN F 203 -2.36 49.64 39.40
CA GLN F 203 -2.77 50.84 40.12
C GLN F 203 -2.19 50.84 41.54
N UNK G 1 -21.06 25.30 -9.82
CA UNK G 1 -19.82 25.06 -10.54
C UNK G 1 -18.61 25.36 -9.67
N UNK G 2 -17.98 24.30 -9.16
CA UNK G 2 -16.80 24.44 -8.29
C UNK G 2 -15.57 24.60 -9.19
N UNK G 3 -15.13 25.84 -9.35
CA UNK G 3 -13.97 26.14 -10.16
C UNK G 3 -13.32 27.43 -9.63
N UNK G 4 -12.42 28.01 -10.42
CA UNK G 4 -11.75 29.24 -10.03
C UNK G 4 -12.69 30.44 -10.09
N UNK G 5 -13.82 30.32 -10.78
CA UNK G 5 -14.74 31.46 -10.92
C UNK G 5 -15.37 31.84 -9.58
N UNK G 6 -15.80 30.86 -8.80
CA UNK G 6 -16.44 31.15 -7.52
C UNK G 6 -15.45 31.76 -6.53
N UNK G 7 -14.23 31.21 -6.46
CA UNK G 7 -13.20 31.77 -5.60
C UNK G 7 -12.80 33.18 -6.05
N UNK G 8 -12.72 33.40 -7.36
CA UNK G 8 -12.42 34.72 -7.88
C UNK G 8 -13.51 35.71 -7.51
N UNK G 9 -14.78 35.29 -7.60
CA UNK G 9 -15.88 36.18 -7.24
C UNK G 9 -15.88 36.50 -5.74
N UNK G 10 -15.59 35.51 -4.90
CA UNK G 10 -15.53 35.74 -3.46
C UNK G 10 -14.38 36.68 -3.11
N UNK G 11 -13.20 36.46 -3.73
CA UNK G 11 -12.08 37.36 -3.49
C UNK G 11 -12.33 38.75 -4.05
N UNK G 12 -13.10 38.85 -5.14
CA UNK G 12 -13.46 40.16 -5.66
C UNK G 12 -14.41 40.89 -4.73
N UNK G 13 -15.34 40.17 -4.10
CA UNK G 13 -16.20 40.78 -3.09
C UNK G 13 -15.40 41.24 -1.88
N UNK G 14 -14.41 40.43 -1.47
CA UNK G 14 -13.54 40.82 -0.35
C UNK G 14 -12.74 42.07 -0.72
N UNK G 15 -12.23 42.13 -1.94
CA UNK G 15 -11.49 43.30 -2.40
C UNK G 15 -12.39 44.52 -2.53
N UNK G 16 -13.66 44.32 -2.90
CA UNK G 16 -14.60 45.43 -2.94
C UNK G 16 -14.87 45.97 -1.55
N UNK G 17 -15.01 45.09 -0.56
CA UNK G 17 -15.17 45.52 0.82
C UNK G 17 -13.93 46.28 1.31
N UNK G 18 -12.73 45.78 0.96
CA UNK G 18 -11.50 46.46 1.33
C UNK G 18 -11.40 47.83 0.65
N UNK G 19 -11.82 47.92 -0.61
CA UNK G 19 -11.83 49.21 -1.30
C UNK G 19 -12.85 50.17 -0.70
N UNK G 20 -13.98 49.65 -0.23
CA UNK G 20 -14.95 50.50 0.46
C UNK G 20 -14.36 51.03 1.76
N UNK G 21 -13.64 50.18 2.49
CA UNK G 21 -12.98 50.63 3.71
C UNK G 21 -11.91 51.69 3.40
N UNK G 22 -11.14 51.47 2.32
CA UNK G 22 -10.13 52.46 1.93
C UNK G 22 -10.76 53.77 1.49
N UNK G 23 -11.90 53.71 0.80
CA UNK G 23 -12.60 54.92 0.40
C UNK G 23 -13.16 55.65 1.62
N UNK G 24 -13.63 54.91 2.62
CA UNK G 24 -14.08 55.53 3.86
C UNK G 24 -12.92 56.21 4.58
N UNK G 25 -11.75 55.56 4.60
CA UNK G 25 -10.57 56.17 5.20
C UNK G 25 -10.14 57.43 4.46
N UNK G 26 -10.19 57.40 3.12
CA UNK G 26 -9.85 58.57 2.33
C UNK G 26 -10.85 59.70 2.55
N UNK G 27 -12.13 59.38 2.68
CA UNK G 27 -13.15 60.39 2.96
C UNK G 27 -12.92 61.00 4.33
N UNK G 28 -12.57 60.17 5.32
CA UNK G 28 -12.28 60.69 6.65
C UNK G 28 -11.05 61.58 6.63
N UNK G 29 -10.06 61.23 5.80
CA UNK G 29 -8.85 62.03 5.72
C UNK G 29 -9.08 63.35 5.00
N UNK G 30 -9.97 63.37 4.01
CA UNK G 30 -10.14 64.54 3.16
C UNK G 30 -11.32 65.43 3.57
N UNK G 31 -12.54 64.89 3.54
CA UNK G 31 -13.71 65.73 3.77
C UNK G 31 -14.61 65.22 4.88
N UNK G 32 -14.83 63.91 4.97
CA UNK G 32 -15.77 63.37 5.95
C UNK G 32 -15.05 62.80 7.16
N UNK G 33 -0.59 64.78 7.61
CA UNK G 33 -0.44 63.42 8.13
C UNK G 33 -1.45 62.48 7.49
N UNK G 34 -1.98 62.89 6.34
CA UNK G 34 -2.97 62.08 5.63
C UNK G 34 -2.58 61.79 4.18
N UNK G 35 -1.64 62.53 3.59
CA UNK G 35 -1.26 62.29 2.20
C UNK G 35 -0.58 60.95 2.03
N UNK G 36 0.29 60.57 2.98
CA UNK G 36 0.97 59.28 2.90
C UNK G 36 -0.02 58.13 3.02
N UNK G 37 -0.99 58.24 3.94
CA UNK G 37 -2.02 57.20 4.08
C UNK G 37 -2.89 57.13 2.83
N UNK G 38 -3.24 58.28 2.26
CA UNK G 38 -4.03 58.29 1.03
C UNK G 38 -3.28 57.63 -0.13
N UNK G 39 -1.98 57.91 -0.25
CA UNK G 39 -1.18 57.30 -1.31
C UNK G 39 -1.05 55.79 -1.08
N UNK G 40 -0.87 55.37 0.17
CA UNK G 40 -0.78 53.94 0.47
C UNK G 40 -2.08 53.23 0.16
N UNK G 41 -3.22 53.86 0.46
CA UNK G 41 -4.51 53.26 0.13
C UNK G 41 -4.76 53.25 -1.37
N UNK G 42 -4.30 54.27 -2.08
CA UNK G 42 -4.51 54.33 -3.53
C UNK G 42 -3.66 53.28 -4.24
N UNK G 43 -2.42 53.07 -3.77
CA UNK G 43 -1.59 52.01 -4.33
C UNK G 43 -2.22 50.64 -4.14
N UNK G 44 -2.76 50.30 -2.97
CA UNK G 44 -3.48 49.01 -2.84
C UNK G 44 -4.69 48.92 -3.76
N UNK G 45 -5.39 50.03 -4.01
CA UNK G 45 -6.52 50.01 -4.93
C UNK G 45 -6.06 49.69 -6.35
N UNK G 46 -4.95 50.29 -6.79
CA UNK G 46 -4.41 50.02 -8.11
C UNK G 46 -3.94 48.57 -8.22
N UNK G 47 -3.28 48.06 -7.17
CA UNK G 47 -2.83 46.67 -7.18
C UNK G 47 -4.01 45.71 -7.23
N UNK G 48 -5.07 46.00 -6.47
CA UNK G 48 -6.25 45.14 -6.47
C UNK G 48 -6.96 45.19 -7.82
N UNK G 49 -7.01 46.37 -8.44
CA UNK G 49 -7.61 46.49 -9.76
C UNK G 49 -6.83 45.71 -10.80
N UNK G 50 -5.49 45.79 -10.75
CA UNK G 50 -4.67 45.00 -11.66
C UNK G 50 -4.83 43.51 -11.46
N UNK G 51 -4.87 43.07 -10.20
CA UNK G 51 -5.07 41.65 -9.91
C UNK G 51 -6.45 41.17 -10.38
N UNK G 52 -7.48 41.99 -10.18
CA UNK G 52 -8.82 41.64 -10.64
C UNK G 52 -8.89 41.58 -12.16
N UNK G 53 -8.22 42.50 -12.85
CA UNK G 53 -8.19 42.46 -14.31
C UNK G 53 -7.45 41.22 -14.80
N UNK G 54 -6.34 40.86 -14.15
CA UNK G 54 -5.61 39.65 -14.52
C UNK G 54 -6.43 38.40 -14.29
N UNK G 55 -7.19 38.37 -13.18
CA UNK G 55 -8.04 37.21 -12.90
C UNK G 55 -9.20 37.12 -13.89
N UNK G 56 -9.79 38.26 -14.26
CA UNK G 56 -10.91 38.26 -15.19
C UNK G 56 -10.45 38.03 -16.62
N UNK G 57 -9.16 38.23 -16.92
CA UNK G 57 -8.67 37.92 -18.26
C UNK G 57 -8.70 36.43 -18.56
N UNK G 58 -8.61 35.59 -17.52
CA UNK G 58 -8.68 34.15 -17.68
C UNK G 58 -10.04 33.58 -17.31
N UNK G 59 -11.06 34.43 -17.15
CA UNK G 59 -12.39 33.98 -16.78
C UNK G 59 -13.10 33.38 -17.99
N UNK G 60 -14.30 32.86 -17.74
CA UNK G 60 -15.10 32.21 -18.79
C UNK G 60 -16.23 33.11 -19.24
N UNK G 61 -16.62 32.95 -20.49
CA UNK G 61 -17.70 33.69 -21.15
C UNK G 61 -17.37 35.19 -21.13
N UNK G 62 -18.38 36.04 -21.14
CA UNK G 62 -18.21 37.49 -21.11
C UNK G 62 -19.02 38.03 -19.94
N UNK G 63 -18.39 38.08 -18.77
CA UNK G 63 -19.04 38.57 -17.56
C UNK G 63 -18.98 40.09 -17.54
N UNK G 64 -19.77 40.71 -16.65
CA UNK G 64 -19.76 42.16 -16.53
C UNK G 64 -18.46 42.69 -15.94
N UNK G 65 -17.73 41.85 -15.18
CA UNK G 65 -16.45 42.27 -14.63
C UNK G 65 -15.42 42.52 -15.73
N UNK G 66 -15.42 41.69 -16.77
CA UNK G 66 -14.49 41.86 -17.87
C UNK G 66 -14.70 43.12 -18.67
N UNK G 67 -15.91 43.69 -18.64
CA UNK G 67 -16.20 44.96 -19.28
C UNK G 67 -16.10 46.15 -18.35
N UNK G 68 -16.30 45.94 -17.05
CA UNK G 68 -16.21 47.02 -16.07
C UNK G 68 -14.83 47.15 -15.46
N UNK G 69 -13.88 46.27 -15.83
CA UNK G 69 -12.50 46.41 -15.35
C UNK G 69 -11.89 47.73 -15.77
N UNK G 70 -12.11 48.24 -16.98
CA UNK G 70 -11.53 49.54 -17.36
C UNK G 70 -12.00 50.69 -16.47
N UNK G 71 -13.26 50.69 -16.04
CA UNK G 71 -13.75 51.73 -15.14
C UNK G 71 -13.05 51.67 -13.80
N UNK G 72 -12.87 50.45 -13.26
CA UNK G 72 -12.15 50.30 -11.99
C UNK G 72 -10.69 50.72 -12.13
N UNK G 73 -10.08 50.39 -13.26
CA UNK G 73 -8.69 50.81 -13.50
C UNK G 73 -8.57 52.32 -13.59
N UNK G 74 -9.53 52.97 -14.26
CA UNK G 74 -9.52 54.43 -14.34
C UNK G 74 -9.73 55.07 -12.98
N UNK G 75 -10.63 54.49 -12.16
CA UNK G 75 -10.84 55.01 -10.82
C UNK G 75 -9.61 54.85 -9.95
N UNK G 76 -8.93 53.70 -10.07
CA UNK G 76 -7.69 53.48 -9.32
C UNK G 76 -6.59 54.44 -9.77
N UNK G 77 -6.49 54.69 -11.08
CA UNK G 77 -5.50 55.64 -11.57
C UNK G 77 -5.80 57.05 -11.08
N UNK G 78 -7.07 57.44 -11.05
CA UNK G 78 -7.45 58.76 -10.53
C UNK G 78 -7.14 58.87 -9.05
N UNK G 79 -7.39 57.80 -8.28
CA UNK G 79 -7.07 57.81 -6.86
C UNK G 79 -5.57 57.89 -6.63
N UNK G 80 -4.78 57.19 -7.45
CA UNK G 80 -3.32 57.27 -7.33
C UNK G 80 -2.80 58.66 -7.69
N UNK G 81 -3.37 59.27 -8.72
CA UNK G 81 -2.95 60.61 -9.12
C UNK G 81 -3.42 61.67 -8.14
N UNK G 82 -4.48 61.40 -7.37
CA UNK G 82 -4.94 62.35 -6.36
C UNK G 82 -3.90 62.62 -5.29
N UNK G 83 -3.24 61.60 -4.72
CA UNK G 83 -2.22 61.81 -3.68
C UNK G 83 -0.80 61.82 -4.25
N UNK G 84 -12.49 68.46 -7.11
CA UNK G 84 -13.04 67.16 -7.52
C UNK G 84 -12.44 66.03 -6.69
N UNK G 85 -12.53 66.14 -5.38
CA UNK G 85 -12.01 65.13 -4.46
C UNK G 85 -13.11 64.41 -3.71
N UNK G 86 -14.00 65.14 -3.03
CA UNK G 86 -15.11 64.51 -2.33
C UNK G 86 -16.08 63.87 -3.31
N UNK G 87 -16.35 64.54 -4.44
CA UNK G 87 -17.22 63.97 -5.47
C UNK G 87 -16.59 62.72 -6.09
N UNK G 88 -15.27 62.76 -6.32
CA UNK G 88 -14.58 61.59 -6.85
C UNK G 88 -14.63 60.42 -5.86
N UNK G 89 -14.46 60.71 -4.57
CA UNK G 89 -14.55 59.66 -3.56
C UNK G 89 -15.96 59.08 -3.49
N UNK G 90 -16.98 59.93 -3.58
CA UNK G 90 -18.35 59.46 -3.59
C UNK G 90 -18.65 58.60 -4.81
N UNK G 91 -18.14 59.01 -5.98
CA UNK G 91 -18.31 58.21 -7.19
C UNK G 91 -17.61 56.87 -7.09
N UNK G 92 -16.40 56.85 -6.51
CA UNK G 92 -15.69 55.60 -6.31
C UNK G 92 -16.43 54.68 -5.34
N UNK G 93 -17.00 55.25 -4.27
CA UNK G 93 -17.78 54.47 -3.33
C UNK G 93 -19.03 53.90 -3.99
N UNK G 94 -19.70 54.70 -4.83
CA UNK G 94 -20.87 54.22 -5.55
C UNK G 94 -20.52 53.11 -6.52
N UNK G 95 -19.38 53.24 -7.22
CA UNK G 95 -18.93 52.19 -8.13
C UNK G 95 -18.59 50.91 -7.38
N UNK G 96 -17.94 51.03 -6.21
CA UNK G 96 -17.64 49.87 -5.39
C UNK G 96 -18.91 49.20 -4.89
N UNK G 97 -19.91 49.99 -4.50
CA UNK G 97 -21.18 49.44 -4.06
C UNK G 97 -21.90 48.72 -5.20
N UNK G 98 -21.85 49.30 -6.41
CA UNK G 98 -22.45 48.64 -7.57
C UNK G 98 -21.74 47.33 -7.90
N UNK G 99 -20.40 47.32 -7.81
CA UNK G 99 -19.66 46.09 -8.05
C UNK G 99 -19.98 45.03 -7.01
N UNK G 100 -20.11 45.44 -5.74
CA UNK G 100 -20.47 44.50 -4.69
C UNK G 100 -21.88 43.96 -4.89
N UNK G 101 -22.81 44.81 -5.34
CA UNK G 101 -24.16 44.35 -5.63
C UNK G 101 -24.19 43.37 -6.78
N UNK G 102 -23.40 43.64 -7.82
CA UNK G 102 -23.31 42.70 -8.95
C UNK G 102 -22.71 41.36 -8.52
N UNK G 103 -21.67 41.41 -7.68
CA UNK G 103 -21.07 40.18 -7.17
C UNK G 103 -22.05 39.40 -6.31
N UNK G 104 -22.83 40.09 -5.48
CA UNK G 104 -23.84 39.44 -4.66
C UNK G 104 -24.93 38.81 -5.52
N UNK G 105 -25.34 39.52 -6.59
CA UNK G 105 -26.35 38.96 -7.49
C UNK G 105 -25.83 37.71 -8.20
N UNK G 106 -24.57 37.75 -8.64
CA UNK G 106 -23.98 36.57 -9.29
C UNK G 106 -23.86 35.41 -8.30
N UNK G 107 -23.48 35.71 -7.06
CA UNK G 107 -23.38 34.66 -6.04
C UNK G 107 -24.75 34.07 -5.72
N UNK G 108 -25.79 34.90 -5.67
CA UNK G 108 -27.14 34.38 -5.44
C UNK G 108 -27.61 33.55 -6.62
N UNK G 109 -27.21 33.94 -7.84
CA UNK G 109 -27.65 33.20 -9.02
C UNK G 109 -26.95 31.85 -9.12
N UNK G 110 -25.66 31.79 -8.81
CA UNK G 110 -24.87 30.58 -9.03
C UNK G 110 -24.49 29.84 -7.75
N UNK G 111 -25.07 30.21 -6.62
CA UNK G 111 -24.71 29.56 -5.36
C UNK G 111 -25.93 29.09 -4.59
N UNK G 112 -27.03 29.83 -4.67
CA UNK G 112 -28.23 29.48 -3.91
C UNK G 112 -28.85 28.19 -4.44
N UNK G 113 -28.82 27.99 -5.76
CA UNK G 113 -29.36 26.76 -6.34
C UNK G 113 -28.47 25.55 -6.07
N UNK G 114 -27.20 25.78 -5.71
CA UNK G 114 -26.29 24.68 -5.42
C UNK G 114 -26.37 24.27 -3.95
N ARG H 2 47.86 44.16 3.57
CA ARG H 2 46.94 43.05 3.35
C ARG H 2 47.42 42.17 2.20
N GLY H 3 48.74 42.00 2.10
CA GLY H 3 49.32 41.25 1.01
C GLY H 3 48.91 39.78 1.00
N VAL H 4 48.62 39.22 2.18
CA VAL H 4 48.19 37.83 2.27
C VAL H 4 46.88 37.63 1.51
N GLN H 5 45.99 38.61 1.55
CA GLN H 5 44.71 38.49 0.86
C GLN H 5 44.90 38.42 -0.66
N MET H 6 45.67 39.34 -1.23
CA MET H 6 45.84 39.32 -2.68
C MET H 6 46.67 38.13 -3.15
N LEU H 7 47.67 37.71 -2.36
CA LEU H 7 48.40 36.51 -2.76
C LEU H 7 47.52 35.27 -2.66
N LEU H 8 46.60 35.23 -1.67
CA LEU H 8 45.65 34.12 -1.59
C LEU H 8 44.71 34.12 -2.79
N THR H 9 44.23 35.30 -3.21
CA THR H 9 43.38 35.37 -4.40
C THR H 9 44.14 34.91 -5.64
N THR H 10 45.41 35.32 -5.77
CA THR H 10 46.20 34.94 -6.94
C THR H 10 46.44 33.43 -6.98
N VAL H 11 46.84 32.85 -5.84
CA VAL H 11 47.13 31.42 -5.82
C VAL H 11 45.85 30.60 -6.01
N GLY H 12 44.73 31.08 -5.46
CA GLY H 12 43.47 30.40 -5.68
C GLY H 12 43.02 30.45 -7.12
N ALA H 13 43.18 31.60 -7.77
CA ALA H 13 42.83 31.72 -9.18
C ALA H 13 43.70 30.82 -10.04
N PHE H 14 45.01 30.78 -9.78
CA PHE H 14 45.91 29.94 -10.58
C PHE H 14 45.63 28.46 -10.35
N ALA H 15 45.37 28.06 -9.10
CA ALA H 15 45.01 26.68 -8.82
C ALA H 15 43.70 26.30 -9.51
N ALA H 16 42.72 27.22 -9.51
CA ALA H 16 41.47 26.98 -10.20
C ALA H 16 41.70 26.83 -11.70
N PHE H 17 42.56 27.66 -12.28
CA PHE H 17 42.95 27.52 -13.69
C PHE H 17 43.48 26.11 -13.96
N SER H 18 44.45 25.67 -13.17
CA SER H 18 45.09 24.39 -13.40
C SER H 18 44.11 23.24 -13.28
N LEU H 19 43.31 23.23 -12.19
CA LEU H 19 42.41 22.10 -11.97
C LEU H 19 41.24 22.11 -12.95
N MET H 20 40.77 23.28 -13.38
CA MET H 20 39.68 23.29 -14.35
C MET H 20 40.18 22.90 -15.74
N THR H 21 41.44 23.23 -16.07
CA THR H 21 42.00 22.74 -17.32
C THR H 21 42.15 21.23 -17.29
N ILE H 22 42.58 20.67 -16.16
CA ILE H 22 42.63 19.22 -16.02
C ILE H 22 41.22 18.63 -16.12
N ALA H 23 40.22 19.33 -15.59
CA ALA H 23 38.86 18.80 -15.55
C ALA H 23 38.25 18.75 -16.95
N VAL H 24 38.36 19.83 -17.73
CA VAL H 24 37.57 19.92 -18.95
C VAL H 24 38.42 19.50 -20.15
N GLY H 25 39.74 19.66 -20.06
CA GLY H 25 40.59 19.42 -21.22
C GLY H 25 40.71 17.96 -21.60
N THR H 26 40.81 17.07 -20.61
CA THR H 26 41.11 15.68 -20.88
C THR H 26 39.82 14.86 -21.07
N ASP H 27 39.99 13.59 -21.37
CA ASP H 27 38.90 12.65 -21.65
C ASP H 27 38.94 11.57 -20.58
N TYR H 28 38.27 11.83 -19.45
CA TYR H 28 38.36 10.91 -18.32
C TYR H 28 37.05 10.68 -17.57
N TRP H 29 35.98 11.42 -17.86
CA TRP H 29 34.81 11.46 -16.97
C TRP H 29 33.63 10.71 -17.58
N LEU H 30 33.67 9.37 -17.47
CA LEU H 30 32.46 8.55 -17.58
C LEU H 30 32.78 7.18 -16.98
N TYR H 31 32.26 6.90 -15.78
CA TYR H 31 32.20 5.54 -15.26
C TYR H 31 30.75 5.16 -15.01
N SER H 32 30.35 4.03 -15.60
CA SER H 32 29.05 3.42 -15.36
C SER H 32 29.12 1.98 -15.84
N ARG H 33 28.09 1.21 -15.52
CA ARG H 33 27.97 -0.16 -16.01
C ARG H 33 27.32 -0.06 -17.38
N GLY H 34 28.15 0.13 -18.42
CA GLY H 34 27.66 0.34 -19.76
C GLY H 34 28.32 -0.60 -20.74
N VAL H 35 27.80 -0.57 -21.97
CA VAL H 35 28.26 -1.42 -23.05
C VAL H 35 28.76 -0.52 -24.18
N CYS H 36 29.98 -0.77 -24.64
CA CYS H 36 30.57 0.03 -25.70
C CYS H 36 30.62 -0.73 -27.01
N GLU H 51 28.82 -6.80 -23.57
CA GLU H 51 30.25 -6.57 -23.43
C GLU H 51 30.52 -5.27 -22.69
N GLU H 52 30.83 -5.37 -21.40
CA GLU H 52 31.09 -4.20 -20.57
C GLU H 52 32.58 -3.90 -20.58
N VAL H 53 32.95 -2.74 -21.11
CA VAL H 53 34.35 -2.33 -21.20
C VAL H 53 34.39 -0.82 -20.92
N MET H 54 35.61 -0.29 -20.79
CA MET H 54 35.81 1.07 -20.31
C MET H 54 35.32 2.07 -21.36
N THR H 55 34.46 3.01 -20.96
CA THR H 55 33.93 4.03 -21.85
C THR H 55 34.23 5.41 -21.30
N HIS H 56 34.24 6.42 -22.18
CA HIS H 56 34.46 7.78 -21.72
C HIS H 56 33.71 8.75 -22.61
N SER H 57 33.09 9.75 -21.98
CA SER H 57 32.46 10.84 -22.70
C SER H 57 33.46 12.00 -22.83
N GLY H 58 33.02 13.11 -23.41
CA GLY H 58 33.91 14.24 -23.59
C GLY H 58 33.13 15.48 -23.98
N LEU H 59 33.88 16.51 -24.36
CA LEU H 59 33.24 17.78 -24.71
C LEU H 59 32.71 17.75 -26.14
N TRP H 60 33.49 17.21 -27.08
CA TRP H 60 33.03 17.13 -28.47
C TRP H 60 33.08 15.71 -29.03
N ARG H 61 33.51 14.73 -28.26
CA ARG H 61 33.63 13.37 -28.78
C ARG H 61 33.63 12.38 -27.62
N THR H 62 33.26 11.13 -27.94
CA THR H 62 33.22 10.03 -26.98
C THR H 62 34.17 8.93 -27.43
N CYS H 63 34.89 8.35 -26.48
CA CYS H 63 35.96 7.42 -26.82
C CYS H 63 36.01 6.28 -25.80
N CYS H 64 36.23 5.06 -26.30
CA CYS H 64 36.47 3.90 -25.46
C CYS H 64 37.94 3.53 -25.57
N LEU H 65 38.63 3.51 -24.43
CA LEU H 65 40.08 3.36 -24.44
C LEU H 65 40.50 1.95 -24.87
N GLU H 66 39.78 0.93 -24.43
CA GLU H 66 40.13 -0.45 -24.73
C GLU H 66 38.87 -1.22 -25.08
N GLY H 67 39.07 -2.46 -25.55
CA GLY H 67 37.97 -3.32 -25.90
C GLY H 67 37.86 -3.59 -27.39
N ASN H 68 36.71 -3.27 -27.97
CA ASN H 68 36.48 -3.39 -29.41
C ASN H 68 36.66 -2.07 -30.14
N PHE H 69 37.16 -1.04 -29.45
CA PHE H 69 37.26 0.31 -30.01
C PHE H 69 38.64 0.87 -29.68
N LYS H 70 39.66 0.01 -29.77
CA LYS H 70 41.02 0.43 -29.46
C LYS H 70 41.60 1.28 -30.59
N GLY H 71 42.33 2.33 -30.21
CA GLY H 71 42.99 3.18 -31.18
C GLY H 71 42.10 4.20 -31.86
N LEU H 72 40.82 4.29 -31.47
CA LEU H 72 39.89 5.23 -32.06
C LEU H 72 39.27 6.08 -30.97
N CYS H 73 38.76 7.25 -31.38
CA CYS H 73 38.21 8.24 -30.45
C CYS H 73 37.14 9.01 -31.22
N LYS H 74 35.89 8.54 -31.11
CA LYS H 74 34.88 8.86 -32.12
C LYS H 74 34.20 10.19 -31.84
N GLN H 75 34.11 11.03 -32.88
CA GLN H 75 33.35 12.27 -32.80
C GLN H 75 31.86 11.94 -32.66
N ILE H 76 31.31 12.18 -31.46
CA ILE H 76 29.94 11.80 -31.19
C ILE H 76 28.98 12.87 -31.71
N ASP H 77 27.75 12.45 -31.97
CA ASP H 77 26.67 13.35 -32.37
C ASP H 77 25.74 13.57 -31.17
N HIS H 78 24.69 14.37 -31.42
CA HIS H 78 23.65 14.73 -30.45
C HIS H 78 24.18 15.07 -29.04
N THR H 89 9.00 22.93 -26.13
CA THR H 89 9.82 24.12 -26.04
C THR H 89 10.89 23.97 -24.96
N ALA H 90 10.45 23.84 -23.71
CA ALA H 90 11.38 23.65 -22.60
C ALA H 90 12.09 22.30 -22.70
N GLU H 91 11.35 21.26 -23.08
CA GLU H 91 11.96 19.93 -23.22
C GLU H 91 13.02 19.92 -24.31
N TYR H 92 12.71 20.55 -25.46
CA TYR H 92 13.69 20.63 -26.54
C TYR H 92 14.93 21.41 -26.10
N PHE H 93 14.73 22.51 -25.37
CA PHE H 93 15.86 23.31 -24.91
C PHE H 93 16.74 22.54 -23.95
N LEU H 94 16.12 21.84 -22.98
CA LEU H 94 16.92 21.09 -22.02
C LEU H 94 17.63 19.91 -22.68
N ARG H 95 16.97 19.26 -23.64
CA ARG H 95 17.62 18.17 -24.37
C ARG H 95 18.81 18.67 -25.16
N ALA H 96 18.67 19.83 -25.83
CA ALA H 96 19.77 20.40 -26.59
C ALA H 96 20.93 20.78 -25.68
N VAL H 97 20.64 21.39 -24.52
CA VAL H 97 21.70 21.78 -23.59
C VAL H 97 22.40 20.54 -23.02
N ARG H 98 21.64 19.49 -22.73
CA ARG H 98 22.23 18.30 -22.13
C ARG H 98 23.00 17.46 -23.14
N ALA H 99 22.59 17.46 -24.41
CA ALA H 99 23.22 16.60 -25.41
C ALA H 99 24.35 17.32 -26.15
N SER H 100 24.05 18.48 -26.76
CA SER H 100 25.07 19.19 -27.53
C SER H 100 26.14 19.81 -26.64
N SER H 101 25.83 20.02 -25.35
CA SER H 101 26.76 20.58 -24.37
C SER H 101 27.28 21.95 -24.77
N ILE H 102 26.45 22.73 -25.49
CA ILE H 102 26.85 24.07 -25.89
C ILE H 102 26.90 24.99 -24.68
N PHE H 103 25.91 24.92 -23.81
CA PHE H 103 25.92 25.74 -22.60
C PHE H 103 27.08 25.43 -21.66
N PRO H 104 27.49 24.18 -21.42
CA PRO H 104 28.76 23.98 -20.68
C PRO H 104 29.97 24.60 -21.37
N ILE H 105 30.01 24.59 -22.71
CA ILE H 105 31.09 25.26 -23.43
C ILE H 105 31.09 26.75 -23.13
N LEU H 106 29.91 27.37 -23.21
CA LEU H 106 29.80 28.79 -22.89
C LEU H 106 30.12 29.06 -21.43
N SER H 107 29.80 28.12 -20.54
CA SER H 107 30.08 28.31 -19.12
C SER H 107 31.58 28.27 -18.84
N VAL H 108 32.30 27.32 -19.44
CA VAL H 108 33.75 27.28 -19.21
C VAL H 108 34.45 28.43 -19.91
N ILE H 109 33.93 28.89 -21.05
CA ILE H 109 34.50 30.06 -21.69
C ILE H 109 34.23 31.31 -20.85
N LEU H 110 33.06 31.39 -20.23
CA LEU H 110 32.78 32.48 -19.30
C LEU H 110 33.67 32.40 -18.06
N LEU H 111 34.02 31.18 -17.62
CA LEU H 111 35.05 31.03 -16.59
C LEU H 111 36.39 31.57 -17.07
N PHE H 112 36.71 31.38 -18.35
CA PHE H 112 37.95 31.91 -18.90
C PHE H 112 37.95 33.44 -18.86
N MET H 113 36.85 34.08 -19.28
CA MET H 113 36.79 35.54 -19.14
C MET H 113 36.79 35.98 -17.68
N GLY H 114 36.18 35.20 -16.78
CA GLY H 114 36.23 35.54 -15.38
C GLY H 114 37.65 35.50 -14.84
N GLY H 115 38.43 34.49 -15.22
CA GLY H 115 39.82 34.45 -14.82
C GLY H 115 40.64 35.58 -15.43
N LEU H 116 40.36 35.93 -16.68
CA LEU H 116 41.06 37.05 -17.31
C LEU H 116 40.74 38.37 -16.63
N CYS H 117 39.48 38.58 -16.25
CA CYS H 117 39.13 39.82 -15.57
C CYS H 117 39.60 39.85 -14.12
N ILE H 118 39.75 38.69 -13.48
CA ILE H 118 40.43 38.64 -12.18
C ILE H 118 41.91 38.98 -12.33
N ALA H 119 42.52 38.54 -13.44
CA ALA H 119 43.91 38.95 -13.72
C ALA H 119 43.99 40.46 -13.93
N ALA H 120 43.01 41.03 -14.62
CA ALA H 120 42.95 42.49 -14.76
C ALA H 120 42.75 43.16 -13.39
N SER H 121 41.96 42.53 -12.51
CA SER H 121 41.73 43.06 -11.18
C SER H 121 43.01 43.08 -10.35
N GLU H 122 43.79 42.00 -10.41
CA GLU H 122 45.06 41.99 -9.70
C GLU H 122 46.10 42.85 -10.41
N PHE H 123 45.87 43.19 -11.67
CA PHE H 123 46.68 44.19 -12.35
C PHE H 123 46.23 45.61 -12.07
N TYR H 124 44.94 45.83 -11.84
CA TYR H 124 44.38 47.14 -11.52
C TYR H 124 43.86 47.09 -10.09
N LYS H 125 44.74 47.38 -9.13
CA LYS H 125 44.41 47.24 -7.71
C LYS H 125 43.58 48.40 -7.17
N THR H 126 43.45 49.50 -7.92
CA THR H 126 42.66 50.64 -7.50
C THR H 126 41.27 50.65 -8.13
N ARG H 127 40.68 49.47 -8.32
CA ARG H 127 39.42 49.30 -9.05
C ARG H 127 38.35 48.92 -8.03
N HIS H 128 37.61 49.93 -7.57
CA HIS H 128 36.72 49.73 -6.42
C HIS H 128 35.50 48.88 -6.77
N ASN H 129 34.84 49.19 -7.88
CA ASN H 129 33.56 48.57 -8.20
C ASN H 129 33.66 47.43 -9.22
N ILE H 130 34.55 47.57 -10.20
CA ILE H 130 34.64 46.58 -11.27
C ILE H 130 35.26 45.28 -10.76
N ILE H 131 36.06 45.32 -9.69
CA ILE H 131 36.51 44.09 -9.05
C ILE H 131 35.33 43.32 -8.46
N LEU H 132 34.41 44.03 -7.80
CA LEU H 132 33.20 43.40 -7.29
C LEU H 132 32.35 42.88 -8.44
N SER H 133 32.28 43.63 -9.55
CA SER H 133 31.55 43.15 -10.72
C SER H 133 32.18 41.89 -11.29
N ALA H 134 33.52 41.80 -11.26
CA ALA H 134 34.21 40.60 -11.69
C ALA H 134 33.86 39.42 -10.78
N GLY H 135 33.75 39.67 -9.48
CA GLY H 135 33.30 38.63 -8.56
C GLY H 135 31.90 38.15 -8.87
N ILE H 136 30.99 39.09 -9.19
CA ILE H 136 29.63 38.72 -9.54
C ILE H 136 29.60 37.90 -10.83
N PHE H 137 30.39 38.30 -11.83
CA PHE H 137 30.46 37.53 -13.07
C PHE H 137 31.02 36.13 -12.83
N PHE H 138 32.03 36.02 -11.95
CA PHE H 138 32.59 34.71 -11.67
C PHE H 138 31.60 33.81 -10.95
N VAL H 139 30.87 34.34 -9.97
CA VAL H 139 29.90 33.47 -9.28
C VAL H 139 28.72 33.17 -10.19
N SER H 140 28.39 34.07 -11.13
CA SER H 140 27.38 33.76 -12.13
C SER H 140 27.82 32.62 -13.04
N ALA H 141 29.10 32.63 -13.44
CA ALA H 141 29.64 31.53 -14.21
C ALA H 141 29.63 30.23 -13.40
N GLY H 142 29.90 30.34 -12.09
CA GLY H 142 29.85 29.16 -11.24
C GLY H 142 28.46 28.55 -11.14
N LEU H 143 27.45 29.40 -10.94
CA LEU H 143 26.08 28.90 -10.88
C LEU H 143 25.59 28.40 -12.24
N SER H 144 26.09 28.99 -13.33
CA SER H 144 25.80 28.45 -14.66
C SER H 144 26.40 27.06 -14.82
N ASN H 145 27.63 26.86 -14.33
CA ASN H 145 28.22 25.53 -14.36
C ASN H 145 27.45 24.56 -13.47
N ILE H 146 26.92 25.04 -12.35
CA ILE H 146 26.09 24.19 -11.48
C ILE H 146 24.85 23.72 -12.21
N ILE H 147 24.14 24.66 -12.86
CA ILE H 147 22.92 24.30 -13.59
C ILE H 147 23.26 23.38 -14.75
N GLY H 148 24.41 23.58 -15.39
CA GLY H 148 24.80 22.70 -16.48
C GLY H 148 25.12 21.29 -16.04
N ILE H 149 25.87 21.14 -14.94
CA ILE H 149 26.21 19.80 -14.49
C ILE H 149 24.97 19.09 -13.94
N ILE H 150 24.04 19.82 -13.33
CA ILE H 150 22.87 19.11 -12.82
C ILE H 150 21.90 18.75 -13.94
N VAL H 151 21.78 19.56 -15.00
CA VAL H 151 20.96 19.10 -16.11
C VAL H 151 21.67 17.96 -16.86
N TYR H 152 23.00 17.94 -16.86
CA TYR H 152 23.73 16.83 -17.47
C TYR H 152 23.47 15.52 -16.72
N ILE H 153 23.53 15.57 -15.38
CA ILE H 153 23.27 14.33 -14.64
C ILE H 153 21.77 14.00 -14.61
N SER H 154 20.89 14.99 -14.80
CA SER H 154 19.47 14.68 -14.97
C SER H 154 19.24 13.93 -16.28
N ALA H 155 19.91 14.35 -17.36
CA ALA H 155 19.82 13.60 -18.62
C ALA H 155 20.46 12.23 -18.51
N ASN H 156 21.54 12.12 -17.72
CA ASN H 156 22.14 10.81 -17.47
C ASN H 156 21.17 9.89 -16.74
N ALA H 157 20.45 10.42 -15.75
CA ALA H 157 19.44 9.64 -15.06
C ALA H 157 18.19 9.43 -15.90
N GLY H 158 18.00 10.23 -16.95
CA GLY H 158 16.84 10.08 -17.81
C GLY H 158 16.98 9.01 -18.88
N ASP H 159 18.17 8.43 -19.04
CA ASP H 159 18.34 7.35 -20.01
C ASP H 159 17.51 6.11 -19.69
N PRO H 160 17.46 5.60 -18.46
CA PRO H 160 16.51 4.51 -18.19
C PRO H 160 15.14 5.02 -17.77
N SER H 161 14.12 4.25 -18.14
CA SER H 161 12.75 4.61 -17.81
C SER H 161 11.86 3.36 -17.77
N TYR H 170 28.00 7.43 -14.92
CA TYR H 170 27.22 8.52 -14.36
C TYR H 170 27.78 8.96 -13.01
N SER H 171 28.59 8.10 -12.40
CA SER H 171 29.21 8.41 -11.12
C SER H 171 30.39 9.38 -11.33
N TYR H 172 31.03 9.76 -10.23
CA TYR H 172 32.20 10.63 -10.31
C TYR H 172 33.34 9.84 -10.93
N GLY H 173 33.94 10.38 -11.99
CA GLY H 173 34.96 9.65 -12.71
C GLY H 173 36.38 10.04 -12.37
N TRP H 174 36.59 10.57 -11.16
CA TRP H 174 37.84 11.20 -10.71
C TRP H 174 38.27 12.37 -11.57
N SER H 175 37.47 12.79 -12.56
CA SER H 175 37.68 14.03 -13.29
C SER H 175 36.37 14.79 -13.31
N PHE H 176 35.24 14.07 -13.28
CA PHE H 176 34.02 14.69 -12.78
C PHE H 176 34.19 15.06 -11.31
N TYR H 177 35.04 14.31 -10.59
CA TYR H 177 35.48 14.76 -9.29
C TYR H 177 36.34 16.02 -9.39
N PHE H 178 37.12 16.17 -10.47
CA PHE H 178 37.77 17.47 -10.69
C PHE H 178 36.75 18.57 -10.98
N GLY H 179 35.63 18.24 -11.62
CA GLY H 179 34.57 19.24 -11.76
C GLY H 179 33.94 19.62 -10.43
N ALA H 180 33.75 18.62 -9.56
CA ALA H 180 33.29 18.90 -8.20
C ALA H 180 34.30 19.76 -7.45
N LEU H 181 35.60 19.46 -7.60
CA LEU H 181 36.64 20.29 -7.01
C LEU H 181 36.69 21.67 -7.64
N SER H 182 36.29 21.79 -8.91
CA SER H 182 36.16 23.10 -9.54
C SER H 182 35.07 23.91 -8.85
N PHE H 183 33.94 23.26 -8.55
CA PHE H 183 32.90 23.94 -7.78
C PHE H 183 33.41 24.33 -6.39
N ILE H 184 34.13 23.42 -5.73
CA ILE H 184 34.63 23.68 -4.38
C ILE H 184 35.63 24.83 -4.39
N ILE H 185 36.55 24.84 -5.35
CA ILE H 185 37.54 25.91 -5.41
C ILE H 185 36.88 27.23 -5.84
N ALA H 186 35.82 27.17 -6.65
CA ALA H 186 35.07 28.38 -6.96
C ALA H 186 34.40 28.95 -5.71
N GLU H 187 33.79 28.08 -4.90
CA GLU H 187 33.18 28.53 -3.65
C GLU H 187 34.24 29.05 -2.69
N MET H 188 35.41 28.41 -2.65
CA MET H 188 36.47 28.84 -1.74
C MET H 188 37.04 30.20 -2.16
N VAL H 189 37.31 30.38 -3.46
CA VAL H 189 37.81 31.68 -3.90
C VAL H 189 36.73 32.74 -3.74
N GLY H 190 35.45 32.37 -3.89
CA GLY H 190 34.39 33.31 -3.64
C GLY H 190 34.27 33.73 -2.18
N VAL H 191 34.42 32.77 -1.26
CA VAL H 191 34.28 33.12 0.16
C VAL H 191 35.49 33.90 0.64
N LEU H 192 36.70 33.59 0.14
CA LEU H 192 37.83 34.43 0.52
C LEU H 192 37.76 35.80 -0.16
N ALA H 193 37.16 35.87 -1.35
CA ALA H 193 36.96 37.17 -1.99
C ALA H 193 35.99 38.02 -1.19
N VAL H 194 34.83 37.44 -0.80
CA VAL H 194 33.87 38.21 -0.04
C VAL H 194 34.40 38.49 1.37
N HIS H 195 35.37 37.69 1.85
CA HIS H 195 36.08 38.05 3.06
C HIS H 195 36.94 39.29 2.85
N MET H 196 37.59 39.42 1.68
CA MET H 196 38.42 40.60 1.47
C MET H 196 37.62 41.83 1.00
N PHE H 197 36.38 41.65 0.50
CA PHE H 197 35.50 42.83 0.41
C PHE H 197 35.01 43.27 1.77
N ILE H 198 34.88 42.33 2.72
CA ILE H 198 34.66 42.72 4.11
C ILE H 198 35.87 43.49 4.63
N ASP H 199 37.07 43.04 4.26
CA ASP H 199 38.28 43.83 4.53
C ASP H 199 38.29 45.13 3.73
N ARG H 200 37.70 45.12 2.53
CA ARG H 200 37.58 46.35 1.76
C ARG H 200 36.63 47.34 2.43
N HIS H 201 35.64 46.84 3.17
CA HIS H 201 34.74 47.73 3.92
C HIS H 201 35.51 48.53 4.96
N LYS H 202 36.46 47.89 5.66
CA LYS H 202 37.35 48.63 6.53
C LYS H 202 38.33 49.49 5.75
N GLN H 203 38.77 49.00 4.59
CA GLN H 203 39.69 49.77 3.75
C GLN H 203 38.99 50.97 3.13
N LEU H 204 37.74 50.80 2.69
CA LEU H 204 36.98 51.89 2.10
C LEU H 204 35.96 52.45 3.09
#